data_7R4W
# 
_entry.id   7R4W 
# 
_audit_conform.dict_name       mmcif_pdbx.dic 
_audit_conform.dict_version    5.376 
_audit_conform.dict_location   http://mmcif.pdb.org/dictionaries/ascii/mmcif_pdbx.dic 
# 
loop_
_database_2.database_id 
_database_2.database_code 
_database_2.pdbx_database_accession 
_database_2.pdbx_DOI 
PDB   7R4W         pdb_00007r4w 10.2210/pdb7r4w/pdb 
WWPDB D_1292120898 ?            ?                   
# 
_pdbx_database_status.status_code                     REL 
_pdbx_database_status.status_code_sf                  REL 
_pdbx_database_status.status_code_mr                  ? 
_pdbx_database_status.entry_id                        7R4W 
_pdbx_database_status.recvd_initial_deposition_date   2022-02-09 
_pdbx_database_status.SG_entry                        N 
_pdbx_database_status.deposit_site                    PDBE 
_pdbx_database_status.process_site                    PDBE 
_pdbx_database_status.status_code_cs                  ? 
_pdbx_database_status.status_code_nmr_data            ? 
_pdbx_database_status.methods_development_category    ? 
_pdbx_database_status.pdb_format_compatible           Y 
# 
loop_
_audit_author.name 
_audit_author.pdbx_ordinal 
_audit_author.identifier_ORCID 
'Hakansson, M.'     1 0000-0002-7264-6316 
'Svensson, L.A.'    2 ?                   
'Werbowy, O.'       3 ?                   
'Al-Karadaghi, S.'  4 ?                   
'Kaczorowski, T.'   5 ?                   
'Kaczorowska, A.K.' 6 ?                   
'Dorawa, S.'        7 ?                   
# 
_citation.abstract                  ? 
_citation.abstract_id_CAS           ? 
_citation.book_id_ISBN              ? 
_citation.book_publisher            ? 
_citation.book_publisher_city       ? 
_citation.book_title                ? 
_citation.coordinate_linkage        ? 
_citation.country                   ? 
_citation.database_id_Medline       ? 
_citation.details                   ? 
_citation.id                        primary 
_citation.journal_abbrev            'To Be Published' 
_citation.journal_id_ASTM           ? 
_citation.journal_id_CSD            0353 
_citation.journal_id_ISSN           ? 
_citation.journal_full              ? 
_citation.journal_issue             ? 
_citation.journal_volume            ? 
_citation.language                  ? 
_citation.page_first                ? 
_citation.page_last                 ? 
_citation.title                     
'Molecular characterization of a single stranded DNA binding protein from Fervidobacterium gondwanense' 
_citation.year                      ? 
_citation.database_id_CSD           ? 
_citation.pdbx_database_id_DOI      ? 
_citation.pdbx_database_id_PubMed   ? 
_citation.pdbx_database_id_patent   ? 
_citation.unpublished_flag          ? 
# 
loop_
_citation_author.citation_id 
_citation_author.name 
_citation_author.ordinal 
_citation_author.identifier_ORCID 
primary 'Werbowy, O.'       1 ? 
primary 'Hakansson, M.'     2 ? 
primary 'Svensson, L.A.'    3 ? 
primary 'Al-Karadaghi, S.'  4 ? 
primary 'Kaczorowski, T.'   5 ? 
primary 'Kaczarowska, A.K.' 6 ? 
primary 'Dorawa, S.'        7 ? 
# 
_cell.angle_alpha                  90.000 
_cell.angle_alpha_esd              ? 
_cell.angle_beta                   90.000 
_cell.angle_beta_esd               ? 
_cell.angle_gamma                  90.000 
_cell.angle_gamma_esd              ? 
_cell.entry_id                     7R4W 
_cell.details                      ? 
_cell.formula_units_Z              ? 
_cell.length_a                     62.390 
_cell.length_a_esd                 ? 
_cell.length_b                     62.390 
_cell.length_b_esd                 ? 
_cell.length_c                     172.380 
_cell.length_c_esd                 ? 
_cell.volume                       ? 
_cell.volume_esd                   ? 
_cell.Z_PDB                        16 
_cell.reciprocal_angle_alpha       ? 
_cell.reciprocal_angle_beta        ? 
_cell.reciprocal_angle_gamma       ? 
_cell.reciprocal_angle_alpha_esd   ? 
_cell.reciprocal_angle_beta_esd    ? 
_cell.reciprocal_angle_gamma_esd   ? 
_cell.reciprocal_length_a          ? 
_cell.reciprocal_length_b          ? 
_cell.reciprocal_length_c          ? 
_cell.reciprocal_length_a_esd      ? 
_cell.reciprocal_length_b_esd      ? 
_cell.reciprocal_length_c_esd      ? 
_cell.pdbx_unique_axis             ? 
# 
_symmetry.entry_id                         7R4W 
_symmetry.cell_setting                     ? 
_symmetry.Int_Tables_number                98 
_symmetry.space_group_name_Hall            ? 
_symmetry.space_group_name_H-M             'I 41 2 2' 
_symmetry.pdbx_full_space_group_name_H-M   ? 
# 
loop_
_entity.id 
_entity.type 
_entity.src_method 
_entity.pdbx_description 
_entity.formula_weight 
_entity.pdbx_number_of_molecules 
_entity.pdbx_ec 
_entity.pdbx_mutation 
_entity.pdbx_fragment 
_entity.details 
1 polymer     man 'Single-stranded DNA-binding protein' 16786.684 1 ? ? ? ? 
2 non-polymer syn 'ACETIC ACID'                         60.052    2 ? ? ? ? 
3 non-polymer syn 'PHOSPHATE ION'                       94.971    1 ? ? ? ? 
4 water       nat water                                 18.015    9 ? ? ? ? 
# 
_entity_name_com.entity_id   1 
_entity_name_com.name        SSB 
# 
_entity_poly.entity_id                      1 
_entity_poly.type                           'polypeptide(L)' 
_entity_poly.nstd_linkage                   no 
_entity_poly.nstd_monomer                   no 
_entity_poly.pdbx_seq_one_letter_code       
;MSYNKVVLVGRLTRDPETRQTLDGNLITTFTLAVNRGNNGDDVDFIRIVAFRKLAELAHNYLQKGRMVLVDGKLRINKWK
TNDGQPRSTVEIWADNIVFVDSKKGDREIPDEIPYEEVFGQDVETDEDIPNDDEPPFRSHHHHHH
;
_entity_poly.pdbx_seq_one_letter_code_can   
;MSYNKVVLVGRLTRDPETRQTLDGNLITTFTLAVNRGNNGDDVDFIRIVAFRKLAELAHNYLQKGRMVLVDGKLRINKWK
TNDGQPRSTVEIWADNIVFVDSKKGDREIPDEIPYEEVFGQDVETDEDIPNDDEPPFRSHHHHHH
;
_entity_poly.pdbx_strand_id                 A 
_entity_poly.pdbx_target_identifier         ? 
# 
loop_
_entity_poly_seq.entity_id 
_entity_poly_seq.num 
_entity_poly_seq.mon_id 
_entity_poly_seq.hetero 
1 1   MET n 
1 2   SER n 
1 3   TYR n 
1 4   ASN n 
1 5   LYS n 
1 6   VAL n 
1 7   VAL n 
1 8   LEU n 
1 9   VAL n 
1 10  GLY n 
1 11  ARG n 
1 12  LEU n 
1 13  THR n 
1 14  ARG n 
1 15  ASP n 
1 16  PRO n 
1 17  GLU n 
1 18  THR n 
1 19  ARG n 
1 20  GLN n 
1 21  THR n 
1 22  LEU n 
1 23  ASP n 
1 24  GLY n 
1 25  ASN n 
1 26  LEU n 
1 27  ILE n 
1 28  THR n 
1 29  THR n 
1 30  PHE n 
1 31  THR n 
1 32  LEU n 
1 33  ALA n 
1 34  VAL n 
1 35  ASN n 
1 36  ARG n 
1 37  GLY n 
1 38  ASN n 
1 39  ASN n 
1 40  GLY n 
1 41  ASP n 
1 42  ASP n 
1 43  VAL n 
1 44  ASP n 
1 45  PHE n 
1 46  ILE n 
1 47  ARG n 
1 48  ILE n 
1 49  VAL n 
1 50  ALA n 
1 51  PHE n 
1 52  ARG n 
1 53  LYS n 
1 54  LEU n 
1 55  ALA n 
1 56  GLU n 
1 57  LEU n 
1 58  ALA n 
1 59  HIS n 
1 60  ASN n 
1 61  TYR n 
1 62  LEU n 
1 63  GLN n 
1 64  LYS n 
1 65  GLY n 
1 66  ARG n 
1 67  MET n 
1 68  VAL n 
1 69  LEU n 
1 70  VAL n 
1 71  ASP n 
1 72  GLY n 
1 73  LYS n 
1 74  LEU n 
1 75  ARG n 
1 76  ILE n 
1 77  ASN n 
1 78  LYS n 
1 79  TRP n 
1 80  LYS n 
1 81  THR n 
1 82  ASN n 
1 83  ASP n 
1 84  GLY n 
1 85  GLN n 
1 86  PRO n 
1 87  ARG n 
1 88  SER n 
1 89  THR n 
1 90  VAL n 
1 91  GLU n 
1 92  ILE n 
1 93  TRP n 
1 94  ALA n 
1 95  ASP n 
1 96  ASN n 
1 97  ILE n 
1 98  VAL n 
1 99  PHE n 
1 100 VAL n 
1 101 ASP n 
1 102 SER n 
1 103 LYS n 
1 104 LYS n 
1 105 GLY n 
1 106 ASP n 
1 107 ARG n 
1 108 GLU n 
1 109 ILE n 
1 110 PRO n 
1 111 ASP n 
1 112 GLU n 
1 113 ILE n 
1 114 PRO n 
1 115 TYR n 
1 116 GLU n 
1 117 GLU n 
1 118 VAL n 
1 119 PHE n 
1 120 GLY n 
1 121 GLN n 
1 122 ASP n 
1 123 VAL n 
1 124 GLU n 
1 125 THR n 
1 126 ASP n 
1 127 GLU n 
1 128 ASP n 
1 129 ILE n 
1 130 PRO n 
1 131 ASN n 
1 132 ASP n 
1 133 ASP n 
1 134 GLU n 
1 135 PRO n 
1 136 PRO n 
1 137 PHE n 
1 138 ARG n 
1 139 SER n 
1 140 HIS n 
1 141 HIS n 
1 142 HIS n 
1 143 HIS n 
1 144 HIS n 
1 145 HIS n 
# 
_entity_src_gen.entity_id                          1 
_entity_src_gen.pdbx_src_id                        1 
_entity_src_gen.pdbx_alt_source_flag               sample 
_entity_src_gen.pdbx_seq_type                      'Biological sequence' 
_entity_src_gen.pdbx_beg_seq_num                   1 
_entity_src_gen.pdbx_end_seq_num                   145 
_entity_src_gen.gene_src_common_name               ? 
_entity_src_gen.gene_src_genus                     ? 
_entity_src_gen.pdbx_gene_src_gene                 SAMN02745226_00543 
_entity_src_gen.gene_src_species                   ? 
_entity_src_gen.gene_src_strain                    ? 
_entity_src_gen.gene_src_tissue                    ? 
_entity_src_gen.gene_src_tissue_fraction           ? 
_entity_src_gen.gene_src_details                   ? 
_entity_src_gen.pdbx_gene_src_fragment             ? 
_entity_src_gen.pdbx_gene_src_scientific_name      'Fervidobacterium gondwanense' 
_entity_src_gen.pdbx_gene_src_ncbi_taxonomy_id     44754 
_entity_src_gen.pdbx_gene_src_variant              ? 
_entity_src_gen.pdbx_gene_src_cell_line            ? 
_entity_src_gen.pdbx_gene_src_atcc                 ? 
_entity_src_gen.pdbx_gene_src_organ                ? 
_entity_src_gen.pdbx_gene_src_organelle            ? 
_entity_src_gen.pdbx_gene_src_cell                 ? 
_entity_src_gen.pdbx_gene_src_cellular_location    ? 
_entity_src_gen.host_org_common_name               ? 
_entity_src_gen.pdbx_host_org_scientific_name      'Escherichia coli BL21(DE3)' 
_entity_src_gen.pdbx_host_org_ncbi_taxonomy_id     469008 
_entity_src_gen.host_org_genus                     ? 
_entity_src_gen.pdbx_host_org_gene                 ? 
_entity_src_gen.pdbx_host_org_organ                ? 
_entity_src_gen.host_org_species                   ? 
_entity_src_gen.pdbx_host_org_tissue               ? 
_entity_src_gen.pdbx_host_org_tissue_fraction      ? 
_entity_src_gen.pdbx_host_org_strain               ? 
_entity_src_gen.pdbx_host_org_variant              ? 
_entity_src_gen.pdbx_host_org_cell_line            ? 
_entity_src_gen.pdbx_host_org_atcc                 ? 
_entity_src_gen.pdbx_host_org_culture_collection   ? 
_entity_src_gen.pdbx_host_org_cell                 ? 
_entity_src_gen.pdbx_host_org_organelle            ? 
_entity_src_gen.pdbx_host_org_cellular_location    ? 
_entity_src_gen.pdbx_host_org_vector_type          ? 
_entity_src_gen.pdbx_host_org_vector               ? 
_entity_src_gen.host_org_details                   ? 
_entity_src_gen.expression_system_id               ? 
_entity_src_gen.plasmid_name                       ? 
_entity_src_gen.plasmid_details                    ? 
_entity_src_gen.pdbx_description                   ? 
# 
_struct_ref.id                         1 
_struct_ref.db_name                    UNP 
_struct_ref.db_code                    A0A1M7S684_FERGO 
_struct_ref.pdbx_db_accession          A0A1M7S684 
_struct_ref.pdbx_db_isoform            ? 
_struct_ref.entity_id                  1 
_struct_ref.pdbx_seq_one_letter_code   
;MSYNKVVLVGRLTRDPETRQTLDGNLITTFTLAVNRGNNGDDVDFIRIVAFRKLAELAHNYLQKGRMVLVDGKLRINKWK
TNDGQPRSTVEIWADNIVFVDSKKGDREIPDEIPYEEVFGQDVETDEDIPNDDEPPF
;
_struct_ref.pdbx_align_begin           1 
# 
_struct_ref_seq.align_id                      1 
_struct_ref_seq.ref_id                        1 
_struct_ref_seq.pdbx_PDB_id_code              7R4W 
_struct_ref_seq.pdbx_strand_id                A 
_struct_ref_seq.seq_align_beg                 1 
_struct_ref_seq.pdbx_seq_align_beg_ins_code   ? 
_struct_ref_seq.seq_align_end                 137 
_struct_ref_seq.pdbx_seq_align_end_ins_code   ? 
_struct_ref_seq.pdbx_db_accession             A0A1M7S684 
_struct_ref_seq.db_align_beg                  1 
_struct_ref_seq.pdbx_db_align_beg_ins_code    ? 
_struct_ref_seq.db_align_end                  137 
_struct_ref_seq.pdbx_db_align_end_ins_code    ? 
_struct_ref_seq.pdbx_auth_seq_align_beg       0 
_struct_ref_seq.pdbx_auth_seq_align_end       136 
# 
loop_
_struct_ref_seq_dif.align_id 
_struct_ref_seq_dif.pdbx_pdb_id_code 
_struct_ref_seq_dif.mon_id 
_struct_ref_seq_dif.pdbx_pdb_strand_id 
_struct_ref_seq_dif.seq_num 
_struct_ref_seq_dif.pdbx_pdb_ins_code 
_struct_ref_seq_dif.pdbx_seq_db_name 
_struct_ref_seq_dif.pdbx_seq_db_accession_code 
_struct_ref_seq_dif.db_mon_id 
_struct_ref_seq_dif.pdbx_seq_db_seq_num 
_struct_ref_seq_dif.details 
_struct_ref_seq_dif.pdbx_auth_seq_num 
_struct_ref_seq_dif.pdbx_ordinal 
1 7R4W ARG A 138 ? UNP A0A1M7S684 ? ? 'expression tag' 137 1 
1 7R4W SER A 139 ? UNP A0A1M7S684 ? ? 'expression tag' 138 2 
1 7R4W HIS A 140 ? UNP A0A1M7S684 ? ? 'expression tag' 139 3 
1 7R4W HIS A 141 ? UNP A0A1M7S684 ? ? 'expression tag' 140 4 
1 7R4W HIS A 142 ? UNP A0A1M7S684 ? ? 'expression tag' 141 5 
1 7R4W HIS A 143 ? UNP A0A1M7S684 ? ? 'expression tag' 142 6 
1 7R4W HIS A 144 ? UNP A0A1M7S684 ? ? 'expression tag' 143 7 
1 7R4W HIS A 145 ? UNP A0A1M7S684 ? ? 'expression tag' 144 8 
# 
loop_
_chem_comp.id 
_chem_comp.type 
_chem_comp.mon_nstd_flag 
_chem_comp.name 
_chem_comp.pdbx_synonyms 
_chem_comp.formula 
_chem_comp.formula_weight 
ACY non-polymer         . 'ACETIC ACID'   ? 'C2 H4 O2'       60.052  
ALA 'L-peptide linking' y ALANINE         ? 'C3 H7 N O2'     89.093  
ARG 'L-peptide linking' y ARGININE        ? 'C6 H15 N4 O2 1' 175.209 
ASN 'L-peptide linking' y ASPARAGINE      ? 'C4 H8 N2 O3'    132.118 
ASP 'L-peptide linking' y 'ASPARTIC ACID' ? 'C4 H7 N O4'     133.103 
GLN 'L-peptide linking' y GLUTAMINE       ? 'C5 H10 N2 O3'   146.144 
GLU 'L-peptide linking' y 'GLUTAMIC ACID' ? 'C5 H9 N O4'     147.129 
GLY 'peptide linking'   y GLYCINE         ? 'C2 H5 N O2'     75.067  
HIS 'L-peptide linking' y HISTIDINE       ? 'C6 H10 N3 O2 1' 156.162 
HOH non-polymer         . WATER           ? 'H2 O'           18.015  
ILE 'L-peptide linking' y ISOLEUCINE      ? 'C6 H13 N O2'    131.173 
LEU 'L-peptide linking' y LEUCINE         ? 'C6 H13 N O2'    131.173 
LYS 'L-peptide linking' y LYSINE          ? 'C6 H15 N2 O2 1' 147.195 
MET 'L-peptide linking' y METHIONINE      ? 'C5 H11 N O2 S'  149.211 
PHE 'L-peptide linking' y PHENYLALANINE   ? 'C9 H11 N O2'    165.189 
PO4 non-polymer         . 'PHOSPHATE ION' ? 'O4 P -3'        94.971  
PRO 'L-peptide linking' y PROLINE         ? 'C5 H9 N O2'     115.130 
SER 'L-peptide linking' y SERINE          ? 'C3 H7 N O3'     105.093 
THR 'L-peptide linking' y THREONINE       ? 'C4 H9 N O3'     119.119 
TRP 'L-peptide linking' y TRYPTOPHAN      ? 'C11 H12 N2 O2'  204.225 
TYR 'L-peptide linking' y TYROSINE        ? 'C9 H11 N O3'    181.189 
VAL 'L-peptide linking' y VALINE          ? 'C5 H11 N O2'    117.146 
# 
_exptl.absorpt_coefficient_mu     ? 
_exptl.absorpt_correction_T_max   ? 
_exptl.absorpt_correction_T_min   ? 
_exptl.absorpt_correction_type    ? 
_exptl.absorpt_process_details    ? 
_exptl.entry_id                   7R4W 
_exptl.crystals_number            1 
_exptl.details                    ? 
_exptl.method                     'X-RAY DIFFRACTION' 
_exptl.method_details             ? 
# 
_exptl_crystal.colour                      ? 
_exptl_crystal.density_diffrn              ? 
_exptl_crystal.density_Matthews            2.50 
_exptl_crystal.density_method              ? 
_exptl_crystal.density_percent_sol         50.77 
_exptl_crystal.description                 ? 
_exptl_crystal.F_000                       ? 
_exptl_crystal.id                          1 
_exptl_crystal.preparation                 ? 
_exptl_crystal.size_max                    ? 
_exptl_crystal.size_mid                    ? 
_exptl_crystal.size_min                    ? 
_exptl_crystal.size_rad                    ? 
_exptl_crystal.colour_lustre               ? 
_exptl_crystal.colour_modifier             ? 
_exptl_crystal.colour_primary              ? 
_exptl_crystal.density_meas                ? 
_exptl_crystal.density_meas_esd            ? 
_exptl_crystal.density_meas_gt             ? 
_exptl_crystal.density_meas_lt             ? 
_exptl_crystal.density_meas_temp           ? 
_exptl_crystal.density_meas_temp_esd       ? 
_exptl_crystal.density_meas_temp_gt        ? 
_exptl_crystal.density_meas_temp_lt        ? 
_exptl_crystal.pdbx_crystal_image_url      ? 
_exptl_crystal.pdbx_crystal_image_format   ? 
_exptl_crystal.pdbx_mosaicity              ? 
_exptl_crystal.pdbx_mosaicity_esd          ? 
# 
_exptl_crystal_grow.apparatus       ? 
_exptl_crystal_grow.atmosphere      ? 
_exptl_crystal_grow.crystal_id      1 
_exptl_crystal_grow.details         ? 
_exptl_crystal_grow.method          EVAPORATION 
_exptl_crystal_grow.method_ref      ? 
_exptl_crystal_grow.pH              ? 
_exptl_crystal_grow.pressure        ? 
_exptl_crystal_grow.pressure_esd    ? 
_exptl_crystal_grow.seeding         ? 
_exptl_crystal_grow.seeding_ref     ? 
_exptl_crystal_grow.temp            293 
_exptl_crystal_grow.temp_details    ? 
_exptl_crystal_grow.temp_esd        ? 
_exptl_crystal_grow.time            ? 
_exptl_crystal_grow.pdbx_details    '1 M Diammonium phosphate, 0.1 M sodium acetate pH 4.5' 
_exptl_crystal_grow.pdbx_pH_range   ? 
# 
_diffrn.ambient_environment              ? 
_diffrn.ambient_temp                     100 
_diffrn.ambient_temp_details             ? 
_diffrn.ambient_temp_esd                 ? 
_diffrn.crystal_id                       1 
_diffrn.crystal_support                  ? 
_diffrn.crystal_treatment                ? 
_diffrn.details                          ? 
_diffrn.id                               1 
_diffrn.ambient_pressure                 ? 
_diffrn.ambient_pressure_esd             ? 
_diffrn.ambient_pressure_gt              ? 
_diffrn.ambient_pressure_lt              ? 
_diffrn.ambient_temp_gt                  ? 
_diffrn.ambient_temp_lt                  ? 
_diffrn.pdbx_serial_crystal_experiment   N 
# 
_diffrn_detector.details                      ? 
_diffrn_detector.detector                     PIXEL 
_diffrn_detector.diffrn_id                    1 
_diffrn_detector.type                         'DECTRIS EIGER2 X 16M' 
_diffrn_detector.area_resol_mean              ? 
_diffrn_detector.dtime                        ? 
_diffrn_detector.pdbx_frames_total            ? 
_diffrn_detector.pdbx_collection_time_total   ? 
_diffrn_detector.pdbx_collection_date         2020-01-25 
_diffrn_detector.pdbx_frequency               ? 
# 
_diffrn_radiation.collimation                      ? 
_diffrn_radiation.diffrn_id                        1 
_diffrn_radiation.filter_edge                      ? 
_diffrn_radiation.inhomogeneity                    ? 
_diffrn_radiation.monochromator                    ? 
_diffrn_radiation.polarisn_norm                    ? 
_diffrn_radiation.polarisn_ratio                   ? 
_diffrn_radiation.probe                            ? 
_diffrn_radiation.type                             ? 
_diffrn_radiation.xray_symbol                      ? 
_diffrn_radiation.wavelength_id                    1 
_diffrn_radiation.pdbx_monochromatic_or_laue_m_l   M 
_diffrn_radiation.pdbx_wavelength_list             ? 
_diffrn_radiation.pdbx_wavelength                  ? 
_diffrn_radiation.pdbx_diffrn_protocol             'SINGLE WAVELENGTH' 
_diffrn_radiation.pdbx_analyzer                    ? 
_diffrn_radiation.pdbx_scattering_type             x-ray 
# 
_diffrn_radiation_wavelength.id           1 
_diffrn_radiation_wavelength.wavelength   0.9763 
_diffrn_radiation_wavelength.wt           1.0 
# 
_diffrn_source.current                     ? 
_diffrn_source.details                     ? 
_diffrn_source.diffrn_id                   1 
_diffrn_source.power                       ? 
_diffrn_source.size                        ? 
_diffrn_source.source                      SYNCHROTRON 
_diffrn_source.target                      ? 
_diffrn_source.type                        'DIAMOND BEAMLINE I03' 
_diffrn_source.voltage                     ? 
_diffrn_source.take-off_angle              ? 
_diffrn_source.pdbx_wavelength_list        0.9763 
_diffrn_source.pdbx_wavelength             ? 
_diffrn_source.pdbx_synchrotron_beamline   I03 
_diffrn_source.pdbx_synchrotron_site       Diamond 
# 
_reflns.B_iso_Wilson_estimate                          ? 
_reflns.entry_id                                       7R4W 
_reflns.data_reduction_details                         ? 
_reflns.data_reduction_method                          ? 
_reflns.d_resolution_high                              2.300 
_reflns.d_resolution_low                               43.1300 
_reflns.details                                        ? 
_reflns.limit_h_max                                    ? 
_reflns.limit_h_min                                    ? 
_reflns.limit_k_max                                    ? 
_reflns.limit_k_min                                    ? 
_reflns.limit_l_max                                    ? 
_reflns.limit_l_min                                    ? 
_reflns.number_all                                     ? 
_reflns.number_obs                                     7947 
_reflns.observed_criterion                             ? 
_reflns.observed_criterion_F_max                       ? 
_reflns.observed_criterion_F_min                       ? 
_reflns.observed_criterion_I_max                       ? 
_reflns.observed_criterion_I_min                       ? 
_reflns.observed_criterion_sigma_F                     ? 
_reflns.observed_criterion_sigma_I                     ? 
_reflns.percent_possible_obs                           99.400 
_reflns.R_free_details                                 ? 
_reflns.Rmerge_F_all                                   ? 
_reflns.Rmerge_F_obs                                   ? 
_reflns.Friedel_coverage                               ? 
_reflns.number_gt                                      ? 
_reflns.threshold_expression                           ? 
_reflns.pdbx_redundancy                                25.800 
_reflns.pdbx_Rmerge_I_obs                              0.131 
_reflns.pdbx_Rmerge_I_all                              ? 
_reflns.pdbx_Rsym_value                                ? 
_reflns.pdbx_netI_over_av_sigmaI                       ? 
_reflns.pdbx_netI_over_sigmaI                          17.600 
_reflns.pdbx_res_netI_over_av_sigmaI_2                 ? 
_reflns.pdbx_res_netI_over_sigmaI_2                    ? 
_reflns.pdbx_chi_squared                               ? 
_reflns.pdbx_scaling_rejects                           ? 
_reflns.pdbx_d_res_high_opt                            ? 
_reflns.pdbx_d_res_low_opt                             ? 
_reflns.pdbx_d_res_opt_method                          ? 
_reflns.phase_calculation_details                      ? 
_reflns.pdbx_Rrim_I_all                                0.134 
_reflns.pdbx_Rpim_I_all                                0.027 
_reflns.pdbx_d_opt                                     ? 
_reflns.pdbx_number_measured_all                       ? 
_reflns.pdbx_diffrn_id                                 1 
_reflns.pdbx_ordinal                                   1 
_reflns.pdbx_CC_half                                   0.999 
_reflns.pdbx_CC_star                                   ? 
_reflns.pdbx_R_split                                   ? 
_reflns.pdbx_aniso_diffraction_limit_axis_1_ortho[1]   ? 
_reflns.pdbx_aniso_diffraction_limit_axis_1_ortho[2]   ? 
_reflns.pdbx_aniso_diffraction_limit_axis_1_ortho[3]   ? 
_reflns.pdbx_aniso_diffraction_limit_axis_2_ortho[1]   ? 
_reflns.pdbx_aniso_diffraction_limit_axis_2_ortho[2]   ? 
_reflns.pdbx_aniso_diffraction_limit_axis_2_ortho[3]   ? 
_reflns.pdbx_aniso_diffraction_limit_axis_3_ortho[1]   ? 
_reflns.pdbx_aniso_diffraction_limit_axis_3_ortho[2]   ? 
_reflns.pdbx_aniso_diffraction_limit_axis_3_ortho[3]   ? 
_reflns.pdbx_aniso_diffraction_limit_1                 ? 
_reflns.pdbx_aniso_diffraction_limit_2                 ? 
_reflns.pdbx_aniso_diffraction_limit_3                 ? 
_reflns.pdbx_aniso_B_tensor_eigenvector_1_ortho[1]     ? 
_reflns.pdbx_aniso_B_tensor_eigenvector_1_ortho[2]     ? 
_reflns.pdbx_aniso_B_tensor_eigenvector_1_ortho[3]     ? 
_reflns.pdbx_aniso_B_tensor_eigenvector_2_ortho[1]     ? 
_reflns.pdbx_aniso_B_tensor_eigenvector_2_ortho[2]     ? 
_reflns.pdbx_aniso_B_tensor_eigenvector_2_ortho[3]     ? 
_reflns.pdbx_aniso_B_tensor_eigenvector_3_ortho[1]     ? 
_reflns.pdbx_aniso_B_tensor_eigenvector_3_ortho[2]     ? 
_reflns.pdbx_aniso_B_tensor_eigenvector_3_ortho[3]     ? 
_reflns.pdbx_aniso_B_tensor_eigenvalue_1               ? 
_reflns.pdbx_aniso_B_tensor_eigenvalue_2               ? 
_reflns.pdbx_aniso_B_tensor_eigenvalue_3               ? 
_reflns.pdbx_orthogonalization_convention              ? 
_reflns.pdbx_percent_possible_ellipsoidal              ? 
_reflns.pdbx_percent_possible_spherical                ? 
_reflns.pdbx_percent_possible_ellipsoidal_anomalous    ? 
_reflns.pdbx_percent_possible_spherical_anomalous      ? 
_reflns.pdbx_redundancy_anomalous                      ? 
_reflns.pdbx_CC_half_anomalous                         ? 
_reflns.pdbx_absDiff_over_sigma_anomalous              ? 
_reflns.pdbx_percent_possible_anomalous                ? 
_reflns.pdbx_observed_signal_threshold                 ? 
_reflns.pdbx_signal_type                               ? 
_reflns.pdbx_signal_details                            ? 
_reflns.pdbx_signal_software_id                        ? 
# 
loop_
_reflns_shell.d_res_high 
_reflns_shell.d_res_low 
_reflns_shell.meanI_over_sigI_all 
_reflns_shell.meanI_over_sigI_obs 
_reflns_shell.number_measured_all 
_reflns_shell.number_measured_obs 
_reflns_shell.number_possible 
_reflns_shell.number_unique_all 
_reflns_shell.number_unique_obs 
_reflns_shell.percent_possible_all 
_reflns_shell.percent_possible_obs 
_reflns_shell.Rmerge_F_all 
_reflns_shell.Rmerge_F_obs 
_reflns_shell.Rmerge_I_all 
_reflns_shell.Rmerge_I_obs 
_reflns_shell.meanI_over_sigI_gt 
_reflns_shell.meanI_over_uI_all 
_reflns_shell.meanI_over_uI_gt 
_reflns_shell.number_measured_gt 
_reflns_shell.number_unique_gt 
_reflns_shell.percent_possible_gt 
_reflns_shell.Rmerge_F_gt 
_reflns_shell.Rmerge_I_gt 
_reflns_shell.pdbx_redundancy 
_reflns_shell.pdbx_Rsym_value 
_reflns_shell.pdbx_chi_squared 
_reflns_shell.pdbx_netI_over_sigmaI_all 
_reflns_shell.pdbx_netI_over_sigmaI_obs 
_reflns_shell.pdbx_Rrim_I_all 
_reflns_shell.pdbx_Rpim_I_all 
_reflns_shell.pdbx_rejects 
_reflns_shell.pdbx_ordinal 
_reflns_shell.pdbx_diffrn_id 
_reflns_shell.pdbx_CC_half 
_reflns_shell.pdbx_CC_star 
_reflns_shell.pdbx_R_split 
_reflns_shell.pdbx_percent_possible_ellipsoidal 
_reflns_shell.pdbx_percent_possible_spherical 
_reflns_shell.pdbx_percent_possible_ellipsoidal_anomalous 
_reflns_shell.pdbx_percent_possible_spherical_anomalous 
_reflns_shell.pdbx_redundancy_anomalous 
_reflns_shell.pdbx_CC_half_anomalous 
_reflns_shell.pdbx_absDiff_over_sigma_anomalous 
_reflns_shell.pdbx_percent_possible_anomalous 
2.300 2.380  ? ? 20669 ? ? ? 762 99.500 ? ? ? ? 5.500 ? ? ? ? ? ? ? ? 27.100 ? ? ? 1.000  5.603 1.061 ? 1 1 0.521 ? ? ? ? ? ? ? ? 
? ? 
8.910 43.100 ? ? 3616  ? ? ? 171 98.100 ? ? ? ? 0.035 ? ? ? ? ? ? ? ? 21.100 ? ? ? 61.800 0.036 0.008 ? 2 1 1.000 ? ? ? ? ? ? ? ? 
? ? 
# 
_refine.aniso_B[1][1]                            2.5300 
_refine.aniso_B[1][2]                            0.0000 
_refine.aniso_B[1][3]                            0.0000 
_refine.aniso_B[2][2]                            2.5300 
_refine.aniso_B[2][3]                            0.0000 
_refine.aniso_B[3][3]                            -5.0600 
_refine.B_iso_max                                193.920 
_refine.B_iso_mean                               90.8140 
_refine.B_iso_min                                49.560 
_refine.correlation_coeff_Fo_to_Fc               0.9680 
_refine.correlation_coeff_Fo_to_Fc_free          0.9260 
_refine.details                                  'U VALUES      : WITH TLS ADDED HYDROGENS HAVE BEEN ADDED IN THE RIDING POSITIONS' 
_refine.diff_density_max                         ? 
_refine.diff_density_max_esd                     ? 
_refine.diff_density_min                         ? 
_refine.diff_density_min_esd                     ? 
_refine.diff_density_rms                         ? 
_refine.diff_density_rms_esd                     ? 
_refine.entry_id                                 7R4W 
_refine.pdbx_refine_id                           'X-RAY DIFFRACTION' 
_refine.ls_abs_structure_details                 ? 
_refine.ls_abs_structure_Flack                   ? 
_refine.ls_abs_structure_Flack_esd               ? 
_refine.ls_abs_structure_Rogers                  ? 
_refine.ls_abs_structure_Rogers_esd              ? 
_refine.ls_d_res_high                            2.3000 
_refine.ls_d_res_low                             43.1300 
_refine.ls_extinction_coef                       ? 
_refine.ls_extinction_coef_esd                   ? 
_refine.ls_extinction_expression                 ? 
_refine.ls_extinction_method                     ? 
_refine.ls_goodness_of_fit_all                   ? 
_refine.ls_goodness_of_fit_all_esd               ? 
_refine.ls_goodness_of_fit_obs                   ? 
_refine.ls_goodness_of_fit_obs_esd               ? 
_refine.ls_hydrogen_treatment                    ? 
_refine.ls_matrix_type                           ? 
_refine.ls_number_constraints                    ? 
_refine.ls_number_parameters                     ? 
_refine.ls_number_reflns_all                     ? 
_refine.ls_number_reflns_obs                     7538 
_refine.ls_number_reflns_R_free                  391 
_refine.ls_number_reflns_R_work                  ? 
_refine.ls_number_restraints                     ? 
_refine.ls_percent_reflns_obs                    99.4100 
_refine.ls_percent_reflns_R_free                 4.9000 
_refine.ls_R_factor_all                          ? 
_refine.ls_R_factor_obs                          0.1902 
_refine.ls_R_factor_R_free                       0.2548 
_refine.ls_R_factor_R_free_error                 ? 
_refine.ls_R_factor_R_free_error_details         ? 
_refine.ls_R_factor_R_work                       0.1870 
_refine.ls_R_Fsqd_factor_obs                     ? 
_refine.ls_R_I_factor_obs                        ? 
_refine.ls_redundancy_reflns_all                 ? 
_refine.ls_redundancy_reflns_obs                 ? 
_refine.ls_restrained_S_all                      ? 
_refine.ls_restrained_S_obs                      ? 
_refine.ls_shift_over_esd_max                    ? 
_refine.ls_shift_over_esd_mean                   ? 
_refine.ls_structure_factor_coef                 ? 
_refine.ls_weighting_details                     ? 
_refine.ls_weighting_scheme                      ? 
_refine.ls_wR_factor_all                         ? 
_refine.ls_wR_factor_obs                         ? 
_refine.ls_wR_factor_R_free                      ? 
_refine.ls_wR_factor_R_work                      ? 
_refine.occupancy_max                            ? 
_refine.occupancy_min                            ? 
_refine.solvent_model_details                    MASK 
_refine.solvent_model_param_bsol                 ? 
_refine.solvent_model_param_ksol                 ? 
_refine.pdbx_R_complete                          ? 
_refine.ls_R_factor_gt                           ? 
_refine.ls_goodness_of_fit_gt                    ? 
_refine.ls_goodness_of_fit_ref                   ? 
_refine.ls_shift_over_su_max                     ? 
_refine.ls_shift_over_su_max_lt                  ? 
_refine.ls_shift_over_su_mean                    ? 
_refine.ls_shift_over_su_mean_lt                 ? 
_refine.pdbx_ls_sigma_I                          ? 
_refine.pdbx_ls_sigma_F                          0.000 
_refine.pdbx_ls_sigma_Fsqd                       ? 
_refine.pdbx_data_cutoff_high_absF               ? 
_refine.pdbx_data_cutoff_high_rms_absF           ? 
_refine.pdbx_data_cutoff_low_absF                ? 
_refine.pdbx_isotropic_thermal_model             ? 
_refine.pdbx_ls_cross_valid_method               THROUGHOUT 
_refine.pdbx_method_to_determine_struct          'MOLECULAR REPLACEMENT' 
_refine.pdbx_starting_model                      2vW9 
_refine.pdbx_stereochemistry_target_values       'MAXIMUM LIKELIHOOD' 
_refine.pdbx_R_Free_selection_details            RANDOM 
_refine.pdbx_stereochem_target_val_spec_case     ? 
_refine.pdbx_overall_ESU_R                       0.1940 
_refine.pdbx_overall_ESU_R_Free                  0.1980 
_refine.pdbx_solvent_vdw_probe_radii             1.2000 
_refine.pdbx_solvent_ion_probe_radii             0.8000 
_refine.pdbx_solvent_shrinkage_radii             0.8000 
_refine.pdbx_real_space_R                        ? 
_refine.pdbx_density_correlation                 ? 
_refine.pdbx_pd_number_of_powder_patterns        ? 
_refine.pdbx_pd_number_of_points                 ? 
_refine.pdbx_pd_meas_number_of_points            ? 
_refine.pdbx_pd_proc_ls_prof_R_factor            ? 
_refine.pdbx_pd_proc_ls_prof_wR_factor           ? 
_refine.pdbx_pd_Marquardt_correlation_coeff      ? 
_refine.pdbx_pd_Fsqrd_R_factor                   ? 
_refine.pdbx_pd_ls_matrix_band_width             ? 
_refine.pdbx_overall_phase_error                 ? 
_refine.pdbx_overall_SU_R_free_Cruickshank_DPI   ? 
_refine.pdbx_overall_SU_R_free_Blow_DPI          ? 
_refine.pdbx_overall_SU_R_Blow_DPI               ? 
_refine.pdbx_TLS_residual_ADP_flag               ? 
_refine.pdbx_diffrn_id                           1 
_refine.overall_SU_B                             18.2250 
_refine.overall_SU_ML                            0.1870 
_refine.overall_SU_R_Cruickshank_DPI             ? 
_refine.overall_SU_R_free                        ? 
_refine.overall_FOM_free_R_set                   ? 
_refine.overall_FOM_work_R_set                   ? 
_refine.pdbx_average_fsc_overall                 ? 
_refine.pdbx_average_fsc_work                    ? 
_refine.pdbx_average_fsc_free                    ? 
# 
_refine_hist.pdbx_refine_id                   'X-RAY DIFFRACTION' 
_refine_hist.cycle_id                         final 
_refine_hist.details                          ? 
_refine_hist.d_res_high                       2.3000 
_refine_hist.d_res_low                        43.1300 
_refine_hist.number_atoms_solvent             9 
_refine_hist.number_atoms_total               826 
_refine_hist.number_reflns_all                ? 
_refine_hist.number_reflns_obs                ? 
_refine_hist.number_reflns_R_free             ? 
_refine_hist.number_reflns_R_work             ? 
_refine_hist.R_factor_all                     ? 
_refine_hist.R_factor_obs                     ? 
_refine_hist.R_factor_R_free                  ? 
_refine_hist.R_factor_R_work                  ? 
_refine_hist.pdbx_number_residues_total       100 
_refine_hist.pdbx_B_iso_mean_ligand           99.66 
_refine_hist.pdbx_B_iso_mean_solvent          75.00 
_refine_hist.pdbx_number_atoms_protein        804 
_refine_hist.pdbx_number_atoms_nucleic_acid   0 
_refine_hist.pdbx_number_atoms_ligand         13 
_refine_hist.pdbx_number_atoms_lipid          ? 
_refine_hist.pdbx_number_atoms_carb           ? 
_refine_hist.pdbx_pseudo_atom_details         ? 
# 
loop_
_refine_ls_restr.pdbx_refine_id 
_refine_ls_restr.criterion 
_refine_ls_restr.dev_ideal 
_refine_ls_restr.dev_ideal_target 
_refine_ls_restr.number 
_refine_ls_restr.rejects 
_refine_ls_restr.type 
_refine_ls_restr.weight 
_refine_ls_restr.pdbx_restraint_function 
'X-RAY DIFFRACTION' ? 0.014  0.013  825  ? r_bond_refined_d       ? ? 
'X-RAY DIFFRACTION' ? 0.001  0.017  800  ? r_bond_other_d         ? ? 
'X-RAY DIFFRACTION' ? 2.091  1.645  1112 ? r_angle_refined_deg    ? ? 
'X-RAY DIFFRACTION' ? 1.392  1.595  1836 ? r_angle_other_deg      ? ? 
'X-RAY DIFFRACTION' ? 8.385  5.000  98   ? r_dihedral_angle_1_deg ? ? 
'X-RAY DIFFRACTION' ? 31.342 20.816 49   ? r_dihedral_angle_2_deg ? ? 
'X-RAY DIFFRACTION' ? 17.807 15.000 149  ? r_dihedral_angle_3_deg ? ? 
'X-RAY DIFFRACTION' ? 19.169 15.000 9    ? r_dihedral_angle_4_deg ? ? 
'X-RAY DIFFRACTION' ? 0.080  0.200  107  ? r_chiral_restr         ? ? 
'X-RAY DIFFRACTION' ? 0.011  0.020  908  ? r_gen_planes_refined   ? ? 
'X-RAY DIFFRACTION' ? 0.002  0.020  183  ? r_gen_planes_other     ? ? 
# 
_refine_ls_shell.pdbx_refine_id                   'X-RAY DIFFRACTION' 
_refine_ls_shell.d_res_high                       2.3000 
_refine_ls_shell.d_res_low                        2.3600 
_refine_ls_shell.number_reflns_all                569 
_refine_ls_shell.number_reflns_obs                ? 
_refine_ls_shell.number_reflns_R_free             27 
_refine_ls_shell.number_reflns_R_work             542 
_refine_ls_shell.percent_reflns_obs               99.3000 
_refine_ls_shell.percent_reflns_R_free            ? 
_refine_ls_shell.R_factor_all                     ? 
_refine_ls_shell.R_factor_obs                     ? 
_refine_ls_shell.R_factor_R_free                  0.4540 
_refine_ls_shell.R_factor_R_free_error            0.0000 
_refine_ls_shell.R_factor_R_work                  0.3780 
_refine_ls_shell.redundancy_reflns_all            ? 
_refine_ls_shell.redundancy_reflns_obs            ? 
_refine_ls_shell.wR_factor_all                    ? 
_refine_ls_shell.wR_factor_obs                    ? 
_refine_ls_shell.wR_factor_R_free                 ? 
_refine_ls_shell.wR_factor_R_work                 ? 
_refine_ls_shell.pdbx_R_complete                  ? 
_refine_ls_shell.pdbx_total_number_of_bins_used   20 
_refine_ls_shell.pdbx_phase_error                 ? 
_refine_ls_shell.pdbx_fsc_work                    ? 
_refine_ls_shell.pdbx_fsc_free                    ? 
# 
_struct.entry_id                     7R4W 
_struct.title                        'Single stranded DNA binding protein SSB M5 from Fervidobacterium gondwanense' 
_struct.pdbx_model_details           ? 
_struct.pdbx_formula_weight          ? 
_struct.pdbx_formula_weight_method   ? 
_struct.pdbx_model_type_details      ? 
_struct.pdbx_CASP_flag               N 
# 
_struct_keywords.entry_id        7R4W 
_struct_keywords.text            'single stranded DNA binding, DNA BINDING PROTEIN' 
_struct_keywords.pdbx_keywords   'DNA BINDING PROTEIN' 
# 
loop_
_struct_asym.id 
_struct_asym.pdbx_blank_PDB_chainid_flag 
_struct_asym.pdbx_modified 
_struct_asym.entity_id 
_struct_asym.details 
A N N 1 ? 
B N N 2 ? 
C N N 2 ? 
D N N 3 ? 
E N N 4 ? 
# 
_struct_conf.conf_type_id            HELX_P 
_struct_conf.id                      HELX_P1 
_struct_conf.pdbx_PDB_helix_id       AA1 
_struct_conf.beg_label_comp_id       ARG 
_struct_conf.beg_label_asym_id       A 
_struct_conf.beg_label_seq_id        52 
_struct_conf.pdbx_beg_PDB_ins_code   ? 
_struct_conf.end_label_comp_id       LEU 
_struct_conf.end_label_asym_id       A 
_struct_conf.end_label_seq_id        62 
_struct_conf.pdbx_end_PDB_ins_code   ? 
_struct_conf.beg_auth_comp_id        ARG 
_struct_conf.beg_auth_asym_id        A 
_struct_conf.beg_auth_seq_id         51 
_struct_conf.end_auth_comp_id        LEU 
_struct_conf.end_auth_asym_id        A 
_struct_conf.end_auth_seq_id         61 
_struct_conf.pdbx_PDB_helix_class    1 
_struct_conf.details                 ? 
_struct_conf.pdbx_PDB_helix_length   11 
# 
_struct_conf_type.id          HELX_P 
_struct_conf_type.criteria    ? 
_struct_conf_type.reference   ? 
# 
_struct_sheet.id               AA1 
_struct_sheet.type             ? 
_struct_sheet.number_strands   7 
_struct_sheet.details          ? 
# 
loop_
_struct_sheet_order.sheet_id 
_struct_sheet_order.range_id_1 
_struct_sheet_order.range_id_2 
_struct_sheet_order.offset 
_struct_sheet_order.sense 
AA1 1 2 ? anti-parallel 
AA1 2 3 ? anti-parallel 
AA1 3 4 ? parallel      
AA1 4 5 ? anti-parallel 
AA1 5 6 ? anti-parallel 
AA1 6 7 ? anti-parallel 
# 
loop_
_struct_sheet_range.sheet_id 
_struct_sheet_range.id 
_struct_sheet_range.beg_label_comp_id 
_struct_sheet_range.beg_label_asym_id 
_struct_sheet_range.beg_label_seq_id 
_struct_sheet_range.pdbx_beg_PDB_ins_code 
_struct_sheet_range.end_label_comp_id 
_struct_sheet_range.end_label_asym_id 
_struct_sheet_range.end_label_seq_id 
_struct_sheet_range.pdbx_end_PDB_ins_code 
_struct_sheet_range.beg_auth_comp_id 
_struct_sheet_range.beg_auth_asym_id 
_struct_sheet_range.beg_auth_seq_id 
_struct_sheet_range.end_auth_comp_id 
_struct_sheet_range.end_auth_asym_id 
_struct_sheet_range.end_auth_seq_id 
AA1 1 GLU A 17 ? THR A 21 ? GLU A 16 THR A 20 
AA1 2 ASN A 25 ? ASN A 35 ? ASN A 24 ASN A 34 
AA1 3 VAL A 43 ? PHE A 51 ? VAL A 42 PHE A 50 
AA1 4 PRO A 86 ? PHE A 99 ? PRO A 85 PHE A 98 
AA1 5 MET A 67 ? LYS A 80 ? MET A 66 LYS A 79 
AA1 6 VAL A 6  ? LEU A 12 ? VAL A 5  LEU A 11 
AA1 7 ASN A 25 ? ASN A 35 ? ASN A 24 ASN A 34 
# 
loop_
_pdbx_struct_sheet_hbond.sheet_id 
_pdbx_struct_sheet_hbond.range_id_1 
_pdbx_struct_sheet_hbond.range_id_2 
_pdbx_struct_sheet_hbond.range_1_label_atom_id 
_pdbx_struct_sheet_hbond.range_1_label_comp_id 
_pdbx_struct_sheet_hbond.range_1_label_asym_id 
_pdbx_struct_sheet_hbond.range_1_label_seq_id 
_pdbx_struct_sheet_hbond.range_1_PDB_ins_code 
_pdbx_struct_sheet_hbond.range_1_auth_atom_id 
_pdbx_struct_sheet_hbond.range_1_auth_comp_id 
_pdbx_struct_sheet_hbond.range_1_auth_asym_id 
_pdbx_struct_sheet_hbond.range_1_auth_seq_id 
_pdbx_struct_sheet_hbond.range_2_label_atom_id 
_pdbx_struct_sheet_hbond.range_2_label_comp_id 
_pdbx_struct_sheet_hbond.range_2_label_asym_id 
_pdbx_struct_sheet_hbond.range_2_label_seq_id 
_pdbx_struct_sheet_hbond.range_2_PDB_ins_code 
_pdbx_struct_sheet_hbond.range_2_auth_atom_id 
_pdbx_struct_sheet_hbond.range_2_auth_comp_id 
_pdbx_struct_sheet_hbond.range_2_auth_asym_id 
_pdbx_struct_sheet_hbond.range_2_auth_seq_id 
AA1 1 2 N ARG A 19 ? N ARG A 18 O ILE A 27 ? O ILE A 26 
AA1 2 3 N PHE A 30 ? N PHE A 29 O ILE A 48 ? O ILE A 47 
AA1 3 4 N VAL A 49 ? N VAL A 48 O ILE A 92 ? O ILE A 91 
AA1 4 5 O THR A 89 ? O THR A 88 N ASN A 77 ? N ASN A 76 
AA1 5 6 O VAL A 70 ? O VAL A 69 N LEU A 8  ? N LEU A 7  
AA1 6 7 N ARG A 11 ? N ARG A 10 O ALA A 33 ? O ALA A 32 
# 
_atom_sites.entry_id                    7R4W 
_atom_sites.Cartn_transf_matrix[1][1]   ? 
_atom_sites.Cartn_transf_matrix[1][2]   ? 
_atom_sites.Cartn_transf_matrix[1][3]   ? 
_atom_sites.Cartn_transf_matrix[2][1]   ? 
_atom_sites.Cartn_transf_matrix[2][2]   ? 
_atom_sites.Cartn_transf_matrix[2][3]   ? 
_atom_sites.Cartn_transf_matrix[3][1]   ? 
_atom_sites.Cartn_transf_matrix[3][2]   ? 
_atom_sites.Cartn_transf_matrix[3][3]   ? 
_atom_sites.Cartn_transf_vector[1]      ? 
_atom_sites.Cartn_transf_vector[2]      ? 
_atom_sites.Cartn_transf_vector[3]      ? 
_atom_sites.fract_transf_matrix[1][1]   0.01501890 
_atom_sites.fract_transf_matrix[1][2]   -0.00221794 
_atom_sites.fract_transf_matrix[1][3]   -0.00513907 
_atom_sites.fract_transf_matrix[2][1]   -0.00343840 
_atom_sites.fract_transf_matrix[2][2]   0.00795607 
_atom_sites.fract_transf_matrix[2][3]   -0.01348240 
_atom_sites.fract_transf_matrix[3][1]   0.00159851 
_atom_sites.fract_transf_matrix[3][2]   0.00497147 
_atom_sites.fract_transf_matrix[3][3]   0.00252604 
_atom_sites.fract_transf_vector[1]      0.014069 
_atom_sites.fract_transf_vector[2]      -0.169397 
_atom_sites.fract_transf_vector[3]      0.076882 
_atom_sites.solution_primary            ? 
_atom_sites.solution_secondary          ? 
_atom_sites.solution_hydrogens          ? 
_atom_sites.special_details             ? 
# 
loop_
_atom_type.symbol 
C 
N 
O 
P 
S 
# 
loop_
_atom_site.group_PDB 
_atom_site.id 
_atom_site.type_symbol 
_atom_site.label_atom_id 
_atom_site.label_alt_id 
_atom_site.label_comp_id 
_atom_site.label_asym_id 
_atom_site.label_entity_id 
_atom_site.label_seq_id 
_atom_site.pdbx_PDB_ins_code 
_atom_site.Cartn_x 
_atom_site.Cartn_y 
_atom_site.Cartn_z 
_atom_site.occupancy 
_atom_site.B_iso_or_equiv 
_atom_site.pdbx_formal_charge 
_atom_site.auth_seq_id 
_atom_site.auth_comp_id 
_atom_site.auth_asym_id 
_atom_site.auth_atom_id 
_atom_site.pdbx_PDB_model_num 
ATOM   1   N N   . SER A 1 2   ? -19.267 2.760   -11.688 1.00 75.64  ? 1   SER A N   1 
ATOM   2   C CA  . SER A 1 2   ? -17.853 3.027   -11.862 1.00 69.82  ? 1   SER A CA  1 
ATOM   3   C C   . SER A 1 2   ? -17.102 1.739   -11.652 1.00 67.12  ? 1   SER A C   1 
ATOM   4   O O   . SER A 1 2   ? -17.662 0.797   -11.144 1.00 66.14  ? 1   SER A O   1 
ATOM   5   C CB  . SER A 1 2   ? -17.355 4.023   -10.868 1.00 71.71  ? 1   SER A CB  1 
ATOM   6   O OG  . SER A 1 2   ? -18.120 5.201   -10.932 1.00 80.99  ? 1   SER A OG  1 
ATOM   7   N N   . TYR A 1 3   ? -15.823 1.773   -11.900 1.00 63.96  ? 2   TYR A N   1 
ATOM   8   C CA  . TYR A 1 3   ? -14.992 0.595   -11.745 1.00 60.88  ? 2   TYR A CA  1 
ATOM   9   C C   . TYR A 1 3   ? -13.597 1.130   -11.515 1.00 59.38  ? 2   TYR A C   1 
ATOM   10  O O   . TYR A 1 3   ? -13.194 2.070   -12.219 1.00 59.76  ? 2   TYR A O   1 
ATOM   11  C CB  . TYR A 1 3   ? -15.094 -0.320  -12.977 1.00 64.84  ? 2   TYR A CB  1 
ATOM   12  C CG  . TYR A 1 3   ? -14.303 -1.599  -12.807 1.00 62.97  ? 2   TYR A CG  1 
ATOM   13  C CD1 . TYR A 1 3   ? -14.740 -2.609  -11.961 1.00 61.67  ? 2   TYR A CD1 1 
ATOM   14  C CD2 . TYR A 1 3   ? -13.060 -1.748  -13.403 1.00 59.73  ? 2   TYR A CD2 1 
ATOM   15  C CE1 . TYR A 1 3   ? -13.980 -3.749  -11.765 1.00 60.77  ? 2   TYR A CE1 1 
ATOM   16  C CE2 . TYR A 1 3   ? -12.319 -2.915  -13.270 1.00 56.55  ? 2   TYR A CE2 1 
ATOM   17  C CZ  . TYR A 1 3   ? -12.771 -3.905  -12.427 1.00 59.40  ? 2   TYR A CZ  1 
ATOM   18  O OH  . TYR A 1 3   ? -12.003 -5.015  -12.209 1.00 59.51  ? 2   TYR A OH  1 
ATOM   19  N N   . ASN A 1 4   ? -12.889 0.458   -10.615 1.00 57.42  ? 3   ASN A N   1 
ATOM   20  C CA  . ASN A 1 4   ? -11.584 0.891   -10.115 1.00 59.46  ? 3   ASN A CA  1 
ATOM   21  C C   . ASN A 1 4   ? -10.814 -0.371  -9.750  1.00 58.67  ? 3   ASN A C   1 
ATOM   22  O O   . ASN A 1 4   ? -11.169 -0.984  -8.699  1.00 58.33  ? 3   ASN A O   1 
ATOM   23  C CB  . ASN A 1 4   ? -11.810 1.841   -8.931  1.00 62.26  ? 3   ASN A CB  1 
ATOM   24  C CG  . ASN A 1 4   ? -10.556 2.495   -8.375  1.00 59.88  ? 3   ASN A CG  1 
ATOM   25  O OD1 . ASN A 1 4   ? -9.463  1.934   -8.481  1.00 53.25  ? 3   ASN A OD1 1 
ATOM   26  N ND2 . ASN A 1 4   ? -10.731 3.675   -7.775  1.00 57.77  ? 3   ASN A ND2 1 
ATOM   27  N N   . LYS A 1 5   ? -9.786  -0.701  -10.524 1.00 52.43  ? 4   LYS A N   1 
ATOM   28  C CA  . LYS A 1 5   ? -8.961  -1.876  -10.189 1.00 53.81  ? 4   LYS A CA  1 
ATOM   29  C C   . LYS A 1 5   ? -7.529  -1.592  -10.553 1.00 49.93  ? 4   LYS A C   1 
ATOM   30  O O   . LYS A 1 5   ? -7.245  -1.097  -11.671 1.00 55.69  ? 4   LYS A O   1 
ATOM   31  C CB  . LYS A 1 5   ? -9.499  -3.081  -10.968 1.00 64.39  ? 4   LYS A CB  1 
ATOM   32  C CG  . LYS A 1 5   ? -8.856  -4.453  -10.731 1.00 71.64  ? 4   LYS A CG  1 
ATOM   33  C CD  . LYS A 1 5   ? -8.698  -4.888  -9.275  1.00 71.98  ? 4   LYS A CD  1 
ATOM   34  C CE  . LYS A 1 5   ? -9.961  -5.378  -8.632  1.00 75.86  ? 4   LYS A CE  1 
ATOM   35  N NZ  . LYS A 1 5   ? -9.987  -5.153  -7.173  1.00 76.21  ? 4   LYS A NZ  1 
ATOM   36  N N   . VAL A 1 6   ? -6.657  -1.899  -9.635  1.00 49.67  ? 5   VAL A N   1 
ATOM   37  C CA  . VAL A 1 6   ? -5.182  -1.708  -9.778  1.00 52.99  ? 5   VAL A CA  1 
ATOM   38  C C   . VAL A 1 6   ? -4.493  -3.044  -9.487  1.00 56.71  ? 5   VAL A C   1 
ATOM   39  O O   . VAL A 1 6   ? -4.834  -3.766  -8.464  1.00 52.27  ? 5   VAL A O   1 
ATOM   40  C CB  . VAL A 1 6   ? -4.710  -0.671  -8.754  1.00 63.29  ? 5   VAL A CB  1 
ATOM   41  C CG1 . VAL A 1 6   ? -3.264  -0.274  -8.967  1.00 67.52  ? 5   VAL A CG1 1 
ATOM   42  C CG2 . VAL A 1 6   ? -5.621  0.567   -8.728  1.00 70.88  ? 5   VAL A CG2 1 
ATOM   43  N N   . VAL A 1 7   ? -3.566  -3.400  -10.353 1.00 52.47  ? 6   VAL A N   1 
ATOM   44  C CA  . VAL A 1 7   ? -2.717  -4.569  -10.089 1.00 54.51  ? 6   VAL A CA  1 
ATOM   45  C C   . VAL A 1 7   ? -1.269  -4.104  -10.097 1.00 49.56  ? 6   VAL A C   1 
ATOM   46  O O   . VAL A 1 7   ? -0.798  -3.505  -11.121 1.00 53.02  ? 6   VAL A O   1 
ATOM   47  C CB  . VAL A 1 7   ? -2.993  -5.701  -11.099 1.00 61.12  ? 6   VAL A CB  1 
ATOM   48  C CG1 . VAL A 1 7   ? -2.095  -6.902  -10.851 1.00 62.14  ? 6   VAL A CG1 1 
ATOM   49  C CG2 . VAL A 1 7   ? -4.449  -6.146  -11.051 1.00 58.65  ? 6   VAL A CG2 1 
ATOM   50  N N   . LEU A 1 8   ? -0.555  -4.461  -9.048  1.00 51.86  ? 7   LEU A N   1 
ATOM   51  C CA  . LEU A 1 8   ? 0.884   -4.094  -8.978  1.00 53.26  ? 7   LEU A CA  1 
ATOM   52  C C   . LEU A 1 8   ? 1.724   -5.269  -8.535  1.00 53.41  ? 7   LEU A C   1 
ATOM   53  O O   . LEU A 1 8   ? 1.345   -6.018  -7.598  1.00 57.52  ? 7   LEU A O   1 
ATOM   54  C CB  . LEU A 1 8   ? 1.053   -2.973  -7.954  1.00 58.66  ? 7   LEU A CB  1 
ATOM   55  C CG  . LEU A 1 8   ? 0.349   -1.656  -8.270  1.00 57.84  ? 7   LEU A CG  1 
ATOM   56  C CD1 . LEU A 1 8   ? 0.451   -0.730  -7.078  1.00 61.71  ? 7   LEU A CD1 1 
ATOM   57  C CD2 . LEU A 1 8   ? 0.935   -0.985  -9.516  1.00 60.30  ? 7   LEU A CD2 1 
ATOM   58  N N   . VAL A 1 9   ? 2.902   -5.323  -9.097  1.00 55.76  ? 8   VAL A N   1 
ATOM   59  C CA  . VAL A 1 9   ? 3.982   -6.163  -8.553  1.00 60.01  ? 8   VAL A CA  1 
ATOM   60  C C   . VAL A 1 9   ? 5.188   -5.268  -8.394  1.00 60.17  ? 8   VAL A C   1 
ATOM   61  O O   . VAL A 1 9   ? 5.670   -4.749  -9.399  1.00 61.78  ? 8   VAL A O   1 
ATOM   62  C CB  . VAL A 1 9   ? 4.311   -7.337  -9.484  1.00 57.74  ? 8   VAL A CB  1 
ATOM   63  C CG1 . VAL A 1 9   ? 5.441   -8.143  -8.897  1.00 59.83  ? 8   VAL A CG1 1 
ATOM   64  C CG2 . VAL A 1 9   ? 3.093   -8.224  -9.709  1.00 62.08  ? 8   VAL A CG2 1 
ATOM   65  N N   . GLY A 1 10  ? 5.688   -5.213  -7.177  1.00 65.36  ? 9   GLY A N   1 
ATOM   66  C CA  . GLY A 1 10  ? 6.976   -4.577  -6.835  1.00 69.20  ? 9   GLY A CA  1 
ATOM   67  C C   . GLY A 1 10  ? 7.507   -5.076  -5.502  1.00 68.35  ? 9   GLY A C   1 
ATOM   68  O O   . GLY A 1 10  ? 6.880   -5.985  -4.926  1.00 66.03  ? 9   GLY A O   1 
ATOM   69  N N   . ARG A 1 11  ? 8.593   -4.460  -5.009  1.00 76.29  ? 10  ARG A N   1 
ATOM   70  C CA  . ARG A 1 11  ? 9.262   -4.812  -3.723  1.00 77.89  ? 10  ARG A CA  1 
ATOM   71  C C   . ARG A 1 11  ? 8.837   -3.812  -2.652  1.00 71.98  ? 10  ARG A C   1 
ATOM   72  O O   . ARG A 1 11  ? 8.831   -2.587  -2.956  1.00 70.42  ? 10  ARG A O   1 
ATOM   73  C CB  . ARG A 1 11  ? 10.785  -4.840  -3.890  1.00 84.04  ? 10  ARG A CB  1 
ATOM   74  C CG  . ARG A 1 11  ? 11.313  -6.103  -4.539  1.00 90.36  ? 10  ARG A CG  1 
ATOM   75  C CD  . ARG A 1 11  ? 12.824  -6.112  -4.610  1.00 95.39  ? 10  ARG A CD  1 
ATOM   76  N NE  . ARG A 1 11  ? 13.251  -7.109  -5.594  1.00 100.33 ? 10  ARG A NE  1 
ATOM   77  C CZ  . ARG A 1 11  ? 13.176  -8.441  -5.433  1.00 109.02 ? 10  ARG A CZ  1 
ATOM   78  N NH1 . ARG A 1 11  ? 13.580  -9.268  -6.385  1.00 115.39 ? 10  ARG A NH1 1 
ATOM   79  N NH2 . ARG A 1 11  ? 12.685  -8.972  -4.330  1.00 109.80 ? 10  ARG A NH2 1 
ATOM   80  N N   . LEU A 1 12  ? 8.522   -4.283  -1.451  1.00 67.81  ? 11  LEU A N   1 
ATOM   81  C CA  . LEU A 1 12  ? 8.459   -3.375  -0.262  1.00 72.17  ? 11  LEU A CA  1 
ATOM   82  C C   . LEU A 1 12  ? 9.780   -2.594  -0.097  1.00 75.29  ? 11  LEU A C   1 
ATOM   83  O O   . LEU A 1 12  ? 10.858  -3.217  -0.080  1.00 74.50  ? 11  LEU A O   1 
ATOM   84  C CB  . LEU A 1 12  ? 8.207   -4.186  1.004   1.00 68.62  ? 11  LEU A CB  1 
ATOM   85  C CG  . LEU A 1 12  ? 6.739   -4.449  1.286   1.00 68.81  ? 11  LEU A CG  1 
ATOM   86  C CD1 . LEU A 1 12  ? 6.198   -5.451  0.303   1.00 65.79  ? 11  LEU A CD1 1 
ATOM   87  C CD2 . LEU A 1 12  ? 6.545   -4.943  2.708   1.00 72.64  ? 11  LEU A CD2 1 
ATOM   88  N N   . THR A 1 13  ? 9.723   -1.279  0.089   1.00 75.89  ? 12  THR A N   1 
ATOM   89  C CA  . THR A 1 13  ? 10.926  -0.459  0.376   1.00 79.12  ? 12  THR A CA  1 
ATOM   90  C C   . THR A 1 13  ? 11.285  -0.540  1.867   1.00 84.02  ? 12  THR A C   1 
ATOM   91  O O   . THR A 1 13  ? 12.473  -0.386  2.172   1.00 101.50 ? 12  THR A O   1 
ATOM   92  C CB  . THR A 1 13  ? 10.686  0.970   -0.067  1.00 78.29  ? 12  THR A CB  1 
ATOM   93  O OG1 . THR A 1 13  ? 9.469   1.235   0.616   1.00 79.14  ? 12  THR A OG1 1 
ATOM   94  C CG2 . THR A 1 13  ? 10.566  1.123   -1.568  1.00 77.13  ? 12  THR A CG2 1 
ATOM   95  N N   . ARG A 1 14  ? 10.319  -0.849  2.730   1.00 81.37  ? 13  ARG A N   1 
ATOM   96  C CA  . ARG A 1 14  ? 10.452  -0.911  4.204   1.00 83.58  ? 13  ARG A CA  1 
ATOM   97  C C   . ARG A 1 14  ? 9.588   -2.041  4.766   1.00 80.39  ? 13  ARG A C   1 
ATOM   98  O O   . ARG A 1 14  ? 8.592   -2.378  4.111   1.00 80.64  ? 13  ARG A O   1 
ATOM   99  C CB  . ARG A 1 14  ? 9.915   0.380   4.846   1.00 88.40  ? 13  ARG A CB  1 
ATOM   100 C CG  . ARG A 1 14  ? 10.766  1.640   4.686   1.00 99.63  ? 13  ARG A CG  1 
ATOM   101 C CD  . ARG A 1 14  ? 11.857  1.921   5.742   1.00 103.40 ? 13  ARG A CD  1 
ATOM   102 N NE  . ARG A 1 14  ? 12.982  2.600   5.099   0.50 98.39  ? 13  ARG A NE  1 
ATOM   103 C CZ  . ARG A 1 14  ? 14.258  2.521   5.437   0.50 103.44 ? 13  ARG A CZ  1 
ATOM   104 N NH1 . ARG A 1 14  ? 15.140  3.212   4.740   0.50 106.53 ? 13  ARG A NH1 1 
ATOM   105 N NH2 . ARG A 1 14  ? 14.669  1.753   6.431   0.50 103.87 ? 13  ARG A NH2 1 
ATOM   106 N N   . ASP A 1 15  ? 9.819   -2.458  6.014   1.00 81.43  ? 14  ASP A N   1 
ATOM   107 C CA  . ASP A 1 15  ? 8.834   -3.247  6.801   1.00 82.08  ? 14  ASP A CA  1 
ATOM   108 C C   . ASP A 1 15  ? 7.483   -2.539  6.798   1.00 82.50  ? 14  ASP A C   1 
ATOM   109 O O   . ASP A 1 15  ? 7.394   -1.325  6.717   1.00 82.28  ? 14  ASP A O   1 
ATOM   110 C CB  . ASP A 1 15  ? 9.317   -3.520  8.219   1.00 87.24  ? 14  ASP A CB  1 
ATOM   111 C CG  . ASP A 1 15  ? 10.533  -4.432  8.229   1.00 95.29  ? 14  ASP A CG  1 
ATOM   112 O OD1 . ASP A 1 15  ? 10.893  -4.949  7.128   1.00 89.20  ? 14  ASP A OD1 1 
ATOM   113 O OD2 . ASP A 1 15  ? 11.106  -4.640  9.333   1.00 99.92  ? 14  ASP A OD2 1 
ATOM   114 N N   . PRO A 1 16  ? 6.362   -3.284  6.797   1.00 82.99  ? 15  PRO A N   1 
ATOM   115 C CA  . PRO A 1 16  ? 5.049   -2.675  6.946   1.00 80.73  ? 15  PRO A CA  1 
ATOM   116 C C   . PRO A 1 16  ? 4.852   -2.126  8.365   1.00 83.88  ? 15  PRO A C   1 
ATOM   117 O O   . PRO A 1 16  ? 5.264   -2.713  9.325   1.00 84.00  ? 15  PRO A O   1 
ATOM   118 C CB  . PRO A 1 16  ? 4.083   -3.845  6.698   1.00 80.17  ? 15  PRO A CB  1 
ATOM   119 C CG  . PRO A 1 16  ? 4.868   -5.048  7.145   1.00 82.03  ? 15  PRO A CG  1 
ATOM   120 C CD  . PRO A 1 16  ? 6.284   -4.750  6.691   1.00 84.43  ? 15  PRO A CD  1 
ATOM   121 N N   . GLU A 1 17  ? 4.147   -1.013  8.440   1.00 87.66  ? 16  GLU A N   1 
ATOM   122 C CA  . GLU A 1 17  ? 3.781   -0.340  9.700   1.00 87.00  ? 16  GLU A CA  1 
ATOM   123 C C   . GLU A 1 17  ? 2.293   -0.650  9.934   1.00 83.07  ? 16  GLU A C   1 
ATOM   124 O O   . GLU A 1 17  ? 1.471   -0.453  9.031   1.00 82.02  ? 16  GLU A O   1 
ATOM   125 C CB  . GLU A 1 17  ? 4.217   1.115   9.551   1.00 94.01  ? 16  GLU A CB  1 
ATOM   126 C CG  . GLU A 1 17  ? 3.317   2.120   10.247  1.00 108.88 ? 16  GLU A CG  1 
ATOM   127 C CD  . GLU A 1 17  ? 3.987   3.427   10.667  1.00 119.46 ? 16  GLU A CD  1 
ATOM   128 O OE1 . GLU A 1 17  ? 5.098   3.397   11.336  1.00 125.40 ? 16  GLU A OE1 1 
ATOM   129 O OE2 . GLU A 1 17  ? 3.378   4.477   10.367  1.00 118.62 ? 16  GLU A OE2 1 
ATOM   130 N N   . THR A 1 18  ? 1.995   -1.237  11.079  1.00 84.27  ? 17  THR A N   1 
ATOM   131 C CA  . THR A 1 18  ? 0.660   -1.709  11.509  1.00 85.01  ? 17  THR A CA  1 
ATOM   132 C C   . THR A 1 18  ? 0.248   -0.930  12.758  1.00 89.19  ? 17  THR A C   1 
ATOM   133 O O   . THR A 1 18  ? 0.984   -0.996  13.752  1.00 89.02  ? 17  THR A O   1 
ATOM   134 C CB  . THR A 1 18  ? 0.719   -3.211  11.805  1.00 85.50  ? 17  THR A CB  1 
ATOM   135 O OG1 . THR A 1 18  ? 1.162   -3.810  10.585  1.00 85.88  ? 17  THR A OG1 1 
ATOM   136 C CG2 . THR A 1 18  ? -0.587  -3.798  12.291  1.00 84.10  ? 17  THR A CG2 1 
ATOM   137 N N   . ARG A 1 19  ? -0.871  -0.206  12.697  1.00 93.73  ? 18  ARG A N   1 
ATOM   138 C CA  . ARG A 1 19  ? -1.513  0.384   13.896  1.00 94.75  ? 18  ARG A CA  1 
ATOM   139 C C   . ARG A 1 19  ? -3.010  0.080   13.897  1.00 96.86  ? 18  ARG A C   1 
ATOM   140 O O   . ARG A 1 19  ? -3.565  -0.299  12.859  1.00 94.06  ? 18  ARG A O   1 
ATOM   141 C CB  . ARG A 1 19  ? -1.160  1.866   14.059  1.00 96.07  ? 18  ARG A CB  1 
ATOM   142 C CG  . ARG A 1 19  ? -1.490  2.829   12.926  1.00 96.39  ? 18  ARG A CG  1 
ATOM   143 C CD  . ARG A 1 19  ? -0.864  4.198   13.264  1.00 98.41  ? 18  ARG A CD  1 
ATOM   144 N NE  . ARG A 1 19  ? -1.067  4.587   14.674  1.00 98.36  ? 18  ARG A NE  1 
ATOM   145 C CZ  . ARG A 1 19  ? -2.003  5.420   15.129  1.00 98.99  ? 18  ARG A CZ  1 
ATOM   146 N NH1 . ARG A 1 19  ? -2.830  6.018   14.289  1.00 99.88  ? 18  ARG A NH1 1 
ATOM   147 N NH2 . ARG A 1 19  ? -2.098  5.672   16.423  1.00 101.44 ? 18  ARG A NH2 1 
ATOM   148 N N   . GLN A 1 20  ? -3.592  0.095   15.083  1.00 108.36 ? 19  GLN A N   1 
ATOM   149 C CA  . GLN A 1 20  ? -5.044  0.001   15.321  1.00 114.83 ? 19  GLN A CA  1 
ATOM   150 C C   . GLN A 1 20  ? -5.586  1.422   15.487  1.00 121.03 ? 19  GLN A C   1 
ATOM   151 O O   . GLN A 1 20  ? -5.441  1.900   16.601  1.00 128.18 ? 19  GLN A O   1 
ATOM   152 C CB  . GLN A 1 20  ? -5.252  -0.849  16.573  1.00 119.75 ? 19  GLN A CB  1 
ATOM   153 C CG  . GLN A 1 20  ? -6.659  -1.403  16.661  1.00 125.27 ? 19  GLN A CG  1 
ATOM   154 C CD  . GLN A 1 20  ? -6.813  -2.313  17.847  1.00 134.11 ? 19  GLN A CD  1 
ATOM   155 O OE1 . GLN A 1 20  ? -6.620  -1.897  18.992  1.00 136.31 ? 19  GLN A OE1 1 
ATOM   156 N NE2 . GLN A 1 20  ? -7.167  -3.562  17.570  1.00 135.69 ? 19  GLN A NE2 1 
ATOM   157 N N   . THR A 1 21  ? -6.121  2.095   14.445  1.00 126.99 ? 20  THR A N   1 
ATOM   158 C CA  . THR A 1 21  ? -6.797  3.429   14.579  1.00 133.33 ? 20  THR A CA  1 
ATOM   159 C C   . THR A 1 21  ? -7.857  3.322   15.676  1.00 141.79 ? 20  THR A C   1 
ATOM   160 O O   . THR A 1 21  ? -8.329  2.188   15.877  1.00 145.37 ? 20  THR A O   1 
ATOM   161 C CB  . THR A 1 21  ? -7.444  3.906   13.282  1.00 134.26 ? 20  THR A CB  1 
ATOM   162 O OG1 . THR A 1 21  ? -8.222  2.798   12.821  1.00 139.03 ? 20  THR A OG1 1 
ATOM   163 C CG2 . THR A 1 21  ? -6.427  4.373   12.259  1.00 136.33 ? 20  THR A CG2 1 
ATOM   164 N N   . LEU A 1 22  ? -8.200  4.418   16.380  1.00 150.86 ? 21  LEU A N   1 
ATOM   165 C CA  . LEU A 1 22  ? -8.739  4.330   17.780  1.00 159.61 ? 21  LEU A CA  1 
ATOM   166 C C   . LEU A 1 22  ? -10.158 3.732   17.807  1.00 155.87 ? 21  LEU A C   1 
ATOM   167 O O   . LEU A 1 22  ? -10.581 3.352   18.901  1.00 153.45 ? 21  LEU A O   1 
ATOM   168 C CB  . LEU A 1 22  ? -8.694  5.691   18.497  1.00 163.23 ? 21  LEU A CB  1 
ATOM   169 C CG  . LEU A 1 22  ? -8.537  5.646   20.024  1.00 167.85 ? 21  LEU A CG  1 
ATOM   170 C CD1 . LEU A 1 22  ? -7.657  4.484   20.477  1.00 168.95 ? 21  LEU A CD1 1 
ATOM   171 C CD2 . LEU A 1 22  ? -7.978  6.955   20.570  1.00 170.39 ? 21  LEU A CD2 1 
ATOM   172 N N   . ASP A 1 23  ? -10.825 3.626   16.647  1.00 153.59 ? 22  ASP A N   1 
ATOM   173 C CA  . ASP A 1 23  ? -12.126 2.934   16.402  1.00 150.81 ? 22  ASP A CA  1 
ATOM   174 C C   . ASP A 1 23  ? -12.049 1.397   16.550  1.00 148.84 ? 22  ASP A C   1 
ATOM   175 O O   . ASP A 1 23  ? -13.107 0.765   16.447  1.00 149.61 ? 22  ASP A O   1 
ATOM   176 C CB  . ASP A 1 23  ? -12.633 3.255   14.990  1.00 147.52 ? 22  ASP A CB  1 
ATOM   177 C CG  . ASP A 1 23  ? -11.783 2.690   13.859  1.00 144.99 ? 22  ASP A CG  1 
ATOM   178 O OD1 . ASP A 1 23  ? -10.556 2.552   14.035  1.00 143.92 ? 22  ASP A OD1 1 
ATOM   179 O OD2 . ASP A 1 23  ? -12.347 2.407   12.802  1.00 153.12 ? 22  ASP A OD2 1 
ATOM   180 N N   . GLY A 1 24  ? -10.863 0.798   16.712  1.00 144.04 ? 23  GLY A N   1 
ATOM   181 C CA  . GLY A 1 24  ? -10.691 -0.658  16.907  1.00 139.31 ? 23  GLY A CA  1 
ATOM   182 C C   . GLY A 1 24  ? -10.436 -1.428  15.615  1.00 135.62 ? 23  GLY A C   1 
ATOM   183 O O   . GLY A 1 24  ? -10.530 -2.659  15.645  1.00 133.31 ? 23  GLY A O   1 
ATOM   184 N N   . ASN A 1 25  ? -10.095 -0.761  14.514  1.00 130.26 ? 24  ASN A N   1 
ATOM   185 C CA  . ASN A 1 25  ? -9.733  -1.444  13.250  1.00 130.63 ? 24  ASN A CA  1 
ATOM   186 C C   . ASN A 1 25  ? -8.226  -1.414  13.003  1.00 119.79 ? 24  ASN A C   1 
ATOM   187 O O   . ASN A 1 25  ? -7.616  -0.357  13.201  1.00 123.02 ? 24  ASN A O   1 
ATOM   188 C CB  . ASN A 1 25  ? -10.440 -0.816  12.056  1.00 139.24 ? 24  ASN A CB  1 
ATOM   189 C CG  . ASN A 1 25  ? -11.875 -1.267  12.010  1.00 143.60 ? 24  ASN A CG  1 
ATOM   190 O OD1 . ASN A 1 25  ? -12.178 -2.388  12.414  1.00 141.16 ? 24  ASN A OD1 1 
ATOM   191 N ND2 . ASN A 1 25  ? -12.750 -0.388  11.567  1.00 152.32 ? 24  ASN A ND2 1 
ATOM   192 N N   . LEU A 1 26  ? -7.700  -2.496  12.439  1.00 99.47  ? 25  LEU A N   1 
ATOM   193 C CA  . LEU A 1 26  ? -6.275  -2.643  12.102  1.00 92.81  ? 25  LEU A CA  1 
ATOM   194 C C   . LEU A 1 26  ? -5.979  -2.066  10.709  1.00 90.46  ? 25  LEU A C   1 
ATOM   195 O O   . LEU A 1 26  ? -6.745  -2.301  9.786   1.00 91.47  ? 25  LEU A O   1 
ATOM   196 C CB  . LEU A 1 26  ? -5.988  -4.136  12.145  1.00 95.08  ? 25  LEU A CB  1 
ATOM   197 C CG  . LEU A 1 26  ? -4.533  -4.497  12.392  1.00 96.20  ? 25  LEU A CG  1 
ATOM   198 C CD1 . LEU A 1 26  ? -4.144  -4.123  13.816  1.00 99.09  ? 25  LEU A CD1 1 
ATOM   199 C CD2 . LEU A 1 26  ? -4.286  -5.979  12.114  1.00 94.72  ? 25  LEU A CD2 1 
ATOM   200 N N   . ILE A 1 27  ? -4.900  -1.301  10.571  1.00 89.11  ? 26  ILE A N   1 
ATOM   201 C CA  . ILE A 1 27  ? -4.419  -0.734  9.287   1.00 84.26  ? 26  ILE A CA  1 
ATOM   202 C C   . ILE A 1 27  ? -2.956  -1.087  9.211   1.00 82.61  ? 26  ILE A C   1 
ATOM   203 O O   . ILE A 1 27  ? -2.231  -0.912  10.213  1.00 88.23  ? 26  ILE A O   1 
ATOM   204 C CB  . ILE A 1 27  ? -4.636  0.780   9.131   1.00 89.65  ? 26  ILE A CB  1 
ATOM   205 C CG1 . ILE A 1 27  ? -6.102  1.115   8.859   1.00 101.97 ? 26  ILE A CG1 1 
ATOM   206 C CG2 . ILE A 1 27  ? -3.793  1.328   7.996   1.00 92.42  ? 26  ILE A CG2 1 
ATOM   207 C CD1 . ILE A 1 27  ? -6.951  1.366   10.087  1.00 110.36 ? 26  ILE A CD1 1 
ATOM   208 N N   . THR A 1 28  ? -2.579  -1.648  8.082   1.00 77.98  ? 27  THR A N   1 
ATOM   209 C CA  . THR A 1 28  ? -1.161  -1.787  7.755   1.00 76.33  ? 27  THR A CA  1 
ATOM   210 C C   . THR A 1 28  ? -0.885  -1.014  6.480   1.00 76.16  ? 27  THR A C   1 
ATOM   211 O O   . THR A 1 28  ? -1.653  -1.139  5.513   1.00 76.30  ? 27  THR A O   1 
ATOM   212 C CB  . THR A 1 28  ? -0.746  -3.245  7.652   1.00 77.06  ? 27  THR A CB  1 
ATOM   213 O OG1 . THR A 1 28  ? -1.004  -3.844  8.928   1.00 78.32  ? 27  THR A OG1 1 
ATOM   214 C CG2 . THR A 1 28  ? 0.708   -3.352  7.245   1.00 77.77  ? 27  THR A CG2 1 
ATOM   215 N N   . THR A 1 29  ? 0.212   -0.279  6.483   1.00 72.47  ? 28  THR A N   1 
ATOM   216 C CA  . THR A 1 29  ? 0.704   0.374   5.267   1.00 70.84  ? 28  THR A CA  1 
ATOM   217 C C   . THR A 1 29  ? 2.086   -0.120  4.950   1.00 66.36  ? 28  THR A C   1 
ATOM   218 O O   . THR A 1 29  ? 2.754   -0.591  5.868   1.00 72.94  ? 28  THR A O   1 
ATOM   219 C CB  . THR A 1 29  ? 0.764   1.880   5.459   1.00 73.53  ? 28  THR A CB  1 
ATOM   220 O OG1 . THR A 1 29  ? 1.579   2.014   6.635   1.00 77.44  ? 28  THR A OG1 1 
ATOM   221 C CG2 . THR A 1 29  ? -0.643  2.427   5.554   1.00 74.34  ? 28  THR A CG2 1 
ATOM   222 N N   . PHE A 1 30  ? 2.455   0.054   3.691   1.00 66.68  ? 29  PHE A N   1 
ATOM   223 C CA  . PHE A 1 30  ? 3.796   -0.202  3.149   1.00 66.44  ? 29  PHE A CA  1 
ATOM   224 C C   . PHE A 1 30  ? 3.820   0.388   1.762   1.00 64.77  ? 29  PHE A C   1 
ATOM   225 O O   . PHE A 1 30  ? 2.815   0.833   1.282   1.00 68.32  ? 29  PHE A O   1 
ATOM   226 C CB  . PHE A 1 30  ? 4.126   -1.697  3.147   1.00 71.64  ? 29  PHE A CB  1 
ATOM   227 C CG  . PHE A 1 30  ? 3.141   -2.581  2.424   1.00 72.70  ? 29  PHE A CG  1 
ATOM   228 C CD1 . PHE A 1 30  ? 2.027   -3.079  3.095   1.00 73.61  ? 29  PHE A CD1 1 
ATOM   229 C CD2 . PHE A 1 30  ? 3.355   -2.952  1.096   1.00 68.49  ? 29  PHE A CD2 1 
ATOM   230 C CE1 . PHE A 1 30  ? 1.131   -3.905  2.435   1.00 69.10  ? 29  PHE A CE1 1 
ATOM   231 C CE2 . PHE A 1 30  ? 2.425   -3.709  0.418   1.00 65.14  ? 29  PHE A CE2 1 
ATOM   232 C CZ  . PHE A 1 30  ? 1.344   -4.222  1.104   1.00 70.22  ? 29  PHE A CZ  1 
ATOM   233 N N   . THR A 1 31  ? 4.998   0.418   1.178   1.00 69.57  ? 30  THR A N   1 
ATOM   234 C CA  . THR A 1 31  ? 5.274   1.172   -0.044  1.00 68.36  ? 30  THR A CA  1 
ATOM   235 C C   . THR A 1 31  ? 5.925   0.208   -1.009  1.00 70.30  ? 30  THR A C   1 
ATOM   236 O O   . THR A 1 31  ? 6.913   -0.485  -0.588  1.00 65.42  ? 30  THR A O   1 
ATOM   237 C CB  . THR A 1 31  ? 6.144   2.383   0.279   1.00 72.75  ? 30  THR A CB  1 
ATOM   238 O OG1 . THR A 1 31  ? 5.357   3.076   1.250   1.00 81.55  ? 30  THR A OG1 1 
ATOM   239 C CG2 . THR A 1 31  ? 6.433   3.240   -0.938  1.00 75.74  ? 30  THR A CG2 1 
ATOM   240 N N   . LEU A 1 32  ? 5.410   0.194   -2.240  1.00 63.58  ? 31  LEU A N   1 
ATOM   241 C CA  . LEU A 1 32  ? 5.929   -0.743  -3.255  1.00 67.21  ? 31  LEU A CA  1 
ATOM   242 C C   . LEU A 1 32  ? 6.800   0.067   -4.202  1.00 65.00  ? 31  LEU A C   1 
ATOM   243 O O   . LEU A 1 32  ? 6.332   1.052   -4.765  1.00 64.84  ? 31  LEU A O   1 
ATOM   244 C CB  . LEU A 1 32  ? 4.800   -1.437  -4.037  1.00 66.16  ? 31  LEU A CB  1 
ATOM   245 C CG  . LEU A 1 32  ? 4.071   -2.606  -3.390  1.00 68.35  ? 31  LEU A CG  1 
ATOM   246 C CD1 . LEU A 1 32  ? 3.226   -3.310  -4.441  1.00 68.37  ? 31  LEU A CD1 1 
ATOM   247 C CD2 . LEU A 1 32  ? 5.018   -3.604  -2.740  1.00 72.55  ? 31  LEU A CD2 1 
ATOM   248 N N   . ALA A 1 33  ? 8.015   -0.384  -4.411  1.00 65.31  ? 32  ALA A N   1 
ATOM   249 C CA  . ALA A 1 33  ? 8.857   0.143   -5.494  1.00 68.25  ? 32  ALA A CA  1 
ATOM   250 C C   . ALA A 1 33  ? 8.395   -0.572  -6.763  1.00 69.83  ? 32  ALA A C   1 
ATOM   251 O O   . ALA A 1 33  ? 8.571   -1.776  -6.844  1.00 70.16  ? 32  ALA A O   1 
ATOM   252 C CB  . ALA A 1 33  ? 10.305  -0.111  -5.172  1.00 66.48  ? 32  ALA A CB  1 
ATOM   253 N N   . VAL A 1 34  ? 7.793   0.134   -7.703  1.00 67.27  ? 33  VAL A N   1 
ATOM   254 C CA  . VAL A 1 34  ? 7.320   -0.474  -8.977  1.00 63.87  ? 33  VAL A CA  1 
ATOM   255 C C   . VAL A 1 34  ? 8.141   0.132   -10.111 1.00 63.20  ? 33  VAL A C   1 
ATOM   256 O O   . VAL A 1 34  ? 7.847   1.245   -10.484 1.00 63.21  ? 33  VAL A O   1 
ATOM   257 C CB  . VAL A 1 34  ? 5.807   -0.227  -9.153  1.00 64.25  ? 33  VAL A CB  1 
ATOM   258 C CG1 . VAL A 1 34  ? 5.279   -0.954  -10.369 1.00 68.95  ? 33  VAL A CG1 1 
ATOM   259 C CG2 . VAL A 1 34  ? 5.000   -0.634  -7.922  1.00 58.79  ? 33  VAL A CG2 1 
ATOM   260 N N   . ASN A 1 35  ? 9.147   -0.553  -10.644 1.00 67.30  ? 34  ASN A N   1 
ATOM   261 C CA  . ASN A 1 35  ? 9.946   0.038   -11.744 1.00 72.96  ? 34  ASN A CA  1 
ATOM   262 C C   . ASN A 1 35  ? 8.994   0.263   -12.893 1.00 73.30  ? 34  ASN A C   1 
ATOM   263 O O   . ASN A 1 35  ? 7.916   -0.336  -12.889 1.00 75.26  ? 34  ASN A O   1 
ATOM   264 C CB  . ASN A 1 35  ? 11.123  -0.811  -12.217 1.00 83.94  ? 34  ASN A CB  1 
ATOM   265 C CG  . ASN A 1 35  ? 11.872  -1.411  -11.055 1.00 90.58  ? 34  ASN A CG  1 
ATOM   266 O OD1 . ASN A 1 35  ? 12.504  -0.696  -10.298 1.00 97.79  ? 34  ASN A OD1 1 
ATOM   267 N ND2 . ASN A 1 35  ? 11.768  -2.719  -10.881 1.00 107.25 ? 34  ASN A ND2 1 
ATOM   268 N N   . ARG A 1 36  ? 9.421   1.073   -13.844 1.00 78.44  ? 35  ARG A N   1 
ATOM   269 C CA  . ARG A 1 36  ? 8.739   1.263   -15.144 1.00 80.29  ? 35  ARG A CA  1 
ATOM   270 C C   . ARG A 1 36  ? 9.477   0.480   -16.240 1.00 87.60  ? 35  ARG A C   1 
ATOM   271 O O   . ARG A 1 36  ? 8.905   0.346   -17.289 1.00 91.16  ? 35  ARG A O   1 
ATOM   272 C CB  . ARG A 1 36  ? 8.654   2.764   -15.420 1.00 79.48  ? 35  ARG A CB  1 
ATOM   273 C CG  . ARG A 1 36  ? 7.780   3.535   -14.437 1.00 80.25  ? 35  ARG A CG  1 
ATOM   274 C CD  . ARG A 1 36  ? 7.887   5.017   -14.768 1.00 79.27  ? 35  ARG A CD  1 
ATOM   275 N NE  . ARG A 1 36  ? 7.339   5.942   -13.785 1.00 78.54  ? 35  ARG A NE  1 
ATOM   276 C CZ  . ARG A 1 36  ? 7.337   7.288   -13.907 1.00 82.04  ? 35  ARG A CZ  1 
ATOM   277 N NH1 . ARG A 1 36  ? 6.813   8.033   -12.938 1.00 74.79  ? 35  ARG A NH1 1 
ATOM   278 N NH2 . ARG A 1 36  ? 7.842   7.887   -14.985 1.00 78.73  ? 35  ARG A NH2 1 
ATOM   279 N N   . GLY A 1 37  ? 10.712  0.012   -16.013 1.00 104.65 ? 36  GLY A N   1 
ATOM   280 C CA  . GLY A 1 37  ? 11.440  -0.969  -16.854 1.00 116.70 ? 36  GLY A CA  1 
ATOM   281 C C   . GLY A 1 37  ? 10.993  -0.981  -18.311 1.00 122.71 ? 36  GLY A C   1 
ATOM   282 O O   . GLY A 1 37  ? 11.899  -0.869  -19.176 1.00 135.50 ? 36  GLY A O   1 
ATOM   283 N N   . GLY A 1 40  ? 14.480  0.423   -18.068 1.00 145.52 ? 39  GLY A N   1 
ATOM   284 C CA  . GLY A 1 40  ? 14.496  1.787   -17.516 1.00 144.97 ? 39  GLY A CA  1 
ATOM   285 C C   . GLY A 1 40  ? 14.960  1.813   -16.065 1.00 146.63 ? 39  GLY A C   1 
ATOM   286 O O   . GLY A 1 40  ? 14.948  0.738   -15.406 1.00 146.34 ? 39  GLY A O   1 
ATOM   287 N N   . ASP A 1 41  ? 15.308  3.013   -15.574 1.00 141.71 ? 40  ASP A N   1 
ATOM   288 C CA  . ASP A 1 41  ? 15.778  3.289   -14.184 1.00 134.87 ? 40  ASP A CA  1 
ATOM   289 C C   . ASP A 1 41  ? 14.697  3.981   -13.322 1.00 126.30 ? 40  ASP A C   1 
ATOM   290 O O   . ASP A 1 41  ? 14.877  3.962   -12.078 1.00 127.80 ? 40  ASP A O   1 
ATOM   291 C CB  . ASP A 1 41  ? 17.075  4.106   -14.205 1.00 143.22 ? 40  ASP A CB  1 
ATOM   292 C CG  . ASP A 1 41  ? 16.994  5.481   -14.859 1.00 143.75 ? 40  ASP A CG  1 
ATOM   293 O OD1 . ASP A 1 41  ? 15.855  6.027   -15.053 1.00 137.66 ? 40  ASP A OD1 1 
ATOM   294 O OD2 . ASP A 1 41  ? 18.078  6.014   -15.145 1.00 142.13 ? 40  ASP A OD2 1 
ATOM   295 N N   . ASP A 1 42  ? 13.646  4.572   -13.929 1.00 111.20 ? 41  ASP A N   1 
ATOM   296 C CA  . ASP A 1 42  ? 12.538  5.309   -13.250 1.00 103.09 ? 41  ASP A CA  1 
ATOM   297 C C   . ASP A 1 42  ? 11.694  4.343   -12.401 1.00 92.49  ? 41  ASP A C   1 
ATOM   298 O O   . ASP A 1 42  ? 11.584  3.204   -12.779 1.00 92.06  ? 41  ASP A O   1 
ATOM   299 C CB  . ASP A 1 42  ? 11.650  6.017   -14.277 1.00 107.82 ? 41  ASP A CB  1 
ATOM   300 C CG  . ASP A 1 42  ? 12.210  7.322   -14.796 1.00 116.89 ? 41  ASP A CG  1 
ATOM   301 O OD1 . ASP A 1 42  ? 13.174  7.824   -14.205 1.00 126.51 ? 41  ASP A OD1 1 
ATOM   302 O OD2 . ASP A 1 42  ? 11.652  7.834   -15.775 1.00 121.07 ? 41  ASP A OD2 1 
ATOM   303 N N   . VAL A 1 43  ? 11.121  4.789   -11.288 1.00 81.92  ? 42  VAL A N   1 
ATOM   304 C CA  . VAL A 1 43  ? 10.422  3.936   -10.293 1.00 73.72  ? 42  VAL A CA  1 
ATOM   305 C C   . VAL A 1 43  ? 9.248   4.733   -9.758  1.00 71.80  ? 42  VAL A C   1 
ATOM   306 O O   . VAL A 1 43  ? 9.463   5.856   -9.520  1.00 77.17  ? 42  VAL A O   1 
ATOM   307 C CB  . VAL A 1 43  ? 11.327  3.579   -9.112  1.00 74.63  ? 42  VAL A CB  1 
ATOM   308 C CG1 . VAL A 1 43  ? 10.581  2.727   -8.104  1.00 77.75  ? 42  VAL A CG1 1 
ATOM   309 C CG2 . VAL A 1 43  ? 12.567  2.875   -9.563  1.00 81.58  ? 42  VAL A CG2 1 
ATOM   310 N N   . ASP A 1 44  ? 8.098   4.143   -9.497  1.00 64.85  ? 43  ASP A N   1 
ATOM   311 C CA  . ASP A 1 44  ? 7.022   4.782   -8.714  1.00 64.90  ? 43  ASP A CA  1 
ATOM   312 C C   . ASP A 1 44  ? 7.003   4.056   -7.383  1.00 67.91  ? 43  ASP A C   1 
ATOM   313 O O   . ASP A 1 44  ? 7.062   2.841   -7.369  1.00 74.37  ? 43  ASP A O   1 
ATOM   314 C CB  . ASP A 1 44  ? 5.669   4.726   -9.431  1.00 63.23  ? 43  ASP A CB  1 
ATOM   315 C CG  . ASP A 1 44  ? 5.748   5.323   -10.828 1.00 65.94  ? 43  ASP A CG  1 
ATOM   316 O OD1 . ASP A 1 44  ? 5.854   6.549   -10.913 1.00 66.97  ? 43  ASP A OD1 1 
ATOM   317 O OD2 . ASP A 1 44  ? 5.757   4.557   -11.828 1.00 64.82  ? 43  ASP A OD2 1 
ATOM   318 N N   . PHE A 1 45  ? 6.940   4.798   -6.297  1.00 70.97  ? 44  PHE A N   1 
ATOM   319 C CA  . PHE A 1 45  ? 6.835   4.259   -4.928  1.00 67.86  ? 44  PHE A CA  1 
ATOM   320 C C   . PHE A 1 45  ? 5.394   4.445   -4.516  1.00 64.75  ? 44  PHE A C   1 
ATOM   321 O O   . PHE A 1 45  ? 5.031   5.532   -4.345  1.00 72.51  ? 44  PHE A O   1 
ATOM   322 C CB  . PHE A 1 45  ? 7.793   5.012   -4.006  1.00 66.25  ? 44  PHE A CB  1 
ATOM   323 C CG  . PHE A 1 45  ? 9.237   4.838   -4.384  1.00 70.54  ? 44  PHE A CG  1 
ATOM   324 C CD1 . PHE A 1 45  ? 9.946   3.719   -3.973  1.00 70.77  ? 44  PHE A CD1 1 
ATOM   325 C CD2 . PHE A 1 45  ? 9.879   5.779   -5.166  1.00 77.70  ? 44  PHE A CD2 1 
ATOM   326 C CE1 . PHE A 1 45  ? 11.277  3.556   -4.309  1.00 73.40  ? 44  PHE A CE1 1 
ATOM   327 C CE2 . PHE A 1 45  ? 11.218  5.627   -5.496  1.00 81.56  ? 44  PHE A CE2 1 
ATOM   328 C CZ  . PHE A 1 45  ? 11.915  4.519   -5.057  1.00 80.49  ? 44  PHE A CZ  1 
ATOM   329 N N   . ILE A 1 46  ? 4.615   3.408   -4.337  1.00 65.50  ? 45  ILE A N   1 
ATOM   330 C CA  . ILE A 1 46  ? 3.152   3.579   -4.184  1.00 61.19  ? 45  ILE A CA  1 
ATOM   331 C C   . ILE A 1 46  ? 2.754   3.084   -2.793  1.00 60.91  ? 45  ILE A C   1 
ATOM   332 O O   . ILE A 1 46  ? 3.088   1.949   -2.456  1.00 60.30  ? 45  ILE A O   1 
ATOM   333 C CB  . ILE A 1 46  ? 2.487   2.808   -5.335  1.00 59.98  ? 45  ILE A CB  1 
ATOM   334 C CG1 . ILE A 1 46  ? 2.909   3.367   -6.701  1.00 63.44  ? 45  ILE A CG1 1 
ATOM   335 C CG2 . ILE A 1 46  ? 0.988   2.786   -5.167  1.00 62.16  ? 45  ILE A CG2 1 
ATOM   336 C CD1 . ILE A 1 46  ? 2.758   2.398   -7.876  1.00 67.20  ? 45  ILE A CD1 1 
ATOM   337 N N   . ARG A 1 47  ? 2.027   3.889   -2.028  1.00 63.02  ? 46  ARG A N   1 
ATOM   338 C CA  . ARG A 1 47  ? 1.630   3.489   -0.669  1.00 65.73  ? 46  ARG A CA  1 
ATOM   339 C C   . ARG A 1 47  ? 0.549   2.457   -0.870  1.00 64.43  ? 46  ARG A C   1 
ATOM   340 O O   . ARG A 1 47  ? -0.375  2.755   -1.651  1.00 58.11  ? 46  ARG A O   1 
ATOM   341 C CB  . ARG A 1 47  ? 1.067   4.652   0.159   1.00 75.25  ? 46  ARG A CB  1 
ATOM   342 C CG  . ARG A 1 47  ? 0.765   4.244   1.603   1.00 86.12  ? 46  ARG A CG  1 
ATOM   343 C CD  . ARG A 1 47  ? 0.019   5.281   2.460   1.00 95.41  ? 46  ARG A CD  1 
ATOM   344 N NE  . ARG A 1 47  ? 0.694   6.575   2.610   1.00 102.54 ? 46  ARG A NE  1 
ATOM   345 C CZ  . ARG A 1 47  ? 0.205   7.783   2.269   1.00 108.03 ? 46  ARG A CZ  1 
ATOM   346 N NH1 . ARG A 1 47  ? -1.004  7.934   1.750   1.00 102.14 ? 46  ARG A NH1 1 
ATOM   347 N NH2 . ARG A 1 47  ? 0.939   8.865   2.477   1.00 114.67 ? 46  ARG A NH2 1 
ATOM   348 N N   . ILE A 1 48  ? 0.642   1.344   -0.158  1.00 64.80  ? 47  ILE A N   1 
ATOM   349 C CA  . ILE A 1 48  ? -0.441  0.338   -0.053  1.00 62.20  ? 47  ILE A CA  1 
ATOM   350 C C   . ILE A 1 48  ? -1.012  0.410   1.361   1.00 65.33  ? 47  ILE A C   1 
ATOM   351 O O   . ILE A 1 48  ? -0.238  0.558   2.309   1.00 68.05  ? 47  ILE A O   1 
ATOM   352 C CB  . ILE A 1 48  ? 0.093   -1.065  -0.393  1.00 65.20  ? 47  ILE A CB  1 
ATOM   353 C CG1 . ILE A 1 48  ? 0.963   -1.094  -1.659  1.00 60.77  ? 47  ILE A CG1 1 
ATOM   354 C CG2 . ILE A 1 48  ? -1.070  -2.037  -0.455  1.00 62.06  ? 47  ILE A CG2 1 
ATOM   355 C CD1 . ILE A 1 48  ? 0.243   -0.607  -2.880  1.00 60.22  ? 47  ILE A CD1 1 
ATOM   356 N N   . VAL A 1 49  ? -2.315  0.221   1.479   1.00 64.70  ? 48  VAL A N   1 
ATOM   357 C CA  . VAL A 1 49  ? -3.074  0.209   2.753   1.00 67.27  ? 48  VAL A CA  1 
ATOM   358 C C   . VAL A 1 49  ? -3.871  -1.072  2.783   1.00 69.53  ? 48  VAL A C   1 
ATOM   359 O O   . VAL A 1 49  ? -4.644  -1.278  1.839   1.00 69.48  ? 48  VAL A O   1 
ATOM   360 C CB  . VAL A 1 49  ? -4.048  1.394   2.835   1.00 76.00  ? 48  VAL A CB  1 
ATOM   361 C CG1 . VAL A 1 49  ? -4.740  1.442   4.185   1.00 78.04  ? 48  VAL A CG1 1 
ATOM   362 C CG2 . VAL A 1 49  ? -3.352  2.712   2.493   1.00 79.19  ? 48  VAL A CG2 1 
ATOM   363 N N   . ALA A 1 50  ? -3.691  -1.865  3.824   1.00 69.75  ? 49  ALA A N   1 
ATOM   364 C CA  . ALA A 1 50  ? -4.459  -3.097  4.087   1.00 66.90  ? 49  ALA A CA  1 
ATOM   365 C C   . ALA A 1 50  ? -5.286  -2.864  5.343   1.00 68.40  ? 49  ALA A C   1 
ATOM   366 O O   . ALA A 1 50  ? -4.772  -2.124  6.247   1.00 75.35  ? 49  ALA A O   1 
ATOM   367 C CB  . ALA A 1 50  ? -3.515  -4.249  4.287   1.00 68.92  ? 49  ALA A CB  1 
ATOM   368 N N   . PHE A 1 51  ? -6.443  -3.513  5.442   1.00 63.78  ? 50  PHE A N   1 
ATOM   369 C CA  . PHE A 1 51  ? -7.397  -3.366  6.567   1.00 69.66  ? 50  PHE A CA  1 
ATOM   370 C C   . PHE A 1 51  ? -7.785  -4.742  7.087   1.00 71.37  ? 50  PHE A C   1 
ATOM   371 O O   . PHE A 1 51  ? -7.656  -5.707  6.363   1.00 73.08  ? 50  PHE A O   1 
ATOM   372 C CB  . PHE A 1 51  ? -8.651  -2.616  6.111   1.00 70.48  ? 50  PHE A CB  1 
ATOM   373 C CG  . PHE A 1 51  ? -8.410  -1.267  5.486   1.00 70.10  ? 50  PHE A CG  1 
ATOM   374 C CD1 . PHE A 1 51  ? -8.155  -1.141  4.134   1.00 72.33  ? 50  PHE A CD1 1 
ATOM   375 C CD2 . PHE A 1 51  ? -8.420  -0.107  6.239   1.00 73.18  ? 50  PHE A CD2 1 
ATOM   376 C CE1 . PHE A 1 51  ? -7.949  0.107   3.543   1.00 71.41  ? 50  PHE A CE1 1 
ATOM   377 C CE2 . PHE A 1 51  ? -8.203  1.135   5.650   1.00 71.06  ? 50  PHE A CE2 1 
ATOM   378 C CZ  . PHE A 1 51  ? -7.975  1.241   4.301   1.00 68.15  ? 50  PHE A CZ  1 
ATOM   379 N N   . ARG A 1 52  ? -8.257  -4.826  8.322   1.00 81.65  ? 51  ARG A N   1 
ATOM   380 C CA  . ARG A 1 52  ? -8.772  -6.074  8.947   1.00 86.22  ? 51  ARG A CA  1 
ATOM   381 C C   . ARG A 1 52  ? -7.807  -7.243  8.638   1.00 83.80  ? 51  ARG A C   1 
ATOM   382 O O   . ARG A 1 52  ? -6.575  -7.086  8.858   1.00 79.83  ? 51  ARG A O   1 
ATOM   383 C CB  . ARG A 1 52  ? -10.256 -6.180  8.557   1.00 94.11  ? 51  ARG A CB  1 
ATOM   384 C CG  . ARG A 1 52  ? -11.134 -5.131  9.250   1.00 106.00 ? 51  ARG A CG  1 
ATOM   385 C CD  . ARG A 1 52  ? -12.500 -4.770  8.652   1.00 118.86 ? 51  ARG A CD  1 
ATOM   386 N NE  . ARG A 1 52  ? -12.474 -4.586  7.187   1.00 127.70 ? 51  ARG A NE  1 
ATOM   387 C CZ  . ARG A 1 52  ? -12.446 -3.422  6.514   1.00 131.62 ? 51  ARG A CZ  1 
ATOM   388 N NH1 . ARG A 1 52  ? -12.452 -2.261  7.148   1.00 144.46 ? 51  ARG A NH1 1 
ATOM   389 N NH2 . ARG A 1 52  ? -12.411 -3.421  5.189   1.00 129.91 ? 51  ARG A NH2 1 
ATOM   390 N N   . LYS A 1 53  ? -8.307  -8.394  8.193   1.00 86.52  ? 52  LYS A N   1 
ATOM   391 C CA  . LYS A 1 53  ? -7.506  -9.646  8.119   1.00 89.35  ? 52  LYS A CA  1 
ATOM   392 C C   . LYS A 1 53  ? -6.321  -9.419  7.192   1.00 80.25  ? 52  LYS A C   1 
ATOM   393 O O   . LYS A 1 53  ? -5.266  -9.947  7.454   1.00 85.11  ? 52  LYS A O   1 
ATOM   394 C CB  . LYS A 1 53  ? -8.341  -10.859 7.686   1.00 95.50  ? 52  LYS A CB  1 
ATOM   395 C CG  . LYS A 1 53  ? -8.607  -11.825 8.832   1.00 110.11 ? 52  LYS A CG  1 
ATOM   396 C CD  . LYS A 1 53  ? -9.773  -12.789 8.697   1.00 117.89 ? 52  LYS A CD  1 
ATOM   397 C CE  . LYS A 1 53  ? -10.315 -13.120 10.082  1.00 132.31 ? 52  LYS A CE  1 
ATOM   398 N NZ  . LYS A 1 53  ? -11.019 -14.427 10.155  1.00 139.78 ? 52  LYS A NZ  1 
ATOM   399 N N   . LEU A 1 54  ? -6.503  -8.663  6.132   1.00 78.45  ? 53  LEU A N   1 
ATOM   400 C CA  . LEU A 1 54  ? -5.422  -8.427  5.151   1.00 79.27  ? 53  LEU A CA  1 
ATOM   401 C C   . LEU A 1 54  ? -4.292  -7.607  5.828   1.00 77.97  ? 53  LEU A C   1 
ATOM   402 O O   . LEU A 1 54  ? -3.135  -7.907  5.573   1.00 80.34  ? 53  LEU A O   1 
ATOM   403 C CB  . LEU A 1 54  ? -6.056  -7.746  3.929   1.00 76.81  ? 53  LEU A CB  1 
ATOM   404 C CG  . LEU A 1 54  ? -5.261  -7.873  2.643   1.00 78.99  ? 53  LEU A CG  1 
ATOM   405 C CD1 . LEU A 1 54  ? -4.953  -9.340  2.361   1.00 82.43  ? 53  LEU A CD1 1 
ATOM   406 C CD2 . LEU A 1 54  ? -5.986  -7.226  1.478   1.00 79.11  ? 53  LEU A CD2 1 
ATOM   407 N N   . ALA A 1 55  ? -4.599  -6.631  6.691   1.00 78.22  ? 54  ALA A N   1 
ATOM   408 C CA  . ALA A 1 55  ? -3.623  -5.948  7.584   1.00 81.63  ? 54  ALA A CA  1 
ATOM   409 C C   . ALA A 1 55  ? -2.855  -6.955  8.461   1.00 81.22  ? 54  ALA A C   1 
ATOM   410 O O   . ALA A 1 55  ? -1.616  -6.874  8.572   1.00 73.24  ? 54  ALA A O   1 
ATOM   411 C CB  . ALA A 1 55  ? -4.337  -4.951  8.451   1.00 85.38  ? 54  ALA A CB  1 
ATOM   412 N N   . GLU A 1 56  ? -3.561  -7.897  9.063   1.00 80.60  ? 55  GLU A N   1 
ATOM   413 C CA  . GLU A 1 56  ? -2.904  -8.921  9.916   1.00 91.01  ? 55  GLU A CA  1 
ATOM   414 C C   . GLU A 1 56  ? -1.895  -9.700  9.057   1.00 86.25  ? 55  GLU A C   1 
ATOM   415 O O   . GLU A 1 56  ? -0.776  -9.951  9.487   1.00 88.29  ? 55  GLU A O   1 
ATOM   416 C CB  . GLU A 1 56  ? -3.977  -9.778  10.586  1.00 92.17  ? 55  GLU A CB  1 
ATOM   417 C CG  . GLU A 1 56  ? -3.448  -10.947 11.387  1.00 99.72  ? 55  GLU A CG  1 
ATOM   418 C CD  . GLU A 1 56  ? -4.544  -11.643 12.180  1.00 104.90 ? 55  GLU A CD  1 
ATOM   419 O OE1 . GLU A 1 56  ? -5.732  -11.230 12.090  1.00 108.37 ? 55  GLU A OE1 1 
ATOM   420 O OE2 . GLU A 1 56  ? -4.219  -12.592 12.877  1.00 108.92 ? 55  GLU A OE2 1 
ATOM   421 N N   . LEU A 1 57  ? -2.275  -10.039 7.850   1.00 82.92  ? 56  LEU A N   1 
ATOM   422 C CA  . LEU A 1 57  ? -1.449  -10.873 6.972   1.00 86.92  ? 56  LEU A CA  1 
ATOM   423 C C   . LEU A 1 57  ? -0.173  -10.100 6.638   1.00 83.89  ? 56  LEU A C   1 
ATOM   424 O O   . LEU A 1 57  ? 0.937   -10.639 6.868   1.00 87.89  ? 56  LEU A O   1 
ATOM   425 C CB  . LEU A 1 57  ? -2.297  -11.175 5.739   1.00 95.91  ? 56  LEU A CB  1 
ATOM   426 C CG  . LEU A 1 57  ? -1.722  -12.220 4.784   1.00 107.44 ? 56  LEU A CG  1 
ATOM   427 C CD1 . LEU A 1 57  ? -2.844  -13.052 4.190   1.00 110.10 ? 56  LEU A CD1 1 
ATOM   428 C CD2 . LEU A 1 57  ? -0.882  -11.571 3.680   1.00 108.97 ? 56  LEU A CD2 1 
ATOM   429 N N   . ALA A 1 58  ? -0.333  -8.885  6.119   1.00 76.00  ? 57  ALA A N   1 
ATOM   430 C CA  . ALA A 1 58  ? 0.773   -7.983  5.723   1.00 79.57  ? 57  ALA A CA  1 
ATOM   431 C C   . ALA A 1 58  ? 1.761   -7.858  6.890   1.00 81.57  ? 57  ALA A C   1 
ATOM   432 O O   . ALA A 1 58  ? 2.962   -8.093  6.660   1.00 82.90  ? 57  ALA A O   1 
ATOM   433 C CB  . ALA A 1 58  ? 0.242   -6.632  5.282   1.00 78.97  ? 57  ALA A CB  1 
ATOM   434 N N   . HIS A 1 59  ? 1.262   -7.572  8.097   1.00 78.38  ? 58  HIS A N   1 
ATOM   435 C CA  . HIS A 1 59  ? 2.055   -7.493  9.350   1.00 84.15  ? 58  HIS A CA  1 
ATOM   436 C C   . HIS A 1 59  ? 2.891   -8.762  9.517   1.00 90.88  ? 58  HIS A C   1 
ATOM   437 O O   . HIS A 1 59  ? 4.133   -8.662  9.772   1.00 91.89  ? 58  HIS A O   1 
ATOM   438 C CB  . HIS A 1 59  ? 1.139   -7.308  10.569  1.00 87.45  ? 58  HIS A CB  1 
ATOM   439 C CG  . HIS A 1 59  ? 1.903   -7.280  11.834  1.00 95.06  ? 58  HIS A CG  1 
ATOM   440 N ND1 . HIS A 1 59  ? 2.585   -6.143  12.243  1.00 94.37  ? 58  HIS A ND1 1 
ATOM   441 C CD2 . HIS A 1 59  ? 2.145   -8.255  12.743  1.00 101.72 ? 58  HIS A CD2 1 
ATOM   442 C CE1 . HIS A 1 59  ? 3.189   -6.412  13.385  1.00 105.03 ? 58  HIS A CE1 1 
ATOM   443 N NE2 . HIS A 1 59  ? 2.929   -7.704  13.716  1.00 105.46 ? 58  HIS A NE2 1 
ATOM   444 N N   . ASN A 1 60  ? 2.238   -9.914  9.356   1.00 90.41  ? 59  ASN A N   1 
ATOM   445 C CA  . ASN A 1 60  ? 2.825   -11.217 9.744   1.00 98.16  ? 59  ASN A CA  1 
ATOM   446 C C   . ASN A 1 60  ? 3.873   -11.618 8.709   1.00 95.00  ? 59  ASN A C   1 
ATOM   447 O O   . ASN A 1 60  ? 4.947   -12.072 9.119   1.00 95.16  ? 59  ASN A O   1 
ATOM   448 C CB  . ASN A 1 60  ? 1.748   -12.279 9.961   1.00 101.04 ? 59  ASN A CB  1 
ATOM   449 C CG  . ASN A 1 60  ? 0.959   -12.041 11.230  1.00 107.46 ? 59  ASN A CG  1 
ATOM   450 O OD1 . ASN A 1 60  ? 1.440   -11.369 12.156  1.00 115.20 ? 59  ASN A OD1 1 
ATOM   451 N ND2 . ASN A 1 60  ? -0.256  -12.577 11.268  1.00 105.99 ? 59  ASN A ND2 1 
ATOM   452 N N   . TYR A 1 61  ? 3.612   -11.406 7.426   1.00 89.83  ? 60  TYR A N   1 
ATOM   453 C CA  . TYR A 1 61  ? 4.412   -12.068 6.365   1.00 93.62  ? 60  TYR A CA  1 
ATOM   454 C C   . TYR A 1 61  ? 5.166   -11.080 5.476   1.00 86.18  ? 60  TYR A C   1 
ATOM   455 O O   . TYR A 1 61  ? 6.016   -11.518 4.732   1.00 91.58  ? 60  TYR A O   1 
ATOM   456 C CB  . TYR A 1 61  ? 3.526   -12.997 5.534   1.00 94.20  ? 60  TYR A CB  1 
ATOM   457 C CG  . TYR A 1 61  ? 2.877   -14.061 6.365   1.00 100.48 ? 60  TYR A CG  1 
ATOM   458 C CD1 . TYR A 1 61  ? 3.617   -15.118 6.853   1.00 111.03 ? 60  TYR A CD1 1 
ATOM   459 C CD2 . TYR A 1 61  ? 1.541   -13.983 6.703   1.00 103.23 ? 60  TYR A CD2 1 
ATOM   460 C CE1 . TYR A 1 61  ? 3.032   -16.102 7.633   1.00 119.05 ? 60  TYR A CE1 1 
ATOM   461 C CE2 . TYR A 1 61  ? 0.934   -14.960 7.471   1.00 107.46 ? 60  TYR A CE2 1 
ATOM   462 C CZ  . TYR A 1 61  ? 1.685   -16.023 7.935   1.00 116.56 ? 60  TYR A CZ  1 
ATOM   463 O OH  . TYR A 1 61  ? 1.106   -16.975 8.712   1.00 129.01 ? 60  TYR A OH  1 
ATOM   464 N N   . LEU A 1 62  ? 4.916   -9.790  5.500   1.00 82.31  ? 61  LEU A N   1 
ATOM   465 C CA  . LEU A 1 62  ? 5.729   -8.935  4.596   1.00 84.92  ? 61  LEU A CA  1 
ATOM   466 C C   . LEU A 1 62  ? 6.895   -8.281  5.347   1.00 91.89  ? 61  LEU A C   1 
ATOM   467 O O   . LEU A 1 62  ? 6.748   -7.928  6.495   1.00 94.30  ? 61  LEU A O   1 
ATOM   468 C CB  . LEU A 1 62  ? 4.805   -7.908  3.966   1.00 85.44  ? 61  LEU A CB  1 
ATOM   469 C CG  . LEU A 1 62  ? 3.676   -8.511  3.148   1.00 86.61  ? 61  LEU A CG  1 
ATOM   470 C CD1 . LEU A 1 62  ? 2.776   -7.402  2.647   1.00 85.86  ? 61  LEU A CD1 1 
ATOM   471 C CD2 . LEU A 1 62  ? 4.233   -9.353  1.994   1.00 87.62  ? 61  LEU A CD2 1 
ATOM   472 N N   . GLN A 1 63  ? 8.035   -8.155  4.684   1.00 98.47  ? 62  GLN A N   1 
ATOM   473 C CA  . GLN A 1 63  ? 9.279   -7.548  5.209   1.00 97.71  ? 62  GLN A CA  1 
ATOM   474 C C   . GLN A 1 63  ? 9.868   -6.714  4.088   1.00 91.89  ? 62  GLN A C   1 
ATOM   475 O O   . GLN A 1 63  ? 9.562   -6.989  2.950   1.00 92.23  ? 62  GLN A O   1 
ATOM   476 C CB  . GLN A 1 63  ? 10.278  -8.620  5.606   1.00 107.31 ? 62  GLN A CB  1 
ATOM   477 C CG  . GLN A 1 63  ? 10.032  -9.172  6.994   1.00 119.66 ? 62  GLN A CG  1 
ATOM   478 C CD  . GLN A 1 63  ? 10.216  -10.662 6.989   1.00 123.24 ? 62  GLN A CD  1 
ATOM   479 O OE1 . GLN A 1 63  ? 9.481   -11.386 6.332   1.00 125.64 ? 62  GLN A OE1 1 
ATOM   480 N NE2 . GLN A 1 63  ? 11.208  -11.124 7.718   1.00 131.66 ? 62  GLN A NE2 1 
ATOM   481 N N   . LYS A 1 64  ? 10.651  -5.706  4.423   1.00 94.81  ? 63  LYS A N   1 
ATOM   482 C CA  . LYS A 1 64  ? 11.403  -4.884  3.451   1.00 92.46  ? 63  LYS A CA  1 
ATOM   483 C C   . LYS A 1 64  ? 12.034  -5.816  2.403   1.00 89.00  ? 63  LYS A C   1 
ATOM   484 O O   . LYS A 1 64  ? 12.532  -6.879  2.765   1.00 87.98  ? 63  LYS A O   1 
ATOM   485 C CB  . LYS A 1 64  ? 12.444  -4.045  4.200   1.00 98.46  ? 63  LYS A CB  1 
ATOM   486 C CG  . LYS A 1 64  ? 13.339  -3.206  3.310   1.00 103.36 ? 63  LYS A CG  1 
ATOM   487 C CD  . LYS A 1 64  ? 14.704  -2.967  3.871   1.00 113.53 ? 63  LYS A CD  1 
ATOM   488 C CE  . LYS A 1 64  ? 15.419  -1.860  3.133   1.00 120.28 ? 63  LYS A CE  1 
ATOM   489 N NZ  . LYS A 1 64  ? 16.020  -0.889  4.078   1.00 133.88 ? 63  LYS A NZ  1 
ATOM   490 N N   . GLY A 1 65  ? 11.984  -5.430  1.130   1.00 87.46  ? 64  GLY A N   1 
ATOM   491 C CA  . GLY A 1 65  ? 12.692  -6.100  0.021   1.00 88.15  ? 64  GLY A CA  1 
ATOM   492 C C   . GLY A 1 65  ? 11.878  -7.207  -0.644  1.00 85.74  ? 64  GLY A C   1 
ATOM   493 O O   . GLY A 1 65  ? 12.268  -7.605  -1.730  1.00 84.19  ? 64  GLY A O   1 
ATOM   494 N N   . ARG A 1 66  ? 10.826  -7.712  0.008   1.00 84.42  ? 65  ARG A N   1 
ATOM   495 C CA  . ARG A 1 66  ? 9.964   -8.818  -0.491  1.00 83.46  ? 65  ARG A CA  1 
ATOM   496 C C   . ARG A 1 66  ? 9.227   -8.343  -1.750  1.00 73.98  ? 65  ARG A C   1 
ATOM   497 O O   . ARG A 1 66  ? 8.686   -7.220  -1.776  1.00 76.47  ? 65  ARG A O   1 
ATOM   498 C CB  . ARG A 1 66  ? 8.988   -9.269  0.603   1.00 86.16  ? 65  ARG A CB  1 
ATOM   499 C CG  . ARG A 1 66  ? 8.219   -10.544 0.296   1.00 91.97  ? 65  ARG A CG  1 
ATOM   500 C CD  . ARG A 1 66  ? 9.103   -11.760 0.107   1.00 102.78 ? 65  ARG A CD  1 
ATOM   501 N NE  . ARG A 1 66  ? 8.392   -13.039 0.067   1.00 112.75 ? 65  ARG A NE  1 
ATOM   502 C CZ  . ARG A 1 66  ? 7.719   -13.589 1.079   1.00 115.51 ? 65  ARG A CZ  1 
ATOM   503 N NH1 . ARG A 1 66  ? 7.641   -12.957 2.234   1.00 120.87 ? 65  ARG A NH1 1 
ATOM   504 N NH2 . ARG A 1 66  ? 7.127   -14.767 0.935   1.00 115.73 ? 65  ARG A NH2 1 
ATOM   505 N N   . MET A 1 67  ? 9.236   -9.180  -2.767  1.00 73.99  ? 66  MET A N   1 
ATOM   506 C CA  . MET A 1 67  ? 8.435   -9.020  -3.988  1.00 73.55  ? 66  MET A CA  1 
ATOM   507 C C   . MET A 1 67  ? 7.023   -9.499  -3.668  1.00 69.80  ? 66  MET A C   1 
ATOM   508 O O   . MET A 1 67  ? 6.832   -10.566 -3.046  1.00 79.22  ? 66  MET A O   1 
ATOM   509 C CB  . MET A 1 67  ? 9.016   -9.852  -5.124  1.00 80.46  ? 66  MET A CB  1 
ATOM   510 C CG  . MET A 1 67  ? 8.368   -9.550  -6.463  1.00 87.27  ? 66  MET A CG  1 
ATOM   511 S SD  . MET A 1 67  ? 9.189   -8.250  -7.373  1.00 104.04 ? 66  MET A SD  1 
ATOM   512 C CE  . MET A 1 67  ? 10.368  -9.255  -8.274  1.00 105.67 ? 66  MET A CE  1 
ATOM   513 N N   . VAL A 1 68  ? 6.041   -8.757  -4.119  1.00 66.89  ? 67  VAL A N   1 
ATOM   514 C CA  . VAL A 1 68  ? 4.646   -9.130  -3.821  1.00 68.13  ? 67  VAL A CA  1 
ATOM   515 C C   . VAL A 1 68  ? 3.717   -8.558  -4.896  1.00 65.37  ? 67  VAL A C   1 
ATOM   516 O O   . VAL A 1 68  ? 4.048   -7.553  -5.597  1.00 62.29  ? 67  VAL A O   1 
ATOM   517 C CB  . VAL A 1 68  ? 4.320   -8.635  -2.408  1.00 72.60  ? 67  VAL A CB  1 
ATOM   518 C CG1 . VAL A 1 68  ? 3.913   -7.189  -2.447  1.00 70.48  ? 67  VAL A CG1 1 
ATOM   519 C CG2 . VAL A 1 68  ? 3.243   -9.450  -1.764  1.00 75.82  ? 67  VAL A CG2 1 
ATOM   520 N N   . LEU A 1 69  ? 2.592   -9.228  -5.067  1.00 64.46  ? 68  LEU A N   1 
ATOM   521 C CA  . LEU A 1 69  ? 1.504   -8.712  -5.918  1.00 63.83  ? 68  LEU A CA  1 
ATOM   522 C C   . LEU A 1 69  ? 0.417   -8.178  -4.995  1.00 57.50  ? 68  LEU A C   1 
ATOM   523 O O   . LEU A 1 69  ? 0.002   -8.862  -4.044  1.00 60.77  ? 68  LEU A O   1 
ATOM   524 C CB  . LEU A 1 69  ? 0.980   -9.824  -6.840  1.00 65.03  ? 68  LEU A CB  1 
ATOM   525 C CG  . LEU A 1 69  ? -0.151  -9.427  -7.791  1.00 59.28  ? 68  LEU A CG  1 
ATOM   526 C CD1 . LEU A 1 69  ? 0.020   -10.121 -9.128  1.00 59.54  ? 68  LEU A CD1 1 
ATOM   527 C CD2 . LEU A 1 69  ? -1.539  -9.692  -7.192  1.00 60.87  ? 68  LEU A CD2 1 
ATOM   528 N N   . VAL A 1 70  ? -0.090  -7.033  -5.362  1.00 55.45  ? 69  VAL A N   1 
ATOM   529 C CA  . VAL A 1 70  ? -1.244  -6.398  -4.695  1.00 59.30  ? 69  VAL A CA  1 
ATOM   530 C C   . VAL A 1 70  ? -2.248  -6.045  -5.779  1.00 57.25  ? 69  VAL A C   1 
ATOM   531 O O   . VAL A 1 70  ? -1.818  -5.473  -6.865  1.00 55.60  ? 69  VAL A O   1 
ATOM   532 C CB  . VAL A 1 70  ? -0.759  -5.117  -3.994  1.00 64.90  ? 69  VAL A CB  1 
ATOM   533 C CG1 . VAL A 1 70  ? -1.914  -4.297  -3.460  1.00 73.18  ? 69  VAL A CG1 1 
ATOM   534 C CG2 . VAL A 1 70  ? 0.207   -5.444  -2.880  1.00 67.19  ? 69  VAL A CG2 1 
ATOM   535 N N   . ASP A 1 71  ? -3.498  -6.405  -5.536  1.00 54.39  ? 70  ASP A N   1 
ATOM   536 C CA  . ASP A 1 71  ? -4.604  -5.755  -6.261  1.00 60.07  ? 70  ASP A CA  1 
ATOM   537 C C   . ASP A 1 71  ? -5.465  -5.019  -5.238  1.00 59.45  ? 70  ASP A C   1 
ATOM   538 O O   . ASP A 1 71  ? -5.539  -5.433  -4.031  1.00 63.05  ? 70  ASP A O   1 
ATOM   539 C CB  . ASP A 1 71  ? -5.316  -6.739  -7.212  1.00 65.51  ? 70  ASP A CB  1 
ATOM   540 C CG  . ASP A 1 71  ? -6.428  -7.594  -6.637  1.00 65.75  ? 70  ASP A CG  1 
ATOM   541 O OD1 . ASP A 1 71  ? -6.570  -7.574  -5.387  1.00 71.85  ? 70  ASP A OD1 1 
ATOM   542 O OD2 . ASP A 1 71  ? -7.175  -8.252  -7.452  1.00 74.17  ? 70  ASP A OD2 1 
ATOM   543 N N   . GLY A 1 72  ? -6.006  -3.906  -5.683  1.00 57.99  ? 71  GLY A N   1 
ATOM   544 C CA  . GLY A 1 72  ? -7.015  -3.163  -4.919  1.00 62.30  ? 71  GLY A CA  1 
ATOM   545 C C   . GLY A 1 72  ? -7.520  -2.012  -5.749  1.00 60.87  ? 71  GLY A C   1 
ATOM   546 O O   . GLY A 1 72  ? -7.520  -2.148  -6.987  1.00 66.82  ? 71  GLY A O   1 
ATOM   547 N N   . LYS A 1 73  ? -7.839  -0.902  -5.092  1.00 59.70  ? 72  LYS A N   1 
ATOM   548 C CA  . LYS A 1 73  ? -8.458  0.270   -5.723  1.00 57.05  ? 72  LYS A CA  1 
ATOM   549 C C   . LYS A 1 73  ? -7.617  1.490   -5.448  1.00 55.95  ? 72  LYS A C   1 
ATOM   550 O O   . LYS A 1 73  ? -7.168  1.634   -4.305  1.00 58.71  ? 72  LYS A O   1 
ATOM   551 C CB  . LYS A 1 73  ? -9.866  0.338   -5.166  1.00 62.11  ? 72  LYS A CB  1 
ATOM   552 C CG  . LYS A 1 73  ? -10.612 -0.968  -5.367  1.00 63.89  ? 72  LYS A CG  1 
ATOM   553 C CD  . LYS A 1 73  ? -12.070 -0.895  -5.038  1.00 62.41  ? 72  LYS A CD  1 
ATOM   554 C CE  . LYS A 1 73  ? -12.772 -2.189  -5.371  1.00 66.19  ? 72  LYS A CE  1 
ATOM   555 N NZ  . LYS A 1 73  ? -12.567 -3.187  -4.287  1.00 70.37  ? 72  LYS A NZ  1 
ATOM   556 N N   . LEU A 1 74  ? -7.472  2.343   -6.455  1.00 56.67  ? 73  LEU A N   1 
ATOM   557 C CA  . LEU A 1 74  ? -6.874  3.698   -6.320  1.00 62.39  ? 73  LEU A CA  1 
ATOM   558 C C   . LEU A 1 74  ? -7.816  4.616   -5.499  1.00 65.90  ? 73  LEU A C   1 
ATOM   559 O O   . LEU A 1 74  ? -9.010  4.705   -5.870  1.00 66.62  ? 73  LEU A O   1 
ATOM   560 C CB  . LEU A 1 74  ? -6.624  4.216   -7.739  1.00 62.21  ? 73  LEU A CB  1 
ATOM   561 C CG  . LEU A 1 74  ? -5.981  5.592   -7.808  1.00 69.25  ? 73  LEU A CG  1 
ATOM   562 C CD1 . LEU A 1 74  ? -4.737  5.610   -6.933  1.00 84.76  ? 73  LEU A CD1 1 
ATOM   563 C CD2 . LEU A 1 74  ? -5.596  5.937   -9.234  1.00 72.19  ? 73  LEU A CD2 1 
ATOM   564 N N   . ARG A 1 75  ? -7.314  5.210   -4.400  1.00 62.66  ? 74  ARG A N   1 
ATOM   565 C CA  . ARG A 1 75  ? -8.001  6.162   -3.466  1.00 70.30  ? 74  ARG A CA  1 
ATOM   566 C C   . ARG A 1 75  ? -7.177  7.450   -3.419  1.00 69.40  ? 74  ARG A C   1 
ATOM   567 O O   . ARG A 1 75  ? -5.951  7.394   -3.366  1.00 64.18  ? 74  ARG A O   1 
ATOM   568 C CB  . ARG A 1 75  ? -8.181  5.513   -2.091  1.00 76.00  ? 74  ARG A CB  1 
ATOM   569 C CG  . ARG A 1 75  ? -8.627  4.055   -2.227  1.00 86.06  ? 74  ARG A CG  1 
ATOM   570 C CD  . ARG A 1 75  ? -10.094 4.179   -2.155  1.00 87.31  ? 74  ARG A CD  1 
ATOM   571 N NE  . ARG A 1 75  ? -11.020 3.098   -2.361  1.00 80.72  ? 74  ARG A NE  1 
ATOM   572 C CZ  . ARG A 1 75  ? -11.722 2.954   -3.470  1.00 72.45  ? 74  ARG A CZ  1 
ATOM   573 N NH1 . ARG A 1 75  ? -11.414 3.591   -4.596  1.00 65.15  ? 74  ARG A NH1 1 
ATOM   574 N NH2 . ARG A 1 75  ? -12.721 2.115   -3.448  1.00 73.99  ? 74  ARG A NH2 1 
ATOM   575 N N   . ILE A 1 76  ? -7.812  8.586   -3.627  1.00 71.95  ? 75  ILE A N   1 
ATOM   576 C CA  . ILE A 1 76  ? -7.091  9.874   -3.590  1.00 75.13  ? 75  ILE A CA  1 
ATOM   577 C C   . ILE A 1 76  ? -7.512  10.546  -2.290  1.00 76.38  ? 75  ILE A C   1 
ATOM   578 O O   . ILE A 1 76  ? -8.654  10.903  -2.185  1.00 85.03  ? 75  ILE A O   1 
ATOM   579 C CB  . ILE A 1 76  ? -7.396  10.726  -4.815  1.00 75.71  ? 75  ILE A CB  1 
ATOM   580 C CG1 . ILE A 1 76  ? -6.958  10.072  -6.114  1.00 75.06  ? 75  ILE A CG1 1 
ATOM   581 C CG2 . ILE A 1 76  ? -6.739  12.083  -4.660  1.00 81.22  ? 75  ILE A CG2 1 
ATOM   582 C CD1 . ILE A 1 76  ? -5.501  9.813   -6.168  1.00 83.32  ? 75  ILE A CD1 1 
ATOM   583 N N   . ASN A 1 77  ? -6.616  10.578  -1.324  1.00 82.28  ? 76  ASN A N   1 
ATOM   584 C CA  . ASN A 1 77  ? -6.794  11.133  0.047   1.00 92.74  ? 76  ASN A CA  1 
ATOM   585 C C   . ASN A 1 77  ? -6.538  12.658  -0.061  1.00 92.16  ? 76  ASN A C   1 
ATOM   586 O O   . ASN A 1 77  ? -5.388  13.030  -0.333  1.00 84.71  ? 76  ASN A O   1 
ATOM   587 C CB  . ASN A 1 77  ? -5.838  10.286  0.903   1.00 104.63 ? 76  ASN A CB  1 
ATOM   588 C CG  . ASN A 1 77  ? -5.733  10.568  2.393   1.00 118.04 ? 76  ASN A CG  1 
ATOM   589 O OD1 . ASN A 1 77  ? -5.429  11.687  2.839   1.00 125.14 ? 76  ASN A OD1 1 
ATOM   590 N ND2 . ASN A 1 77  ? -5.830  9.491   3.167   1.00 118.39 ? 76  ASN A ND2 1 
ATOM   591 N N   . LYS A 1 78  ? -7.564  13.513  -0.041  1.00 90.12  ? 77  LYS A N   1 
ATOM   592 C CA  . LYS A 1 78  ? -7.407  14.982  -0.222  1.00 99.78  ? 77  LYS A CA  1 
ATOM   593 C C   . LYS A 1 78  ? -7.398  15.678  1.146   1.00 103.27 ? 77  LYS A C   1 
ATOM   594 O O   . LYS A 1 78  ? -7.907  15.106  2.114   1.00 108.10 ? 77  LYS A O   1 
ATOM   595 C CB  . LYS A 1 78  ? -8.544  15.572  -1.050  1.00 107.17 ? 77  LYS A CB  1 
ATOM   596 C CG  . LYS A 1 78  ? -8.441  15.280  -2.529  1.00 108.28 ? 77  LYS A CG  1 
ATOM   597 C CD  . LYS A 1 78  ? -9.627  15.791  -3.314  1.00 119.90 ? 77  LYS A CD  1 
ATOM   598 C CE  . LYS A 1 78  ? -9.362  17.090  -4.047  1.00 130.96 ? 77  LYS A CE  1 
ATOM   599 N NZ  . LYS A 1 78  ? -9.846  16.989  -5.444  1.00 136.37 ? 77  LYS A NZ  1 
ATOM   600 N N   . TRP A 1 79  ? -6.777  16.847  1.230   1.00 96.57  ? 78  TRP A N   1 
ATOM   601 C CA  . TRP A 1 79  ? -6.857  17.730  2.411   1.00 101.35 ? 78  TRP A CA  1 
ATOM   602 C C   . TRP A 1 79  ? -6.371  19.123  2.014   1.00 106.47 ? 78  TRP A C   1 
ATOM   603 O O   . TRP A 1 79  ? -5.609  19.269  1.020   1.00 104.56 ? 78  TRP A O   1 
ATOM   604 C CB  . TRP A 1 79  ? -6.094  17.150  3.609   1.00 97.83  ? 78  TRP A CB  1 
ATOM   605 C CG  . TRP A 1 79  ? -4.663  16.779  3.369   1.00 90.71  ? 78  TRP A CG  1 
ATOM   606 C CD1 . TRP A 1 79  ? -4.169  15.651  2.776   1.00 89.35  ? 78  TRP A CD1 1 
ATOM   607 C CD2 . TRP A 1 79  ? -3.521  17.520  3.823   1.00 93.93  ? 78  TRP A CD2 1 
ATOM   608 N NE1 . TRP A 1 79  ? -2.796  15.651  2.813   1.00 87.29  ? 78  TRP A NE1 1 
ATOM   609 C CE2 . TRP A 1 79  ? -2.373  16.789  3.438   1.00 94.08  ? 78  TRP A CE2 1 
ATOM   610 C CE3 . TRP A 1 79  ? -3.356  18.711  4.543   1.00 102.00 ? 78  TRP A CE3 1 
ATOM   611 C CZ2 . TRP A 1 79  ? -1.082  17.242  3.731   1.00 98.59  ? 78  TRP A CZ2 1 
ATOM   612 C CZ3 . TRP A 1 79  ? -2.079  19.166  4.829   1.00 105.20 ? 78  TRP A CZ3 1 
ATOM   613 C CH2 . TRP A 1 79  ? -0.958  18.436  4.419   1.00 101.81 ? 78  TRP A CH2 1 
ATOM   614 N N   . LYS A 1 80  ? -6.871  20.101  2.739   1.00 107.73 ? 79  LYS A N   1 
ATOM   615 C CA  . LYS A 1 80  ? -6.510  21.521  2.600   1.00 119.80 ? 79  LYS A CA  1 
ATOM   616 C C   . LYS A 1 80  ? -5.603  21.862  3.789   1.00 117.45 ? 79  LYS A C   1 
ATOM   617 O O   . LYS A 1 80  ? -5.884  21.395  4.884   1.00 115.86 ? 79  LYS A O   1 
ATOM   618 C CB  . LYS A 1 80  ? -7.778  22.375  2.667   1.00 133.07 ? 79  LYS A CB  1 
ATOM   619 C CG  . LYS A 1 80  ? -8.627  22.535  1.400   1.00 137.49 ? 79  LYS A CG  1 
ATOM   620 C CD  . LYS A 1 80  ? -9.906  23.328  1.669   1.00 149.22 ? 79  LYS A CD  1 
ATOM   621 C CE  . LYS A 1 80  ? -9.761  24.838  1.540   1.00 159.80 ? 79  LYS A CE  1 
ATOM   622 N NZ  . LYS A 1 80  ? -10.078 25.278  0.166   1.00 163.12 ? 79  LYS A NZ  1 
ATOM   623 N N   . THR A 1 81  ? -4.574  22.674  3.611   1.00 119.75 ? 80  THR A N   1 
ATOM   624 C CA  . THR A 1 81  ? -3.745  23.143  4.744   1.00 124.84 ? 80  THR A CA  1 
ATOM   625 C C   . THR A 1 81  ? -4.527  24.215  5.509   1.00 125.05 ? 80  THR A C   1 
ATOM   626 O O   . THR A 1 81  ? -5.639  24.577  5.068   1.00 122.07 ? 80  THR A O   1 
ATOM   627 C CB  . THR A 1 81  ? -2.355  23.565  4.261   1.00 125.60 ? 80  THR A CB  1 
ATOM   628 O OG1 . THR A 1 81  ? -2.527  24.536  3.232   1.00 134.09 ? 80  THR A OG1 1 
ATOM   629 C CG2 . THR A 1 81  ? -1.547  22.389  3.752   1.00 120.84 ? 80  THR A CG2 1 
ATOM   630 N N   . ASN A 1 82  ? -3.995  24.626  6.658   1.00 129.59 ? 81  ASN A N   1 
ATOM   631 C CA  . ASN A 1 82  ? -4.475  25.779  7.448   1.00 135.24 ? 81  ASN A CA  1 
ATOM   632 C C   . ASN A 1 82  ? -4.649  26.940  6.464   1.00 139.79 ? 81  ASN A C   1 
ATOM   633 O O   . ASN A 1 82  ? -5.728  27.542  6.399   1.00 141.59 ? 81  ASN A O   1 
ATOM   634 C CB  . ASN A 1 82  ? -3.484  26.062  8.575   1.00 141.08 ? 81  ASN A CB  1 
ATOM   635 C CG  . ASN A 1 82  ? -3.998  27.076  9.577   1.00 155.86 ? 81  ASN A CG  1 
ATOM   636 O OD1 . ASN A 1 82  ? -5.140  26.983  10.010  1.00 166.64 ? 81  ASN A OD1 1 
ATOM   637 N ND2 . ASN A 1 82  ? -3.174  28.039  9.972   1.00 155.54 ? 81  ASN A ND2 1 
ATOM   638 N N   . ASP A 1 83  ? -3.624  27.180  5.652   1.00 145.53 ? 82  ASP A N   1 
ATOM   639 C CA  . ASP A 1 83  ? -3.594  28.239  4.609   1.00 152.60 ? 82  ASP A CA  1 
ATOM   640 C C   . ASP A 1 83  ? -4.491  27.928  3.389   1.00 147.12 ? 82  ASP A C   1 
ATOM   641 O O   . ASP A 1 83  ? -4.579  28.785  2.524   1.00 149.08 ? 82  ASP A O   1 
ATOM   642 C CB  . ASP A 1 83  ? -2.155  28.443  4.131   1.00 159.94 ? 82  ASP A CB  1 
ATOM   643 C CG  . ASP A 1 83  ? -1.923  29.804  3.512   1.00 174.78 ? 82  ASP A CG  1 
ATOM   644 O OD1 . ASP A 1 83  ? -2.753  30.701  3.739   1.00 193.92 ? 82  ASP A OD1 1 
ATOM   645 O OD2 . ASP A 1 83  ? -0.913  29.963  2.809   1.00 185.34 ? 82  ASP A OD2 1 
ATOM   646 N N   . GLY A 1 84  ? -5.108  26.755  3.248   1.00 136.85 ? 83  GLY A N   1 
ATOM   647 C CA  . GLY A 1 84  ? -6.053  26.513  2.139   1.00 132.29 ? 83  GLY A CA  1 
ATOM   648 C C   . GLY A 1 84  ? -5.406  25.821  0.937   1.00 130.30 ? 83  GLY A C   1 
ATOM   649 O O   . GLY A 1 84  ? -6.151  25.314  0.078   1.00 123.95 ? 83  GLY A O   1 
ATOM   650 N N   . GLN A 1 85  ? -4.071  25.735  0.872   1.00 131.29 ? 84  GLN A N   1 
ATOM   651 C CA  . GLN A 1 85  ? -3.325  25.134  -0.273  1.00 124.99 ? 84  GLN A CA  1 
ATOM   652 C C   . GLN A 1 85  ? -3.668  23.648  -0.357  1.00 124.47 ? 84  GLN A C   1 
ATOM   653 O O   . GLN A 1 85  ? -3.568  22.941  0.639   1.00 121.92 ? 84  GLN A O   1 
ATOM   654 C CB  . GLN A 1 85  ? -1.805  25.283  -0.122  1.00 125.42 ? 84  GLN A CB  1 
ATOM   655 C CG  . GLN A 1 85  ? -1.320  26.620  0.446   1.00 137.54 ? 84  GLN A CG  1 
ATOM   656 C CD  . GLN A 1 85  ? 0.182   26.762  0.348   1.00 139.04 ? 84  GLN A CD  1 
ATOM   657 O OE1 . GLN A 1 85  ? 0.865   25.922  -0.251  1.00 132.35 ? 84  GLN A OE1 1 
ATOM   658 N NE2 . GLN A 1 85  ? 0.711   27.830  0.937   1.00 142.07 ? 84  GLN A NE2 1 
ATOM   659 N N   . PRO A 1 86  ? -4.018  23.093  -1.543  1.00 123.45 ? 85  PRO A N   1 
ATOM   660 C CA  . PRO A 1 86  ? -4.505  21.715  -1.623  1.00 112.41 ? 85  PRO A CA  1 
ATOM   661 C C   . PRO A 1 86  ? -3.353  20.701  -1.607  1.00 107.92 ? 85  PRO A C   1 
ATOM   662 O O   . PRO A 1 86  ? -2.321  20.951  -2.245  1.00 107.44 ? 85  PRO A O   1 
ATOM   663 C CB  . PRO A 1 86  ? -5.225  21.696  -2.975  1.00 112.99 ? 85  PRO A CB  1 
ATOM   664 C CG  . PRO A 1 86  ? -4.389  22.648  -3.822  1.00 117.65 ? 85  PRO A CG  1 
ATOM   665 C CD  . PRO A 1 86  ? -3.911  23.730  -2.869  1.00 124.21 ? 85  PRO A CD  1 
ATOM   666 N N   . ARG A 1 87  ? -3.516  19.623  -0.833  1.00 96.62  ? 86  ARG A N   1 
ATOM   667 C CA  . ARG A 1 87  ? -2.535  18.517  -0.760  1.00 98.23  ? 86  ARG A CA  1 
ATOM   668 C C   . ARG A 1 87  ? -3.374  17.262  -0.882  1.00 93.29  ? 86  ARG A C   1 
ATOM   669 O O   . ARG A 1 87  ? -4.577  17.269  -0.570  1.00 95.89  ? 86  ARG A O   1 
ATOM   670 C CB  . ARG A 1 87  ? -1.732  18.384  0.537   1.00 101.74 ? 86  ARG A CB  1 
ATOM   671 C CG  . ARG A 1 87  ? -1.220  19.678  1.147   1.00 114.77 ? 86  ARG A CG  1 
ATOM   672 C CD  . ARG A 1 87  ? 0.217   20.021  0.802   1.00 125.23 ? 86  ARG A CD  1 
ATOM   673 N NE  . ARG A 1 87  ? 0.225   20.991  -0.297  1.00 140.53 ? 86  ARG A NE  1 
ATOM   674 C CZ  . ARG A 1 87  ? 0.226   22.315  -0.171  1.00 137.22 ? 86  ARG A CZ  1 
ATOM   675 N NH1 . ARG A 1 87  ? 0.256   22.858  1.033   1.00 147.36 ? 86  ARG A NH1 1 
ATOM   676 N NH2 . ARG A 1 87  ? 0.219   23.085  -1.252  1.00 140.87 ? 86  ARG A NH2 1 
ATOM   677 N N   . SER A 1 88  ? -2.803  16.229  -1.411  1.00 88.07  ? 87  SER A N   1 
ATOM   678 C CA  . SER A 1 88  ? -3.587  14.993  -1.503  1.00 97.93  ? 87  SER A CA  1 
ATOM   679 C C   . SER A 1 88  ? -2.604  13.846  -1.556  1.00 95.64  ? 87  SER A C   1 
ATOM   680 O O   . SER A 1 88  ? -1.505  14.028  -2.038  1.00 98.01  ? 87  SER A O   1 
ATOM   681 C CB  . SER A 1 88  ? -4.541  15.009  -2.690  1.00 97.80  ? 87  SER A CB  1 
ATOM   682 O OG  . SER A 1 88  ? -3.835  14.826  -3.900  1.00 88.05  ? 87  SER A OG  1 
ATOM   683 N N   . THR A 1 89  ? -3.038  12.685  -1.131  1.00 101.48 ? 88  THR A N   1 
ATOM   684 C CA  . THR A 1 89  ? -2.158  11.517  -1.131  1.00 95.55  ? 88  THR A CA  1 
ATOM   685 C C   . THR A 1 89  ? -2.863  10.418  -1.910  1.00 90.22  ? 88  THR A C   1 
ATOM   686 O O   . THR A 1 89  ? -4.137  10.361  -1.982  1.00 80.97  ? 88  THR A O   1 
ATOM   687 C CB  . THR A 1 89  ? -1.692  11.257  0.300   1.00 106.96 ? 88  THR A CB  1 
ATOM   688 O OG1 . THR A 1 89  ? -1.122  9.956   0.257   1.00 105.73 ? 88  THR A OG1 1 
ATOM   689 C CG2 . THR A 1 89  ? -2.775  11.389  1.355   1.00 109.16 ? 88  THR A CG2 1 
ATOM   690 N N   . VAL A 1 90  ? -2.019  9.600   -2.499  1.00 78.76  ? 89  VAL A N   1 
ATOM   691 C CA  . VAL A 1 90  ? -2.419  8.423   -3.273  1.00 75.82  ? 89  VAL A CA  1 
ATOM   692 C C   . VAL A 1 90  ? -2.100  7.154   -2.538  1.00 70.73  ? 89  VAL A C   1 
ATOM   693 O O   . VAL A 1 90  ? -0.959  6.948   -2.138  1.00 73.80  ? 89  VAL A O   1 
ATOM   694 C CB  . VAL A 1 90  ? -1.668  8.461   -4.578  1.00 77.69  ? 89  VAL A CB  1 
ATOM   695 C CG1 . VAL A 1 90  ? -2.284  7.494   -5.551  1.00 78.03  ? 89  VAL A CG1 1 
ATOM   696 C CG2 . VAL A 1 90  ? -1.750  9.892   -5.016  1.00 95.12  ? 89  VAL A CG2 1 
ATOM   697 N N   . GLU A 1 91  ? -3.053  6.259   -2.607  1.00 66.91  ? 90  GLU A N   1 
ATOM   698 C CA  . GLU A 1 91  ? -3.013  5.004   -1.854  1.00 67.38  ? 90  GLU A CA  1 
ATOM   699 C C   . GLU A 1 91  ? -3.751  3.941   -2.667  1.00 63.61  ? 90  GLU A C   1 
ATOM   700 O O   . GLU A 1 91  ? -4.803  4.262   -3.227  1.00 60.31  ? 90  GLU A O   1 
ATOM   701 C CB  . GLU A 1 91  ? -3.801  5.168   -0.561  1.00 70.00  ? 90  GLU A CB  1 
ATOM   702 C CG  . GLU A 1 91  ? -3.272  6.200   0.370   1.00 77.45  ? 90  GLU A CG  1 
ATOM   703 C CD  . GLU A 1 91  ? -4.080  6.254   1.651   1.00 77.81  ? 90  GLU A CD  1 
ATOM   704 O OE1 . GLU A 1 91  ? -5.277  5.872   1.630   1.00 75.27  ? 90  GLU A OE1 1 
ATOM   705 O OE2 . GLU A 1 91  ? -3.518  6.677   2.661   1.00 90.31  ? 90  GLU A OE2 1 
ATOM   706 N N   . ILE A 1 92  ? -3.268  2.711   -2.626  1.00 58.62  ? 91  ILE A N   1 
ATOM   707 C CA  . ILE A 1 92  ? -4.036  1.535   -3.047  1.00 58.73  ? 91  ILE A CA  1 
ATOM   708 C C   . ILE A 1 92  ? -4.608  0.904   -1.794  1.00 61.66  ? 91  ILE A C   1 
ATOM   709 O O   . ILE A 1 92  ? -3.844  0.561   -0.915  1.00 65.64  ? 91  ILE A O   1 
ATOM   710 C CB  . ILE A 1 92  ? -3.166  0.565   -3.849  1.00 62.52  ? 91  ILE A CB  1 
ATOM   711 C CG1 . ILE A 1 92  ? -2.409  1.242   -4.990  1.00 61.62  ? 91  ILE A CG1 1 
ATOM   712 C CG2 . ILE A 1 92  ? -4.057  -0.537  -4.365  1.00 63.33  ? 91  ILE A CG2 1 
ATOM   713 C CD1 . ILE A 1 92  ? -3.241  2.200   -5.793  1.00 62.31  ? 91  ILE A CD1 1 
ATOM   714 N N   . TRP A 1 93  ? -5.920  0.785   -1.731  1.00 56.52  ? 92  TRP A N   1 
ATOM   715 C CA  . TRP A 1 93  ? -6.583  -0.051  -0.716  1.00 63.09  ? 92  TRP A CA  1 
ATOM   716 C C   . TRP A 1 93  ? -6.614  -1.463  -1.267  1.00 65.42  ? 92  TRP A C   1 
ATOM   717 O O   . TRP A 1 93  ? -7.363  -1.725  -2.228  1.00 67.26  ? 92  TRP A O   1 
ATOM   718 C CB  . TRP A 1 93  ? -7.986  0.471   -0.382  1.00 66.70  ? 92  TRP A CB  1 
ATOM   719 C CG  . TRP A 1 93  ? -7.944  1.833   0.246   1.00 70.00  ? 92  TRP A CG  1 
ATOM   720 C CD1 . TRP A 1 93  ? -6.865  2.655   0.400   1.00 69.20  ? 92  TRP A CD1 1 
ATOM   721 C CD2 . TRP A 1 93  ? -9.052  2.539   0.776   1.00 67.83  ? 92  TRP A CD2 1 
ATOM   722 N NE1 . TRP A 1 93  ? -7.228  3.814   1.007   1.00 68.05  ? 92  TRP A NE1 1 
ATOM   723 C CE2 . TRP A 1 93  ? -8.561  3.755   1.278   1.00 74.40  ? 92  TRP A CE2 1 
ATOM   724 C CE3 . TRP A 1 93  ? -10.405 2.243   0.906   1.00 76.02  ? 92  TRP A CE3 1 
ATOM   725 C CZ2 . TRP A 1 93  ? -9.397  4.689   1.879   1.00 71.81  ? 92  TRP A CZ2 1 
ATOM   726 C CZ3 . TRP A 1 93  ? -11.228 3.159   1.511   1.00 77.47  ? 92  TRP A CZ3 1 
ATOM   727 C CH2 . TRP A 1 93  ? -10.722 4.356   2.005   1.00 77.38  ? 92  TRP A CH2 1 
ATOM   728 N N   . ALA A 1 94  ? -5.775  -2.306  -0.693  1.00 63.84  ? 93  ALA A N   1 
ATOM   729 C CA  . ALA A 1 94  ? -5.532  -3.673  -1.164  1.00 63.88  ? 93  ALA A CA  1 
ATOM   730 C C   . ALA A 1 94  ? -6.820  -4.478  -1.008  1.00 64.23  ? 93  ALA A C   1 
ATOM   731 O O   . ALA A 1 94  ? -7.421  -4.386  0.040   1.00 62.94  ? 93  ALA A O   1 
ATOM   732 C CB  . ALA A 1 94  ? -4.393  -4.247  -0.381  1.00 65.34  ? 93  ALA A CB  1 
ATOM   733 N N   . ASP A 1 95  ? -7.207  -5.243  -2.027  1.00 63.40  ? 94  ASP A N   1 
ATOM   734 C CA  . ASP A 1 95  ? -8.239  -6.321  -1.928  1.00 65.95  ? 94  ASP A CA  1 
ATOM   735 C C   . ASP A 1 95  ? -7.560  -7.672  -1.670  1.00 62.15  ? 94  ASP A C   1 
ATOM   736 O O   . ASP A 1 95  ? -8.147  -8.505  -0.986  1.00 63.25  ? 94  ASP A O   1 
ATOM   737 C CB  . ASP A 1 95  ? -9.093  -6.366  -3.194  1.00 68.59  ? 94  ASP A CB  1 
ATOM   738 C CG  . ASP A 1 95  ? -9.884  -5.082  -3.357  1.00 70.43  ? 94  ASP A CG  1 
ATOM   739 O OD1 . ASP A 1 95  ? -10.615 -4.784  -2.423  1.00 70.69  ? 94  ASP A OD1 1 
ATOM   740 O OD2 . ASP A 1 95  ? -9.742  -4.386  -4.402  1.00 65.28  ? 94  ASP A OD2 1 
ATOM   741 N N   . ASN A 1 96  ? -6.358  -7.850  -2.208  1.00 59.35  ? 95  ASN A N   1 
ATOM   742 C CA  . ASN A 1 96  ? -5.580  -9.088  -2.070  1.00 60.30  ? 95  ASN A CA  1 
ATOM   743 C C   . ASN A 1 96  ? -4.084  -8.806  -2.106  1.00 59.37  ? 95  ASN A C   1 
ATOM   744 O O   . ASN A 1 96  ? -3.596  -7.931  -2.868  1.00 59.77  ? 95  ASN A O   1 
ATOM   745 C CB  . ASN A 1 96  ? -5.875  -10.038 -3.223  1.00 67.47  ? 95  ASN A CB  1 
ATOM   746 C CG  . ASN A 1 96  ? -7.347  -10.349 -3.348  1.00 69.56  ? 95  ASN A CG  1 
ATOM   747 O OD1 . ASN A 1 96  ? -7.864  -11.220 -2.655  1.00 75.89  ? 95  ASN A OD1 1 
ATOM   748 N ND2 . ASN A 1 96  ? -8.017  -9.649  -4.243  1.00 73.21  ? 95  ASN A ND2 1 
ATOM   749 N N   . ILE A 1 97  ? -3.359  -9.658  -1.403  1.00 66.72  ? 96  ILE A N   1 
ATOM   750 C CA  . ILE A 1 97  ? -1.875  -9.662  -1.399  1.00 68.95  ? 96  ILE A CA  1 
ATOM   751 C C   . ILE A 1 97  ? -1.418  -11.069 -1.751  1.00 62.96  ? 96  ILE A C   1 
ATOM   752 O O   . ILE A 1 97  ? -1.885  -12.023 -1.130  1.00 66.21  ? 96  ILE A O   1 
ATOM   753 C CB  . ILE A 1 97  ? -1.400  -9.191  -0.021  1.00 74.50  ? 96  ILE A CB  1 
ATOM   754 C CG1 . ILE A 1 97  ? -1.901  -7.772  0.279   1.00 71.12  ? 96  ILE A CG1 1 
ATOM   755 C CG2 . ILE A 1 97  ? 0.111   -9.320  0.086   1.00 78.23  ? 96  ILE A CG2 1 
ATOM   756 C CD1 . ILE A 1 97  ? -1.586  -7.350  1.697   1.00 79.12  ? 96  ILE A CD1 1 
ATOM   757 N N   . VAL A 1 98  ? -0.596  -11.230 -2.772  1.00 63.95  ? 97  VAL A N   1 
ATOM   758 C CA  . VAL A 1 98  ? -0.224  -12.603 -3.222  1.00 66.56  ? 97  VAL A CA  1 
ATOM   759 C C   . VAL A 1 98  ? 1.293   -12.719 -3.180  1.00 68.64  ? 97  VAL A C   1 
ATOM   760 O O   . VAL A 1 98  ? 1.949   -11.852 -3.704  1.00 72.91  ? 97  VAL A O   1 
ATOM   761 C CB  . VAL A 1 98  ? -0.811  -12.816 -4.625  1.00 66.52  ? 97  VAL A CB  1 
ATOM   762 C CG1 . VAL A 1 98  ? -0.371  -14.124 -5.257  1.00 70.70  ? 97  VAL A CG1 1 
ATOM   763 C CG2 . VAL A 1 98  ? -2.316  -12.734 -4.567  1.00 62.81  ? 97  VAL A CG2 1 
ATOM   764 N N   . PHE A 1 99  ? 1.840   -13.743 -2.567  1.00 81.79  ? 98  PHE A N   1 
ATOM   765 C CA  . PHE A 1 99  ? 3.314   -13.959 -2.567  1.00 92.54  ? 98  PHE A CA  1 
ATOM   766 C C   . PHE A 1 99  ? 3.681   -14.428 -3.968  1.00 95.26  ? 98  PHE A C   1 
ATOM   767 O O   . PHE A 1 99  ? 2.863   -15.111 -4.593  1.00 91.12  ? 98  PHE A O   1 
ATOM   768 C CB  . PHE A 1 99  ? 3.673   -14.913 -1.427  1.00 96.23  ? 98  PHE A CB  1 
ATOM   769 C CG  . PHE A 1 99  ? 3.155   -14.325 -0.147  1.00 101.93 ? 98  PHE A CG  1 
ATOM   770 C CD1 . PHE A 1 99  ? 3.884   -13.337 0.507   1.00 102.98 ? 98  PHE A CD1 1 
ATOM   771 C CD2 . PHE A 1 99  ? 1.861   -14.615 0.291   1.00 105.49 ? 98  PHE A CD2 1 
ATOM   772 C CE1 . PHE A 1 99  ? 3.340   -12.694 1.613   1.00 107.73 ? 98  PHE A CE1 1 
ATOM   773 C CE2 . PHE A 1 99  ? 1.331   -13.981 1.409   1.00 108.78 ? 98  PHE A CE2 1 
ATOM   774 C CZ  . PHE A 1 99  ? 2.069   -13.015 2.063   1.00 105.86 ? 98  PHE A CZ  1 
ATOM   775 N N   . VAL A 1 100 ? 4.849   -14.073 -4.479  1.00 101.52 ? 99  VAL A N   1 
ATOM   776 C CA  . VAL A 1 100 ? 5.264   -14.618 -5.806  1.00 100.89 ? 99  VAL A CA  1 
ATOM   777 C C   . VAL A 1 100 ? 6.602   -15.382 -5.723  1.00 110.95 ? 99  VAL A C   1 
ATOM   778 O O   . VAL A 1 100 ? 6.953   -16.056 -6.693  1.00 119.79 ? 99  VAL A O   1 
ATOM   779 C CB  . VAL A 1 100 ? 5.236   -13.479 -6.834  1.00 93.19  ? 99  VAL A CB  1 
ATOM   780 C CG1 . VAL A 1 100 ? 3.919   -12.742 -6.772  1.00 83.59  ? 99  VAL A CG1 1 
ATOM   781 C CG2 . VAL A 1 100 ? 6.379   -12.509 -6.648  1.00 97.73  ? 99  VAL A CG2 1 
ATOM   782 N N   . ASP A 1 101 ? 7.308   -15.323 -4.592  1.00 125.52 ? 100 ASP A N   1 
ATOM   783 C CA  . ASP A 1 101 ? 8.605   -16.014 -4.333  1.00 129.53 ? 100 ASP A CA  1 
ATOM   784 C C   . ASP A 1 101 ? 8.376   -16.903 -3.106  1.00 132.20 ? 100 ASP A C   1 
ATOM   785 O O   . ASP A 1 101 ? 7.227   -16.932 -2.644  1.00 126.26 ? 100 ASP A O   1 
ATOM   786 C CB  . ASP A 1 101 ? 9.731   -14.986 -4.149  1.00 130.78 ? 100 ASP A CB  1 
ATOM   787 C CG  . ASP A 1 101 ? 9.351   -13.842 -3.213  1.00 125.24 ? 100 ASP A CG  1 
ATOM   788 O OD1 . ASP A 1 101 ? 8.307   -13.986 -2.538  1.00 132.00 ? 100 ASP A OD1 1 
ATOM   789 O OD2 . ASP A 1 101 ? 10.077  -12.802 -3.182  1.00 115.25 ? 100 ASP A OD2 1 
ATOM   790 N N   . SER A 1 102 ? 9.425   -17.549 -2.577  1.00 139.77 ? 101 SER A N   1 
ATOM   791 C CA  . SER A 1 102 ? 9.371   -18.594 -1.508  1.00 144.35 ? 101 SER A CA  1 
ATOM   792 C C   . SER A 1 102 ? 9.793   -18.062 -0.119  1.00 145.51 ? 101 SER A C   1 
ATOM   793 O O   . SER A 1 102 ? 9.024   -18.277 0.838   1.00 136.97 ? 101 SER A O   1 
ATOM   794 C CB  . SER A 1 102 ? 10.231  -19.791 -1.886  1.00 152.84 ? 101 SER A CB  1 
ATOM   795 O OG  . SER A 1 102 ? 10.304  -19.954 -3.297  1.00 149.27 ? 101 SER A OG  1 
ATOM   796 N N   . LYS A 1 103 ? 10.990  -17.451 -0.010  1.00 151.58 ? 102 LYS A N   1 
ATOM   797 C CA  . LYS A 1 103 ? 11.751  -17.111 1.240   1.00 152.28 ? 102 LYS A CA  1 
ATOM   798 C C   . LYS A 1 103 ? 11.554  -18.196 2.303   1.00 146.04 ? 102 LYS A C   1 
ATOM   799 O O   . LYS A 1 103 ? 11.907  -19.327 2.021   1.00 134.60 ? 102 LYS A O   1 
ATOM   800 C CB  . LYS A 1 103 ? 11.351  -15.749 1.812   1.00 154.67 ? 102 LYS A CB  1 
ATOM   801 C CG  . LYS A 1 103 ? 11.385  -14.595 0.819   1.00 157.82 ? 102 LYS A CG  1 
ATOM   802 C CD  . LYS A 1 103 ? 12.767  -14.137 0.378   1.00 163.45 ? 102 LYS A CD  1 
ATOM   803 C CE  . LYS A 1 103 ? 12.704  -12.734 -0.202  1.00 161.33 ? 102 LYS A CE  1 
ATOM   804 N NZ  . LYS A 1 103 ? 14.023  -12.077 -0.335  1.00 165.36 ? 102 LYS A NZ  1 
HETATM 805 C C   . ACY B 2 .   ? -12.687 1.239   4.741   1.00 119.45 ? 201 ACY A C   1 
HETATM 806 O O   . ACY B 2 .   ? -12.654 0.022   5.052   1.00 110.55 ? 201 ACY A O   1 
HETATM 807 O OXT . ACY B 2 .   ? -11.801 2.069   5.064   1.00 111.58 ? 201 ACY A OXT 1 
HETATM 808 C CH3 . ACY B 2 .   ? -13.883 1.743   3.919   1.00 107.09 ? 201 ACY A CH3 1 
HETATM 809 C C   . ACY C 2 .   ? -5.685  7.017   16.578  1.00 86.68  ? 202 ACY A C   1 
HETATM 810 O O   . ACY C 2 .   ? -5.841  6.827   15.364  1.00 92.34  ? 202 ACY A O   1 
HETATM 811 O OXT . ACY C 2 .   ? -5.919  8.109   17.139  1.00 94.12  ? 202 ACY A OXT 1 
HETATM 812 C CH3 . ACY C 2 .   ? -5.188  5.843   17.433  1.00 85.99  ? 202 ACY A CH3 1 
HETATM 813 P P   . PO4 D 3 .   ? -13.370 -6.932  -5.464  1.00 97.51  ? 203 PO4 A P   1 
HETATM 814 O O1  . PO4 D 3 .   ? -14.210 -8.185  -5.610  1.00 92.43  ? 203 PO4 A O1  1 
HETATM 815 O O2  . PO4 D 3 .   ? -13.089 -6.357  -6.879  1.00 127.13 ? 203 PO4 A O2  1 
HETATM 816 O O3  . PO4 D 3 .   ? -12.023 -7.266  -4.795  1.00 87.15  ? 203 PO4 A O3  1 
HETATM 817 O O4  . PO4 D 3 .   ? -14.148 -5.916  -4.628  1.00 83.55  ? 203 PO4 A O4  1 
HETATM 818 O O   . HOH E 4 .   ? 5.590   2.039   -12.147 1.00 63.57  ? 301 HOH A O   1 
HETATM 819 O O   . HOH E 4 .   ? -13.733 -1.480  -8.749  1.00 65.97  ? 302 HOH A O   1 
HETATM 820 O O   . HOH E 4 .   ? -9.930  -2.197  -1.980  1.00 68.12  ? 303 HOH A O   1 
HETATM 821 O O   . HOH E 4 .   ? 1.525   6.781   -3.192  1.00 78.45  ? 304 HOH A O   1 
HETATM 822 O O   . HOH E 4 .   ? -13.570 2.782   -6.253  1.00 65.63  ? 305 HOH A O   1 
HETATM 823 O O   . HOH E 4 .   ? 11.455  -5.567  -11.255 1.00 79.96  ? 306 HOH A O   1 
HETATM 824 O O   . HOH E 4 .   ? -4.961  -11.862 -0.148  1.00 81.85  ? 307 HOH A O   1 
HETATM 825 O O   . HOH E 4 .   ? -16.319 -4.040  -5.521  1.00 86.18  ? 308 HOH A O   1 
HETATM 826 O O   . HOH E 4 .   ? 2.687   8.877   -2.789  1.00 85.30  ? 309 HOH A O   1 
# 
loop_
_atom_site_anisotrop.id 
_atom_site_anisotrop.type_symbol 
_atom_site_anisotrop.pdbx_label_atom_id 
_atom_site_anisotrop.pdbx_label_alt_id 
_atom_site_anisotrop.pdbx_label_comp_id 
_atom_site_anisotrop.pdbx_label_asym_id 
_atom_site_anisotrop.pdbx_label_seq_id 
_atom_site_anisotrop.pdbx_PDB_ins_code 
_atom_site_anisotrop.U[1][1] 
_atom_site_anisotrop.U[2][2] 
_atom_site_anisotrop.U[3][3] 
_atom_site_anisotrop.U[1][2] 
_atom_site_anisotrop.U[1][3] 
_atom_site_anisotrop.U[2][3] 
_atom_site_anisotrop.pdbx_auth_seq_id 
_atom_site_anisotrop.pdbx_auth_comp_id 
_atom_site_anisotrop.pdbx_auth_asym_id 
_atom_site_anisotrop.pdbx_auth_atom_id 
1   N N   . SER A 2   ? 0.6643 1.1905 1.0190 0.1441  -0.1208 -0.0199 1   SER A N   
2   C CA  . SER A 2   ? 0.6475 1.0750 0.9303 0.1385  -0.1194 -0.0129 1   SER A CA  
3   C C   . SER A 2   ? 0.6290 1.0330 0.8881 0.0930  -0.1033 -0.0173 1   SER A C   
4   O O   . SER A 2   ? 0.5901 1.0409 0.8820 0.0691  -0.0892 -0.0248 1   SER A O   
5   C CB  . SER A 2   ? 0.6958 1.0719 0.9570 0.1666  -0.1005 -0.0145 1   SER A CB  
6   O OG  . SER A 2   ? 0.8000 1.1927 1.0845 0.2135  -0.1122 -0.0129 1   SER A OG  
7   N N   . TYR A 3   ? 0.6321 0.9622 0.8358 0.0837  -0.1022 -0.0123 2   TYR A N   
8   C CA  . TYR A 3   ? 0.6110 0.9120 0.7903 0.0479  -0.0886 -0.0160 2   TYR A CA  
9   C C   . TYR A 3   ? 0.6322 0.8601 0.7639 0.0537  -0.0809 -0.0111 2   TYR A C   
10  O O   . TYR A 3   ? 0.6561 0.8519 0.7624 0.0695  -0.0949 -0.0029 2   TYR A O   
11  C CB  . TYR A 3   ? 0.6601 0.9722 0.8313 0.0211  -0.1065 -0.0176 2   TYR A CB  
12  C CG  . TYR A 3   ? 0.6558 0.9337 0.8032 -0.0117 -0.0917 -0.0236 2   TYR A CG  
13  C CD1 . TYR A 3   ? 0.6243 0.9236 0.7953 -0.0343 -0.0749 -0.0297 2   TYR A CD1 
14  C CD2 . TYR A 3   ? 0.6494 0.8701 0.7500 -0.0175 -0.0917 -0.0219 2   TYR A CD2 
15  C CE1 . TYR A 3   ? 0.6361 0.8922 0.7806 -0.0594 -0.0627 -0.0331 2   TYR A CE1 
16  C CE2 . TYR A 3   ? 0.6265 0.8147 0.7077 -0.0407 -0.0789 -0.0282 2   TYR A CE2 
17  C CZ  . TYR A 3   ? 0.6516 0.8525 0.7530 -0.0597 -0.0657 -0.0333 2   TYR A CZ  
18  O OH  . TYR A 3   ? 0.6748 0.8330 0.7535 -0.0773 -0.0539 -0.0373 2   TYR A OH  
19  N N   . ASN A 4   ? 0.6192 0.8233 0.7391 0.0376  -0.0611 -0.0149 3   ASN A N   
20  C CA  . ASN A 4   ? 0.6757 0.8227 0.7608 0.0411  -0.0529 -0.0122 3   ASN A CA  
21  C C   . ASN A 4   ? 0.6756 0.8051 0.7485 0.0163  -0.0412 -0.0148 3   ASN A C   
22  O O   . ASN A 4   ? 0.6635 0.8058 0.7472 0.0089  -0.0268 -0.0177 3   ASN A O   
23  C CB  . ASN A 4   ? 0.7117 0.8535 0.8005 0.0636  -0.0426 -0.0151 3   ASN A CB  
24  C CG  . ASN A 4   ? 0.7119 0.7971 0.7659 0.0666  -0.0389 -0.0140 3   ASN A CG  
25  O OD1 . ASN A 4   ? 0.6424 0.7028 0.6781 0.0489  -0.0378 -0.0118 3   ASN A OD1 
26  N ND2 . ASN A 4   ? 0.6940 0.7604 0.7408 0.0898  -0.0376 -0.0173 3   ASN A ND2 
27  N N   . LYS A 5   ? 0.6144 0.7138 0.6638 0.0062  -0.0455 -0.0130 4   LYS A N   
28  C CA  . LYS A 5   ? 0.6427 0.7207 0.6810 -0.0102 -0.0355 -0.0157 4   LYS A CA  
29  C C   . LYS A 5   ? 0.6117 0.6568 0.6286 -0.0080 -0.0357 -0.0133 4   LYS A C   
30  O O   . LYS A 5   ? 0.6906 0.7304 0.6950 -0.0070 -0.0429 -0.0111 4   LYS A O   
31  C CB  . LYS A 5   ? 0.7710 0.8616 0.8137 -0.0297 -0.0385 -0.0216 4   LYS A CB  
32  C CG  . LYS A 5   ? 0.8768 0.9383 0.9070 -0.0452 -0.0292 -0.0254 4   LYS A CG  
33  C CD  . LYS A 5   ? 0.8854 0.9336 0.9158 -0.0460 -0.0168 -0.0208 4   LYS A CD  
34  C CE  . LYS A 5   ? 0.9198 0.9946 0.9679 -0.0605 -0.0097 -0.0204 4   LYS A CE  
35  N NZ  . LYS A 5   ? 0.9263 0.9988 0.9705 -0.0547 0.0029  -0.0139 4   LYS A NZ  
36  N N   . VAL A 6   ? 0.6162 0.6427 0.6284 -0.0082 -0.0283 -0.0127 5   VAL A N   
37  C CA  . VAL A 6   ? 0.6682 0.6746 0.6708 -0.0071 -0.0274 -0.0111 5   VAL A CA  
38  C C   . VAL A 6   ? 0.7188 0.7143 0.7216 -0.0116 -0.0215 -0.0138 5   VAL A C   
39  O O   . VAL A 6   ? 0.6647 0.6541 0.6673 -0.0132 -0.0183 -0.0124 5   VAL A O   
40  C CB  . VAL A 6   ? 0.8030 0.7992 0.8027 0.0007  -0.0294 -0.0080 5   VAL A CB  
41  C CG1 . VAL A 6   ? 0.8606 0.8466 0.8582 -0.0024 -0.0307 -0.0062 5   VAL A CG1 
42  C CG2 . VAL A 6   ? 0.8993 0.8970 0.8969 0.0107  -0.0341 -0.0069 5   VAL A CG2 
43  N N   . VAL A 7   ? 0.6676 0.6580 0.6681 -0.0126 -0.0187 -0.0172 6   VAL A N   
44  C CA  . VAL A 7   ? 0.6972 0.6740 0.7001 -0.0092 -0.0138 -0.0203 6   VAL A CA  
45  C C   . VAL A 7   ? 0.6278 0.6130 0.6422 -0.0020 -0.0126 -0.0190 6   VAL A C   
46  O O   . VAL A 7   ? 0.6680 0.6644 0.6823 -0.0057 -0.0080 -0.0208 6   VAL A O   
47  C CB  . VAL A 7   ? 0.7883 0.7529 0.7812 -0.0151 -0.0084 -0.0301 6   VAL A CB  
48  C CG1 . VAL A 7   ? 0.8086 0.7502 0.8022 -0.0058 -0.0030 -0.0342 6   VAL A CG1 
49  C CG2 . VAL A 7   ? 0.7590 0.7226 0.7468 -0.0283 -0.0117 -0.0316 6   VAL A CG2 
50  N N   . LEU A 8   ? 0.6550 0.6368 0.6786 0.0063  -0.0167 -0.0155 7   LEU A N   
51  C CA  . LEU A 8   ? 0.6592 0.6606 0.7039 0.0121  -0.0182 -0.0149 7   LEU A CA  
52  C C   . LEU A 8   ? 0.6580 0.6558 0.7156 0.0280  -0.0197 -0.0158 7   LEU A C   
53  O O   . LEU A 8   ? 0.7225 0.6958 0.7670 0.0337  -0.0264 -0.0104 7   LEU A O   
54  C CB  . LEU A 8   ? 0.7255 0.7324 0.7710 0.0079  -0.0299 -0.0089 7   LEU A CB  
55  C CG  . LEU A 8   ? 0.7207 0.7236 0.7532 -0.0027 -0.0302 -0.0077 7   LEU A CG  
56  C CD1 . LEU A 8   ? 0.7743 0.7702 0.8000 -0.0046 -0.0418 -0.0057 7   LEU A CD1 
57  C CD2 . LEU A 8   ? 0.7459 0.7609 0.7842 -0.0118 -0.0229 -0.0080 7   LEU A CD2 
58  N N   . VAL A 9   ? 0.6705 0.6942 0.7540 0.0354  -0.0140 -0.0205 8   VAL A N   
59  C CA  . VAL A 9   ? 0.7130 0.7459 0.8210 0.0566  -0.0197 -0.0200 8   VAL A CA  
60  C C   . VAL A 9   ? 0.6862 0.7684 0.8314 0.0541  -0.0251 -0.0187 8   VAL A C   
61  O O   . VAL A 9   ? 0.6916 0.8027 0.8532 0.0453  -0.0103 -0.0244 8   VAL A O   
62  C CB  . VAL A 9   ? 0.6861 0.7092 0.7985 0.0731  -0.0045 -0.0313 8   VAL A CB  
63  C CG1 . VAL A 9   ? 0.6990 0.7330 0.8414 0.1015  -0.0123 -0.0301 8   VAL A CG1 
64  C CG2 . VAL A 9   ? 0.7714 0.7420 0.8454 0.0686  -0.0006 -0.0346 8   VAL A CG2 
65  N N   . GLY A 10  ? 0.7455 0.8365 0.9015 0.0609  -0.0456 -0.0113 9   GLY A N   
66  C CA  . GLY A 10  ? 0.7623 0.9059 0.9612 0.0591  -0.0569 -0.0106 9   GLY A CA  
67  C C   . GLY A 10  ? 0.7482 0.8948 0.9540 0.0767  -0.0835 -0.0027 9   GLY A C   
68  O O   . GLY A 10  ? 0.7448 0.8461 0.9178 0.0910  -0.0893 0.0037  9   GLY A O   
69  N N   . ARG A 11  ? 0.8194 1.0164 1.0629 0.0721  -0.1010 -0.0021 10  ARG A N   
70  C CA  . ARG A 11  ? 0.8322 1.0425 1.0848 0.0881  -0.1333 0.0060  10  ARG A CA  
71  C C   . ARG A 11  ? 0.7771 0.9670 0.9908 0.0646  -0.1534 0.0092  10  ARG A C   
72  O O   . ARG A 11  ? 0.7520 0.9543 0.9693 0.0357  -0.1483 0.0026  10  ARG A O   
73  C CB  . ARG A 11  ? 0.8591 1.1485 1.1855 0.0989  -0.1423 0.0023  10  ARG A CB  
74  C CG  . ARG A 11  ? 0.9223 1.2272 1.2838 0.1364  -0.1293 -0.0006 10  ARG A CG  
75  C CD  . ARG A 11  ? 0.9285 1.3242 1.3720 0.1509  -0.1386 -0.0046 10  ARG A CD  
76  N NE  . ARG A 11  ? 0.9737 1.3862 1.4520 0.1841  -0.1130 -0.0138 10  ARG A NE  
77  C CZ  . ARG A 11  ? 1.1014 1.4730 1.5676 0.2266  -0.1166 -0.0109 10  ARG A CZ  
78  N NH1 . ARG A 11  ? 1.1686 1.5517 1.6640 0.2566  -0.0908 -0.0234 10  ARG A NH1 
79  N NH2 . ARG A 11  ? 1.1469 1.4590 1.5660 0.2393  -0.1445 0.0042  10  ARG A NH2 
80  N N   . LEU A 12  ? 0.7490 0.9048 0.9226 0.0760  -0.1746 0.0188  11  LEU A N   
81  C CA  . LEU A 12  ? 0.8187 0.9655 0.9579 0.0575  -0.1989 0.0193  11  LEU A CA  
82  C C   . LEU A 12  ? 0.8197 1.0314 1.0097 0.0441  -0.2219 0.0132  11  LEU A C   
83  O O   . LEU A 12  ? 0.7754 1.0383 1.0168 0.0639  -0.2374 0.0167  11  LEU A O   
84  C CB  . LEU A 12  ? 0.8024 0.9117 0.8931 0.0754  -0.2204 0.0327  11  LEU A CB  
85  C CG  . LEU A 12  ? 0.8487 0.8922 0.8737 0.0716  -0.2014 0.0373  11  LEU A CG  
86  C CD1 . LEU A 12  ? 0.8139 0.8370 0.8490 0.0844  -0.1749 0.0400  11  LEU A CD1 
87  C CD2 . LEU A 12  ? 0.9290 0.9360 0.8952 0.0800  -0.2229 0.0511  11  LEU A CD2 
88  N N   . THR A 13  ? 0.8322 1.0421 1.0092 0.0120  -0.2263 0.0040  12  THR A N   
89  C CA  . THR A 13  ? 0.8401 1.1066 1.0594 -0.0097 -0.2515 -0.0028 12  THR A CA  
90  C C   . THR A 13  ? 0.9129 1.1774 1.1024 -0.0055 -0.2936 0.0003  12  THR A C   
91  O O   . THR A 13  ? 1.0966 1.4246 1.3353 -0.0113 -0.3223 -0.0017 12  THR A O   
92  C CB  . THR A 13  ? 0.8383 1.0890 1.0475 -0.0481 -0.2390 -0.0139 12  THR A CB  
93  O OG1 . THR A 13  ? 0.8992 1.0765 1.0312 -0.0475 -0.2370 -0.0153 12  THR A OG1 
94  C CG2 . THR A 13  ? 0.8094 1.0713 1.0499 -0.0549 -0.2025 -0.0146 12  THR A CG2 
95  N N   . ARG A 14  ? 0.9259 1.1259 1.0398 0.0048  -0.2966 0.0058  13  ARG A N   
96  C CA  . ARG A 14  ? 0.9773 1.1595 1.0389 0.0075  -0.3335 0.0096  13  ARG A CA  
97  C C   . ARG A 14  ? 0.9750 1.1023 0.9773 0.0352  -0.3273 0.0258  13  ARG A C   
98  O O   . ARG A 14  ? 0.9945 1.0862 0.9835 0.0404  -0.2917 0.0280  13  ARG A O   
99  C CB  . ARG A 14  ? 1.0727 1.2123 1.0740 -0.0236 -0.3372 -0.0060 13  ARG A CB  
100 C CG  . ARG A 14  ? 1.1912 1.3661 1.2281 -0.0595 -0.3529 -0.0225 13  ARG A CG  
101 C CD  . ARG A 14  ? 1.2254 1.4381 1.2652 -0.0729 -0.4033 -0.0274 13  ARG A CD  
102 N NE  . ARG A 14  ? 1.1119 1.3941 1.2324 -0.1012 -0.4126 -0.0362 13  ARG A NE  
103 C CZ  . ARG A 14  ? 1.1311 1.4904 1.3088 -0.1079 -0.4507 -0.0362 13  ARG A CZ  
104 N NH1 . ARG A 14  ? 1.1246 1.5462 1.3769 -0.1396 -0.4498 -0.0448 13  ARG A NH1 
105 N NH2 . ARG A 14  ? 1.1348 1.5131 1.2984 -0.0836 -0.4896 -0.0264 13  ARG A NH2 
106 N N   . ASP A 15  ? 1.0082 1.1215 0.9641 0.0460  -0.3606 0.0362  14  ASP A N   
107 C CA  . ASP A 15  ? 1.0662 1.1121 0.9404 0.0604  -0.3534 0.0515  14  ASP A CA  
108 C C   . ASP A 15  ? 1.1062 1.1016 0.9265 0.0403  -0.3188 0.0399  14  ASP A C   
109 O O   . ASP A 15  ? 1.1030 1.1014 0.9216 0.0166  -0.3152 0.0206  14  ASP A O   
110 C CB  . ASP A 15  ? 1.1532 1.1891 0.9725 0.0682  -0.3969 0.0631  14  ASP A CB  
111 C CG  . ASP A 15  ? 1.2214 1.3046 1.0947 0.0981  -0.4317 0.0790  14  ASP A CG  
112 O OD1 . ASP A 15  ? 1.1074 1.2247 1.0571 0.1150  -0.4151 0.0801  14  ASP A OD1 
113 O OD2 . ASP A 15  ? 1.2913 1.3769 1.1285 0.1069  -0.4756 0.0899  14  ASP A OD2 
114 N N   . PRO A 16  ? 1.1416 1.0901 0.9217 0.0493  -0.2901 0.0510  15  PRO A N   
115 C CA  . PRO A 16  ? 1.1424 1.0518 0.8731 0.0342  -0.2589 0.0408  15  PRO A CA  
116 C C   . PRO A 16  ? 1.2199 1.0988 0.8684 0.0244  -0.2744 0.0358  15  PRO A C   
117 O O   . PRO A 16  ? 1.2397 1.1066 0.8451 0.0329  -0.3006 0.0502  15  PRO A O   
118 C CB  . PRO A 16  ? 1.1515 1.0287 0.8660 0.0455  -0.2304 0.0575  15  PRO A CB  
119 C CG  . PRO A 16  ? 1.1784 1.0501 0.8881 0.0665  -0.2571 0.0801  15  PRO A CG  
120 C CD  . PRO A 16  ? 1.1662 1.0956 0.9460 0.0739  -0.2865 0.0735  15  PRO A CD  
121 N N   . GLU A 17  ? 1.2818 1.1439 0.9049 0.0088  -0.2560 0.0151  16  GLU A N   
122 C CA  . GLU A 17  ? 1.3132 1.1402 0.8521 -0.0009 -0.2618 0.0031  16  GLU A CA  
123 C C   . GLU A 17  ? 1.2905 1.0833 0.7824 0.0029  -0.2194 0.0065  16  GLU A C   
124 O O   . GLU A 17  ? 1.2628 1.0613 0.7922 0.0034  -0.1866 0.0004  16  GLU A O   
125 C CB  . GLU A 17  ? 1.3955 1.2286 0.9477 -0.0192 -0.2735 -0.0242 16  GLU A CB  
126 C CG  . GLU A 17  ? 1.6223 1.4103 1.1042 -0.0272 -0.2555 -0.0470 16  GLU A CG  
127 C CD  . GLU A 17  ? 1.7679 1.5426 1.2284 -0.0473 -0.2820 -0.0735 16  GLU A CD  
128 O OE1 . GLU A 17  ? 1.8423 1.6321 1.2901 -0.0576 -0.3262 -0.0730 16  GLU A OE1 
129 O OE2 . GLU A 17  ? 1.7688 1.5157 1.2227 -0.0528 -0.2607 -0.0950 16  GLU A OE2 
130 N N   . THR A 18  ? 1.3413 1.1041 0.7563 0.0053  -0.2213 0.0191  17  THR A N   
131 C CA  . THR A 18  ? 1.3770 1.1119 0.7409 0.0053  -0.1814 0.0267  17  THR A CA  
132 C C   . THR A 18  ? 1.4705 1.1751 0.7433 -0.0019 -0.1764 0.0095  17  THR A C   
133 O O   . THR A 18  ? 1.4940 1.1819 0.7066 -0.0040 -0.2102 0.0140  17  THR A O   
134 C CB  . THR A 18  ? 1.3961 1.1142 0.7382 0.0123  -0.1856 0.0607  17  THR A CB  
135 O OG1 . THR A 18  ? 1.3640 1.1076 0.7913 0.0211  -0.1900 0.0698  17  THR A OG1 
136 C CG2 . THR A 18  ? 1.4054 1.0959 0.6939 0.0055  -0.1446 0.0723  17  THR A CG2 
137 N N   . ARG A 19  ? 1.5329 1.2324 0.7961 -0.0035 -0.1372 -0.0108 18  ARG A N   
138 C CA  . ARG A 19  ? 1.5870 1.2555 0.7576 -0.0067 -0.1196 -0.0280 18  ARG A CA  
139 C C   . ARG A 19  ? 1.6144 1.2879 0.7777 -0.0044 -0.0645 -0.0259 18  ARG A C   
140 O O   . ARG A 19  ? 1.5449 1.2469 0.7820 -0.0017 -0.0433 -0.0179 18  ARG A O   
141 C CB  . ARG A 19  ? 1.6132 1.2674 0.7696 -0.0093 -0.1339 -0.0640 18  ARG A CB  
142 C CG  . ARG A 19  ? 1.5882 1.2562 0.8179 -0.0047 -0.1184 -0.0849 18  ARG A CG  
143 C CD  . ARG A 19  ? 1.6337 1.2718 0.8338 -0.0124 -0.1429 -0.1169 18  ARG A CD  
144 N NE  . ARG A 19  ? 1.6828 1.2795 0.7747 -0.0148 -0.1417 -0.1354 18  ARG A NE  
145 C CZ  . ARG A 19  ? 1.7171 1.2837 0.7604 -0.0054 -0.1085 -0.1639 18  ARG A CZ  
146 N NH1 . ARG A 19  ? 1.7082 1.2815 0.8052 0.0089  -0.0768 -0.1765 18  ARG A NH1 
147 N NH2 . ARG A 19  ? 1.7956 1.3246 0.7341 -0.0083 -0.1078 -0.1805 18  ARG A NH2 
148 N N   . GLN A 20  ? 1.7984 1.4475 0.8712 -0.0078 -0.0437 -0.0296 19  GLN A N   
149 C CA  . GLN A 20  ? 1.8824 1.5422 0.9386 -0.0073 0.0130  -0.0335 19  GLN A CA  
150 C C   . GLN A 20  ? 1.9659 1.6227 1.0099 0.0045  0.0338  -0.0746 19  GLN A C   
151 O O   . GLN A 20  ? 2.0984 1.7208 1.0509 0.0032  0.0308  -0.0906 19  GLN A O   
152 C CB  . GLN A 20  ? 1.9875 1.6193 0.9434 -0.0189 0.0240  -0.0117 19  GLN A CB  
153 C CG  . GLN A 20  ? 2.0498 1.7038 1.0061 -0.0261 0.0825  -0.0025 19  GLN A CG  
154 C CD  . GLN A 20  ? 2.2070 1.8280 1.0605 -0.0421 0.0942  0.0245  19  GLN A CD  
155 O OE1 . GLN A 20  ? 2.2794 1.8678 1.0318 -0.0428 0.0906  0.0140  19  GLN A OE1 
156 N NE2 . GLN A 20  ? 2.2197 1.8432 1.0926 -0.0568 0.1079  0.0594  19  GLN A NE2 
157 N N   . THR A 21  ? 2.0051 1.6895 1.1306 0.0169  0.0502  -0.0914 20  THR A N   
158 C CA  . THR A 21  ? 2.0914 1.7677 1.2067 0.0346  0.0746  -0.1299 20  THR A CA  
159 C C   . THR A 21  ? 2.2218 1.8995 1.2661 0.0377  0.1221  -0.1383 20  THR A C   
160 O O   . THR A 21  ? 2.2608 1.9619 1.3006 0.0247  0.1435  -0.1105 20  THR A O   
161 C CB  . THR A 21  ? 2.0585 1.7699 1.2727 0.0501  0.0900  -0.1377 20  THR A CB  
162 O OG1 . THR A 21  ? 2.0864 1.8460 1.3500 0.0440  0.1159  -0.1120 20  THR A OG1 
163 C CG2 . THR A 21  ? 2.0693 1.7710 1.3396 0.0482  0.0486  -0.1377 20  THR A CG2 
164 N N   . LEU A 22  ? 2.3650 2.0151 1.3517 0.0525  0.1396  -0.1750 21  LEU A N   
165 C CA  . LEU A 22  ? 2.5173 2.1503 1.3969 0.0506  0.1733  -0.1850 21  LEU A CA  
166 C C   . LEU A 22  ? 2.4416 2.1316 1.3493 0.0537  0.2349  -0.1755 21  LEU A C   
167 O O   . LEU A 22  ? 2.4411 2.1251 1.2644 0.0446  0.2657  -0.1730 21  LEU A O   
168 C CB  . LEU A 22  ? 2.6042 2.1870 1.4110 0.0671  0.1759  -0.2316 21  LEU A CB  
169 C CG  . LEU A 22  ? 2.7236 2.2628 1.3912 0.0569  0.1818  -0.2418 21  LEU A CG  
170 C CD1 . LEU A 22  ? 2.7568 2.2851 1.3772 0.0286  0.1452  -0.2017 21  LEU A CD1 
171 C CD2 . LEU A 22  ? 2.8020 2.2746 1.3975 0.0650  0.1588  -0.2865 21  LEU A CD2 
172 N N   . ASP A 23  ? 2.3568 2.1020 1.3770 0.0629  0.2498  -0.1692 22  ASP A N   
173 C CA  . ASP A 23  ? 2.2794 2.0950 1.3556 0.0600  0.3006  -0.1557 22  ASP A CA  
174 C C   . ASP A 23  ? 2.2550 2.0806 1.3197 0.0253  0.3015  -0.1117 22  ASP A C   
175 O O   . ASP A 23  ? 2.2337 2.1143 1.3367 0.0149  0.3440  -0.0995 22  ASP A O   
176 C CB  . ASP A 23  ? 2.1795 2.0454 1.3802 0.0773  0.3000  -0.1595 22  ASP A CB  
177 C CG  . ASP A 23  ? 2.1279 1.9897 1.3914 0.0634  0.2536  -0.1332 22  ASP A CG  
178 O OD1 . ASP A 23  ? 2.1453 1.9567 1.3664 0.0517  0.2110  -0.1238 22  ASP A OD1 
179 O OD2 . ASP A 23  ? 2.1834 2.0958 1.5384 0.0651  0.2597  -0.1239 22  ASP A OD2 
180 N N   . GLY A 24  ? 2.2247 2.0016 1.2466 0.0083  0.2554  -0.0879 23  GLY A N   
181 C CA  . GLY A 24  ? 2.1749 1.9437 1.1744 -0.0208 0.2516  -0.0450 23  GLY A CA  
182 C C   . GLY A 24  ? 2.0890 1.8783 1.1855 -0.0286 0.2279  -0.0209 23  GLY A C   
183 O O   . GLY A 24  ? 2.0637 1.8481 1.1534 -0.0517 0.2326  0.0127  23  GLY A O   
184 N N   . ASN A 25  ? 1.9892 1.7939 1.1663 -0.0113 0.2030  -0.0365 24  ASN A N   
185 C CA  . ASN A 25  ? 1.9608 1.7804 1.2222 -0.0175 0.1781  -0.0166 24  ASN A CA  
186 C C   . ASN A 25  ? 1.8391 1.6185 1.0939 -0.0137 0.1223  -0.0103 24  ASN A C   
187 O O   . ASN A 25  ? 1.8931 1.6533 1.1279 -0.0005 0.1010  -0.0335 24  ASN A O   
188 C CB  . ASN A 25  ? 2.0197 1.8908 1.3801 -0.0028 0.1902  -0.0346 24  ASN A CB  
189 C CG  . ASN A 25  ? 2.0443 1.9719 1.4398 -0.0124 0.2389  -0.0313 24  ASN A CG  
190 O OD1 . ASN A 25  ? 2.0221 1.9488 1.3927 -0.0386 0.2558  -0.0062 24  ASN A OD1 
191 N ND2 . ASN A 25  ? 2.1203 2.0956 1.5716 0.0084  0.2608  -0.0557 24  ASN A ND2 
192 N N   . LEU A 26  ? 1.5744 1.3470 0.8582 -0.0244 0.1011  0.0175  25  LEU A N   
193 C CA  . LEU A 26  ? 1.4953 1.2429 0.7883 -0.0193 0.0507  0.0262  25  LEU A CA  
194 C C   . LEU A 26  ? 1.4254 1.2013 0.8105 -0.0088 0.0360  0.0123  25  LEU A C   
195 O O   . LEU A 26  ? 1.4069 1.2146 0.8541 -0.0105 0.0566  0.0132  25  LEU A O   
196 C CB  . LEU A 26  ? 1.5359 1.2609 0.8158 -0.0316 0.0417  0.0619  25  LEU A CB  
197 C CG  . LEU A 26  ? 1.5690 1.2615 0.8248 -0.0242 -0.0081 0.0766  25  LEU A CG  
198 C CD1 . LEU A 26  ? 1.6496 1.3099 0.8054 -0.0243 -0.0219 0.0748  25  LEU A CD1 
199 C CD2 . LEU A 26  ? 1.5560 1.2242 0.8187 -0.0293 -0.0168 0.1103  25  LEU A CD2 
200 N N   . ILE A 27  ? 1.4101 1.1752 0.8004 -0.0005 0.0009  -0.0002 26  ILE A N   
201 C CA  . ILE A 27  ? 1.3161 1.1017 0.7839 0.0062  -0.0157 -0.0103 26  ILE A CA  
202 C C   . ILE A 27  ? 1.2966 1.0722 0.7701 0.0052  -0.0583 0.0011  26  ILE A C   
203 O O   . ILE A 27  ? 1.3942 1.1473 0.8107 0.0036  -0.0825 0.0003  26  ILE A O   
204 C CB  . ILE A 27  ? 1.3819 1.1675 0.8568 0.0154  -0.0114 -0.0404 26  ILE A CB  
205 C CG1 . ILE A 27  ? 1.5225 1.3322 1.0196 0.0239  0.0294  -0.0516 26  ILE A CG1 
206 C CG2 . ILE A 27  ? 1.3941 1.1880 0.9296 0.0168  -0.0366 -0.0454 26  ILE A CG2 
207 C CD1 . ILE A 27  ? 1.6537 1.4546 1.0851 0.0272  0.0595  -0.0634 26  ILE A CD1 
208 N N   . THR A 28  ? 1.2097 1.0045 0.7487 0.0066  -0.0661 0.0118  27  THR A N   
209 C CA  . THR A 28  ? 1.1776 0.9780 0.7443 0.0096  -0.1035 0.0174  27  THR A CA  
210 C C   . THR A 28  ? 1.1442 0.9702 0.7794 0.0102  -0.1052 0.0036  27  THR A C   
211 O O   . THR A 28  ? 1.1278 0.9684 0.8029 0.0111  -0.0823 0.0032  27  THR A O   
212 C CB  . THR A 28  ? 1.1866 0.9809 0.7606 0.0139  -0.1131 0.0436  27  THR A CB  
213 O OG1 . THR A 28  ? 1.2389 1.0005 0.7365 0.0114  -0.1124 0.0587  27  THR A OG1 
214 C CG2 . THR A 28  ? 1.1760 0.9881 0.7911 0.0220  -0.1490 0.0469  27  THR A CG2 
215 N N   . THR A 29  ? 1.0916 0.9239 0.7380 0.0069  -0.1333 -0.0057 28  THR A N   
216 C CA  . THR A 29  ? 1.0427 0.8977 0.7513 0.0035  -0.1372 -0.0143 28  THR A CA  
217 C C   . THR A 29  ? 0.9636 0.8454 0.7122 0.0037  -0.1649 -0.0049 28  THR A C   
218 O O   . THR A 29  ? 1.0566 0.9363 0.7784 0.0067  -0.1893 0.0033  28  THR A O   
219 C CB  . THR A 29  ? 1.0876 0.9266 0.7797 -0.0052 -0.1422 -0.0364 28  THR A CB  
220 O OG1 . THR A 29  ? 1.1555 0.9833 0.8035 -0.0117 -0.1711 -0.0398 28  THR A OG1 
221 C CG2 . THR A 29  ? 1.1132 0.9318 0.7798 0.0017  -0.1113 -0.0478 28  THR A CG2 
222 N N   . PHE A 30  ? 0.9389 0.8468 0.7478 0.0015  -0.1604 -0.0066 29  PHE A N   
223 C CA  . PHE A 30  ? 0.9055 0.8515 0.7675 0.0012  -0.1804 -0.0022 29  PHE A CA  
224 C C   . PHE A 30  ? 0.8625 0.8262 0.7723 -0.0069 -0.1644 -0.0088 29  PHE A C   
225 O O   . PHE A 30  ? 0.9173 0.8617 0.8170 -0.0085 -0.1428 -0.0136 29  PHE A O   
226 C CB  . PHE A 30  ? 0.9637 0.9191 0.8393 0.0197  -0.1852 0.0156  29  PHE A CB  
227 C CG  . PHE A 30  ? 0.9811 0.9207 0.8605 0.0278  -0.1565 0.0229  29  PHE A CG  
228 C CD1 . PHE A 30  ? 1.0210 0.9254 0.8505 0.0289  -0.1422 0.0298  29  PHE A CD1 
229 C CD2 . PHE A 30  ? 0.9035 0.8647 0.8343 0.0319  -0.1439 0.0223  29  PHE A CD2 
230 C CE1 . PHE A 30  ? 0.9652 0.8583 0.8017 0.0307  -0.1181 0.0357  29  PHE A CE1 
231 C CE2 . PHE A 30  ? 0.8667 0.8112 0.7970 0.0353  -0.1205 0.0259  29  PHE A CE2 
232 C CZ  . PHE A 30  ? 0.9569 0.8683 0.8430 0.0339  -0.1096 0.0331  29  PHE A CZ  
233 N N   . THR A 31  ? 0.8930 0.8964 0.8537 -0.0118 -0.1761 -0.0082 30  THR A N   
234 C CA  . THR A 31  ? 0.8587 0.8799 0.8587 -0.0260 -0.1638 -0.0138 30  THR A CA  
235 C C   . THR A 31  ? 0.8522 0.9140 0.9049 -0.0147 -0.1560 -0.0065 30  THR A C   
236 O O   . THR A 31  ? 0.7703 0.8657 0.8498 -0.0040 -0.1748 -0.0016 30  THR A O   
237 C CB  . THR A 31  ? 0.9093 0.9394 0.9155 -0.0506 -0.1834 -0.0238 30  THR A CB  
238 O OG1 . THR A 31  ? 1.0576 1.0381 1.0028 -0.0540 -0.1875 -0.0329 30  THR A OG1 
239 C CG2 . THR A 31  ? 0.9330 0.9734 0.9713 -0.0703 -0.1693 -0.0268 30  THR A CG2 
240 N N   . LEU A 32  ? 0.7638 0.8229 0.8292 -0.0152 -0.1310 -0.0066 31  LEU A N   
241 C CA  . LEU A 32  ? 0.7851 0.8763 0.8924 -0.0033 -0.1185 -0.0032 31  LEU A CA  
242 C C   . LEU A 32  ? 0.7317 0.8596 0.8784 -0.0223 -0.1114 -0.0074 31  LEU A C   
243 O O   . LEU A 32  ? 0.7419 0.8492 0.8724 -0.0401 -0.1009 -0.0094 31  LEU A O   
244 C CB  . LEU A 32  ? 0.7867 0.8507 0.8764 0.0067  -0.0958 -0.0016 31  LEU A CB  
245 C CG  . LEU A 32  ? 0.8335 0.8681 0.8955 0.0237  -0.0964 0.0046  31  LEU A CG  
246 C CD1 . LEU A 32  ? 0.8398 0.8595 0.8986 0.0274  -0.0749 0.0033  31  LEU A CD1 
247 C CD2 . LEU A 32  ? 0.8771 0.9248 0.9545 0.0423  -0.1130 0.0110  31  LEU A CD2 
248 N N   . ALA A 33  ? 0.7008 0.8822 0.8984 -0.0171 -0.1155 -0.0075 32  ALA A N   
249 C CA  . ALA A 33  ? 0.7089 0.9344 0.9496 -0.0347 -0.1001 -0.0104 32  ALA A CA  
250 C C   . ALA A 33  ? 0.7321 0.9507 0.9706 -0.0215 -0.0709 -0.0109 32  ALA A C   
251 O O   . ALA A 33  ? 0.7276 0.9569 0.9812 0.0051  -0.0673 -0.0119 32  ALA A O   
252 C CB  . ALA A 33  ? 0.6425 0.9384 0.9450 -0.0320 -0.1148 -0.0118 32  ALA A CB  
253 N N   . VAL A 34  ? 0.7157 0.9104 0.9299 -0.0388 -0.0526 -0.0104 33  VAL A N   
254 C CA  . VAL A 34  ? 0.6791 0.8653 0.8824 -0.0298 -0.0271 -0.0122 33  VAL A CA  
255 C C   . VAL A 34  ? 0.6507 0.8733 0.8772 -0.0502 -0.0063 -0.0124 33  VAL A C   
256 O O   . VAL A 34  ? 0.6665 0.8665 0.8687 -0.0748 -0.0031 -0.0068 33  VAL A O   
257 C CB  . VAL A 34  ? 0.7209 0.8497 0.8708 -0.0309 -0.0254 -0.0095 33  VAL A CB  
258 C CG1 . VAL A 34  ? 0.7883 0.9082 0.9232 -0.0225 -0.0054 -0.0129 33  VAL A CG1 
259 C CG2 . VAL A 34  ? 0.6696 0.7676 0.7968 -0.0174 -0.0426 -0.0084 33  VAL A CG2 
260 N N   . ASN A 35  ? 0.6702 0.9461 0.9409 -0.0401 0.0090  -0.0182 34  ASN A N   
261 C CA  . ASN A 35  ? 0.7214 1.0378 1.0131 -0.0631 0.0345  -0.0180 34  ASN A CA  
262 C C   . ASN A 35  ? 0.7601 1.0298 0.9950 -0.0709 0.0532  -0.0152 34  ASN A C   
263 O O   . ASN A 35  ? 0.8124 1.0372 1.0099 -0.0530 0.0479  -0.0172 34  ASN A O   
264 C CB  . ASN A 35  ? 0.8174 1.2046 1.1672 -0.0460 0.0540  -0.0276 34  ASN A CB  
265 C CG  . ASN A 35  ? 0.8702 1.2984 1.2730 -0.0236 0.0297  -0.0306 34  ASN A CG  
266 O OD1 . ASN A 35  ? 0.9399 1.4011 1.3745 -0.0424 0.0101  -0.0265 34  ASN A OD1 
267 N ND2 . ASN A 35  ? 1.0828 1.5026 1.4898 0.0163  0.0278  -0.0370 34  ASN A ND2 
268 N N   . ARG A 36  ? 0.8223 1.1059 1.0521 -0.0985 0.0739  -0.0096 35  ARG A N   
269 C CA  . ARG A 36  ? 0.8758 1.1242 1.0505 -0.1066 0.0940  -0.0055 35  ARG A CA  
270 C C   . ARG A 36  ? 0.9483 1.2417 1.1383 -0.0987 0.1282  -0.0160 35  ARG A C   
271 O O   . ARG A 36  ? 1.0195 1.2844 1.1596 -0.0995 0.1434  -0.0164 35  ARG A O   
272 C CB  . ARG A 36  ? 0.8852 1.1045 1.0301 -0.1432 0.0930  0.0109  35  ARG A CB  
273 C CG  . ARG A 36  ? 0.9220 1.0856 1.0417 -0.1452 0.0622  0.0178  35  ARG A CG  
274 C CD  . ARG A 36  ? 0.9301 1.0601 1.0218 -0.1811 0.0632  0.0333  35  ARG A CD  
275 N NE  . ARG A 36  ? 0.9443 1.0228 1.0171 -0.1864 0.0365  0.0371  35  ARG A NE  
276 C CZ  . ARG A 36  ? 1.0148 1.0455 1.0570 -0.2151 0.0326  0.0498  35  ARG A CZ  
277 N NH1 . ARG A 36  ? 0.9459 0.9261 0.9697 -0.2138 0.0086  0.0484  35  ARG A NH1 
278 N NH2 . ARG A 36  ? 0.9796 1.0072 1.0044 -0.2447 0.0537  0.0634  35  ARG A NH2 
279 N N   . GLY A 37  ? 1.1186 1.4824 1.3752 -0.0906 0.1394  -0.0251 36  GLY A N   
280 C CA  . GLY A 37  ? 1.2472 1.6586 1.5282 -0.0704 0.1721  -0.0408 36  GLY A CA  
281 C C   . GLY A 37  ? 1.3538 1.7371 1.5717 -0.0792 0.2017  -0.0428 36  GLY A C   
282 O O   . GLY A 37  ? 1.4932 1.9276 1.7275 -0.0911 0.2375  -0.0467 36  GLY A O   
283 N N   . GLY A 40  ? 1.5111 2.1093 1.9088 -0.1361 0.2435  -0.0360 39  GLY A N   
284 C CA  . GLY A 40  ? 1.5101 2.0920 1.9058 -0.1810 0.2227  -0.0168 39  GLY A CA  
285 C C   . GLY A 40  ? 1.4979 2.1143 1.9592 -0.1752 0.1853  -0.0189 39  GLY A C   
286 O O   . GLY A 40  ? 1.4798 2.1098 1.9707 -0.1310 0.1685  -0.0311 39  GLY A O   
287 N N   . ASP A 41  ? 1.4299 2.0500 1.9044 -0.2193 0.1704  -0.0068 40  ASP A N   
288 C CA  . ASP A 41  ? 1.3161 1.9649 1.8434 -0.2250 0.1311  -0.0083 40  ASP A CA  
289 C C   . ASP A 41  ? 1.2614 1.8128 1.7248 -0.2326 0.0936  -0.0003 40  ASP A C   
290 O O   . ASP A 41  ? 1.2676 1.8294 1.7589 -0.2262 0.0578  -0.0047 40  ASP A O   
291 C CB  . ASP A 41  ? 1.3711 2.1035 1.9669 -0.2728 0.1411  -0.0050 40  ASP A CB  
292 C CG  . ASP A 41  ? 1.4081 2.0962 1.9573 -0.3325 0.1575  0.0118  40  ASP A CG  
293 O OD1 . ASP A 41  ? 1.3969 1.9770 1.8565 -0.3373 0.1498  0.0228  40  ASP A OD1 
294 O OD2 . ASP A 41  ? 1.3446 2.1066 1.9490 -0.3743 0.1769  0.0147  40  ASP A OD2 
295 N N   . ASP A 42  ? 1.1266 1.5901 1.5085 -0.2437 0.1002  0.0105  41  ASP A N   
296 C CA  . ASP A 42  ? 1.0761 1.4457 1.3952 -0.2476 0.0702  0.0172  41  ASP A CA  
297 C C   . ASP A 42  ? 0.9547 1.2980 1.2615 -0.2012 0.0462  0.0082  41  ASP A C   
298 O O   . ASP A 42  ? 0.9392 1.3035 1.2551 -0.1684 0.0587  0.0010  41  ASP A O   
299 C CB  . ASP A 42  ? 1.1870 1.4807 1.4290 -0.2620 0.0856  0.0314  41  ASP A CB  
300 C CG  . ASP A 42  ? 1.3102 1.5911 1.5401 -0.3151 0.0987  0.0462  41  ASP A CG  
301 O OD1 . ASP A 42  ? 1.4015 1.7242 1.6809 -0.3461 0.0910  0.0441  41  ASP A OD1 
302 O OD2 . ASP A 42  ? 1.4022 1.6278 1.5702 -0.3265 0.1143  0.0607  41  ASP A OD2 
303 N N   . VAL A 43  ? 0.8447 1.1402 1.1278 -0.2001 0.0147  0.0079  42  VAL A N   
304 C CA  . VAL A 43  ? 0.7509 1.0262 1.0239 -0.1622 -0.0081 0.0008  42  VAL A CA  
305 C C   . VAL A 43  ? 0.7745 0.9676 0.9858 -0.1652 -0.0252 0.0042  42  VAL A C   
306 O O   . VAL A 43  ? 0.8540 1.0239 1.0543 -0.1947 -0.0335 0.0069  42  VAL A O   
307 C CB  . VAL A 43  ? 0.7272 1.0557 1.0528 -0.1567 -0.0330 -0.0064 42  VAL A CB  
308 C CG1 . VAL A 43  ? 0.7842 1.0827 1.0874 -0.1208 -0.0544 -0.0099 42  VAL A CG1 
309 C CG2 . VAL A 43  ? 0.7608 1.1802 1.1587 -0.1506 -0.0181 -0.0106 42  VAL A CG2 
310 N N   . ASP A 44  ? 0.7112 0.8649 0.8878 -0.1355 -0.0304 0.0025  43  ASP A N   
311 C CA  . ASP A 44  ? 0.7491 0.8383 0.8784 -0.1315 -0.0477 0.0022  43  ASP A CA  
312 C C   . ASP A 44  ? 0.7807 0.8806 0.9188 -0.1114 -0.0680 -0.0052 43  ASP A C   
313 O O   . ASP A 44  ? 0.8470 0.9747 1.0042 -0.0881 -0.0646 -0.0066 43  ASP A O   
314 C CB  . ASP A 44  ? 0.7576 0.8016 0.8433 -0.1156 -0.0373 0.0070  43  ASP A CB  
315 C CG  . ASP A 44  ? 0.8004 0.8344 0.8706 -0.1336 -0.0187 0.0171  43  ASP A CG  
316 O OD1 . ASP A 44  ? 0.8320 0.8307 0.8817 -0.1569 -0.0220 0.0237  43  ASP A OD1 
317 O OD2 . ASP A 44  ? 0.7769 0.8346 0.8514 -0.1256 -0.0007 0.0182  43  ASP A OD2 
318 N N   . PHE A 45  ? 0.8353 0.9076 0.9537 -0.1207 -0.0886 -0.0099 44  PHE A N   
319 C CA  . PHE A 45  ? 0.7986 0.8705 0.9091 -0.1042 -0.1096 -0.0158 44  PHE A CA  
320 C C   . PHE A 45  ? 0.7963 0.8100 0.8539 -0.0887 -0.1076 -0.0176 44  PHE A C   
321 O O   . PHE A 45  ? 0.9184 0.8903 0.9463 -0.1003 -0.1110 -0.0214 44  PHE A O   
322 C CB  . PHE A 45  ? 0.7712 0.8548 0.8914 -0.1284 -0.1340 -0.0225 44  PHE A CB  
323 C CG  . PHE A 45  ? 0.7799 0.9360 0.9642 -0.1449 -0.1363 -0.0211 44  PHE A CG  
324 C CD1 . PHE A 45  ? 0.7495 0.9636 0.9758 -0.1244 -0.1472 -0.0205 44  PHE A CD1 
325 C CD2 . PHE A 45  ? 0.8601 1.0278 1.0643 -0.1800 -0.1262 -0.0193 44  PHE A CD2 
326 C CE1 . PHE A 45  ? 0.7341 1.0261 1.0289 -0.1352 -0.1487 -0.0207 44  PHE A CE1 
327 C CE2 . PHE A 45  ? 0.8606 1.1070 1.1314 -0.1972 -0.1250 -0.0189 44  PHE A CE2 
328 C CZ  . PHE A 45  ? 0.8083 1.1216 1.1284 -0.1730 -0.1365 -0.0207 44  PHE A CZ  
329 N N   . ILE A 46  ? 0.8096 0.8215 0.8575 -0.0637 -0.1020 -0.0155 45  ILE A N   
330 C CA  . ILE A 46  ? 0.7824 0.7520 0.7907 -0.0504 -0.0941 -0.0168 45  ILE A CA  
331 C C   . ILE A 46  ? 0.7909 0.7495 0.7736 -0.0376 -0.1042 -0.0205 45  ILE A C   
332 O O   . ILE A 46  ? 0.7717 0.7526 0.7668 -0.0274 -0.1080 -0.0157 45  ILE A O   
333 C CB  . ILE A 46  ? 0.7607 0.7396 0.7785 -0.0389 -0.0757 -0.0108 45  ILE A CB  
334 C CG1 . ILE A 46  ? 0.7978 0.7837 0.8289 -0.0532 -0.0652 -0.0063 45  ILE A CG1 
335 C CG2 . ILE A 46  ? 0.8063 0.7590 0.7964 -0.0249 -0.0688 -0.0118 45  ILE A CG2 
336 C CD1 . ILE A 46  ? 0.8340 0.8410 0.8785 -0.0453 -0.0493 -0.0029 45  ILE A CD1 
337 N N   . ARG A 47  ? 0.8432 0.7643 0.7870 -0.0364 -0.1065 -0.0284 46  ARG A N   
338 C CA  . ARG A 47  ? 0.8929 0.8017 0.8027 -0.0265 -0.1127 -0.0322 46  ARG A CA  
339 C C   . ARG A 47  ? 0.8748 0.7894 0.7838 -0.0103 -0.0948 -0.0251 46  ARG A C   
340 O O   . ARG A 47  ? 0.7952 0.7041 0.7088 -0.0052 -0.0798 -0.0255 46  ARG A O   
341 C CB  . ARG A 47  ? 1.0430 0.9086 0.9075 -0.0276 -0.1148 -0.0461 46  ARG A CB  
342 C CG  . ARG A 47  ? 1.1988 1.0530 1.0202 -0.0198 -0.1195 -0.0508 46  ARG A CG  
343 C CD  . ARG A 47  ? 1.3486 1.1585 1.1180 -0.0153 -0.1148 -0.0683 46  ARG A CD  
344 N NE  . ARG A 47  ? 1.4552 1.2321 1.2086 -0.0316 -0.1312 -0.0826 46  ARG A NE  
345 C CZ  . ARG A 47  ? 1.5438 1.2781 1.2828 -0.0297 -0.1240 -0.0941 46  ARG A CZ  
346 N NH1 . ARG A 47  ? 1.4705 1.1970 1.2132 -0.0081 -0.1019 -0.0933 46  ARG A NH1 
347 N NH2 . ARG A 47  ? 1.6465 1.3438 1.3667 -0.0499 -0.1412 -0.1066 46  ARG A NH2 
348 N N   . ILE A 48  ? 0.8797 0.8022 0.7803 -0.0035 -0.0983 -0.0183 47  ILE A N   
349 C CA  . ILE A 48  ? 0.8511 0.7711 0.7411 0.0061  -0.0815 -0.0115 47  ILE A CA  
350 C C   . ILE A 48  ? 0.9142 0.8130 0.7550 0.0088  -0.0802 -0.0144 47  ILE A C   
351 O O   . ILE A 48  ? 0.9601 0.8499 0.7757 0.0060  -0.0987 -0.0156 47  ILE A O   
352 C CB  . ILE A 48  ? 0.8773 0.8110 0.7887 0.0106  -0.0840 0.0003  47  ILE A CB  
353 C CG1 . ILE A 48  ? 0.7982 0.7561 0.7546 0.0088  -0.0857 0.0000  47  ILE A CG1 
354 C CG2 . ILE A 48  ? 0.8437 0.7691 0.7452 0.0133  -0.0658 0.0065  47  ILE A CG2 
355 C CD1 . ILE A 48  ? 0.7859 0.7466 0.7558 0.0048  -0.0700 -0.0041 47  ILE A CD1 
356 N N   . VAL A 49  ? 0.9113 0.8073 0.7396 0.0131  -0.0587 -0.0148 48  VAL A N   
357 C CA  . VAL A 49  ? 0.9647 0.8459 0.7453 0.0154  -0.0478 -0.0176 48  VAL A CA  
358 C C   . VAL A 49  ? 0.9905 0.8796 0.7717 0.0128  -0.0303 -0.0041 48  VAL A C   
359 O O   . VAL A 49  ? 0.9716 0.8805 0.7877 0.0121  -0.0162 -0.0040 48  VAL A O   
360 C CB  . VAL A 49  ? 1.0799 0.9564 0.8514 0.0230  -0.0321 -0.0340 48  VAL A CB  
361 C CG1 . VAL A 49  ? 1.1274 0.9914 0.8465 0.0263  -0.0172 -0.0401 48  VAL A CG1 
362 C CG2 . VAL A 49  ? 1.1250 0.9837 0.9002 0.0229  -0.0481 -0.0467 48  VAL A CG2 
363 N N   . ALA A 50  ? 1.0127 0.8844 0.7531 0.0097  -0.0328 0.0070  49  ALA A N   
364 C CA  . ALA A 50  ? 0.9826 0.8497 0.7097 0.0020  -0.0149 0.0221  49  ALA A CA  
365 C C   . ALA A 50  ? 1.0219 0.8809 0.6960 -0.0014 0.0045  0.0198  49  ALA A C   
366 O O   . ALA A 50  ? 1.1299 0.9719 0.7612 0.0036  -0.0074 0.0114  49  ALA A O   
367 C CB  . ALA A 50  ? 1.0201 0.8640 0.7349 0.0021  -0.0336 0.0406  49  ALA A CB  
368 N N   . PHE A 51  ? 0.9599 0.8302 0.6332 -0.0120 0.0327  0.0265  50  PHE A N   
369 C CA  . PHE A 51  ? 1.0488 0.9215 0.6766 -0.0172 0.0606  0.0243  50  PHE A CA  
370 C C   . PHE A 51  ? 1.0865 0.9417 0.6834 -0.0370 0.0751  0.0481  50  PHE A C   
371 O O   . PHE A 51  ? 1.1014 0.9492 0.7261 -0.0459 0.0689  0.0614  50  PHE A O   
372 C CB  . PHE A 51  ? 1.0301 0.9484 0.6994 -0.0121 0.0878  0.0067  50  PHE A CB  
373 C CG  . PHE A 51  ? 1.0126 0.9395 0.7115 0.0079  0.0751  -0.0142 50  PHE A CG  
374 C CD1 . PHE A 51  ? 1.0175 0.9580 0.7728 0.0114  0.0598  -0.0150 50  PHE A CD1 
375 C CD2 . PHE A 51  ? 1.0678 0.9815 0.7313 0.0222  0.0785  -0.0333 50  PHE A CD2 
376 C CE1 . PHE A 51  ? 0.9988 0.9395 0.7749 0.0273  0.0488  -0.0306 50  PHE A CE1 
377 C CE2 . PHE A 51  ? 1.0349 0.9443 0.7208 0.0388  0.0663  -0.0511 50  PHE A CE2 
378 C CZ  . PHE A 51  ? 0.9749 0.8973 0.7171 0.0406  0.0516  -0.0479 50  PHE A CZ  
379 N N   . ARG A 52  ? 1.2414 1.0847 0.7762 -0.0448 0.0955  0.0531  51  ARG A N   
380 C CA  . ARG A 52  ? 1.3200 1.1420 0.8143 -0.0687 0.1155  0.0782  51  ARG A CA  
381 C C   . ARG A 52  ? 1.3075 1.0817 0.7947 -0.0719 0.0862  0.1023  51  ARG A C   
382 O O   . ARG A 52  ? 1.2737 1.0204 0.7392 -0.0547 0.0513  0.1048  51  ARG A O   
383 C CB  . ARG A 52  ? 1.3870 1.2613 0.9273 -0.0854 0.1554  0.0725  51  ARG A CB  
384 C CG  . ARG A 52  ? 1.5283 1.4424 1.0568 -0.0770 0.1871  0.0516  51  ARG A CG  
385 C CD  . ARG A 52  ? 1.6428 1.6307 1.2426 -0.0791 0.2194  0.0361  51  ARG A CD  
386 N NE  . ARG A 52  ? 1.7183 1.7340 1.3998 -0.0706 0.1990  0.0278  51  ARG A NE  
387 C CZ  . ARG A 52  ? 1.7455 1.7858 1.4695 -0.0433 0.1874  0.0060  51  ARG A CZ  
388 N NH1 . ARG A 52  ? 1.9173 1.9564 1.6152 -0.0195 0.1938  -0.0135 51  ARG A NH1 
389 N NH2 . ARG A 52  ? 1.6966 1.7561 1.4834 -0.0401 0.1688  0.0036  51  ARG A NH2 
390 N N   . LYS A 53  ? 1.3405 1.1032 0.8436 -0.0925 0.0986  0.1189  52  LYS A N   
391 C CA  . LYS A 53  ? 1.4043 1.1064 0.8841 -0.0946 0.0758  0.1441  52  LYS A CA  
392 C C   . LYS A 53  ? 1.2732 0.9765 0.7994 -0.0685 0.0398  0.1342  52  LYS A C   
393 O O   . LYS A 53  ? 1.3572 1.0193 0.8573 -0.0544 0.0117  0.1488  52  LYS A O   
394 C CB  . LYS A 53  ? 1.4841 1.1687 0.9757 -0.1246 0.0971  0.1591  52  LYS A CB  
395 C CG  . LYS A 53  ? 1.7155 1.3428 1.1254 -0.1473 0.1114  0.1899  52  LYS A CG  
396 C CD  . LYS A 53  ? 1.8154 1.4353 1.2286 -0.1890 0.1449  0.2032  52  LYS A CD  
397 C CE  . LYS A 53  ? 2.0351 1.6278 1.3643 -0.2135 0.1727  0.2267  52  LYS A CE  
398 N NZ  . LYS A 53  ? 2.1531 1.6999 1.4579 -0.2567 0.1951  0.2528  52  LYS A NZ  
399 N N   . LEU A 54  ? 1.2121 0.9635 0.8051 -0.0621 0.0413  0.1111  53  LEU A N   
400 C CA  . LEU A 54  ? 1.2050 0.9630 0.8441 -0.0414 0.0129  0.1014  53  LEU A CA  
401 C C   . LEU A 54  ? 1.1968 0.9532 0.8124 -0.0213 -0.0142 0.0973  53  LEU A C   
402 O O   . LEU A 54  ? 1.2268 0.9710 0.8547 -0.0059 -0.0418 0.1022  53  LEU A O   
403 C CB  . LEU A 54  ? 1.1353 0.9433 0.8399 -0.0434 0.0244  0.0801  53  LEU A CB  
404 C CG  . LEU A 54  ? 1.1456 0.9578 0.8981 -0.0318 0.0061  0.0730  53  LEU A CG  
405 C CD1 . LEU A 54  ? 1.2068 0.9742 0.9511 -0.0360 0.0013  0.0882  53  LEU A CD1 
406 C CD2 . LEU A 54  ? 1.1149 0.9714 0.9195 -0.0357 0.0166  0.0553  53  LEU A CD2 
407 N N   . ALA A 55  ? 1.2069 0.9757 0.7896 -0.0218 -0.0072 0.0873  54  ALA A N   
408 C CA  . ALA A 55  ? 1.2668 1.0251 0.8095 -0.0096 -0.0337 0.0838  54  ALA A CA  
409 C C   . ALA A 55  ? 1.2950 1.0086 0.7825 -0.0056 -0.0566 0.1099  54  ALA A C   
410 O O   . ALA A 55  ? 1.1936 0.9048 0.6846 0.0097  -0.0926 0.1120  54  ALA A O   
411 C CB  . ALA A 55  ? 1.3254 1.0920 0.8268 -0.0139 -0.0150 0.0687  54  ALA A CB  
412 N N   . GLU A 56  ? 1.3146 0.9943 0.7534 -0.0193 -0.0374 0.1307  55  GLU A N   
413 C CA  . GLU A 56  ? 1.4853 1.1108 0.8617 -0.0145 -0.0596 0.1604  55  GLU A CA  
414 C C   . GLU A 56  ? 1.4125 1.0268 0.8378 0.0046  -0.0876 0.1692  55  GLU A C   
415 O O   . GLU A 56  ? 1.4496 1.0475 0.8575 0.0245  -0.1240 0.1810  55  GLU A O   
416 C CB  . GLU A 56  ? 1.5326 1.1204 0.8491 -0.0385 -0.0273 0.1822  55  GLU A CB  
417 C CG  . GLU A 56  ? 1.6749 1.1936 0.9206 -0.0354 -0.0471 0.2180  55  GLU A CG  
418 C CD  . GLU A 56  ? 1.7770 1.2568 0.9518 -0.0656 -0.0112 0.2405  55  GLU A CD  
419 O OE1 . GLU A 56  ? 1.8035 1.3206 0.9935 -0.0887 0.0308  0.2263  55  GLU A OE1 
420 O OE2 . GLU A 56  ? 1.8727 1.2869 0.9788 -0.0662 -0.0246 0.2731  55  GLU A OE2 
421 N N   . LEU A 57  ? 1.3457 0.9729 0.8321 0.0004  -0.0715 0.1614  56  LEU A N   
422 C CA  . LEU A 57  ? 1.3870 0.9992 0.9162 0.0186  -0.0902 0.1669  56  LEU A CA  
423 C C   . LEU A 57  ? 1.3190 0.9740 0.8943 0.0426  -0.1212 0.1522  56  LEU A C   
424 O O   . LEU A 57  ? 1.3753 1.0151 0.9490 0.0664  -0.1525 0.1650  56  LEU A O   
425 C CB  . LEU A 57  ? 1.4807 1.1039 1.0595 0.0035  -0.0626 0.1550  56  LEU A CB  
426 C CG  . LEU A 57  ? 1.6254 1.2200 1.2369 0.0176  -0.0721 0.1586  56  LEU A CG  
427 C CD1 . LEU A 57  ? 1.6679 1.2348 1.2806 -0.0087 -0.0443 0.1602  56  LEU A CD1 
428 C CD2 . LEU A 57  ? 1.6042 1.2498 1.2864 0.0371  -0.0842 0.1359  56  LEU A CD2 
429 N N   . ALA A 58  ? 1.1884 0.8950 0.8042 0.0365  -0.1130 0.1270  57  ALA A N   
430 C CA  . ALA A 58  ? 1.2028 0.9544 0.8659 0.0500  -0.1370 0.1109  57  ALA A CA  
431 C C   . ALA A 58  ? 1.2430 0.9889 0.8673 0.0618  -0.1730 0.1208  57  ALA A C   
432 O O   . ALA A 58  ? 1.2413 1.0062 0.9022 0.0816  -0.2017 0.1237  57  ALA A O   
433 C CB  . ALA A 58  ? 1.1744 0.9638 0.8623 0.0368  -0.1209 0.0866  57  ALA A CB  
434 N N   . HIS A 59  ? 1.2346 0.9571 0.7863 0.0508  -0.1713 0.1261  58  HIS A N   
435 C CA  . HIS A 59  ? 1.3308 1.0404 0.8263 0.0586  -0.2069 0.1369  58  HIS A CA  
436 C C   . HIS A 59  ? 1.4267 1.1090 0.9175 0.0820  -0.2353 0.1641  58  HIS A C   
437 O O   . HIS A 59  ? 1.4250 1.1321 0.9342 0.1007  -0.2767 0.1663  58  HIS A O   
438 C CB  . HIS A 59  ? 1.4148 1.0895 0.8182 0.0419  -0.1906 0.1421  58  HIS A CB  
439 C CG  . HIS A 59  ? 1.5403 1.1964 0.8752 0.0486  -0.2282 0.1537  58  HIS A CG  
440 N ND1 . HIS A 59  ? 1.5227 1.2083 0.8547 0.0467  -0.2551 0.1328  58  HIS A ND1 
441 C CD2 . HIS A 59  ? 1.6633 1.2723 0.9292 0.0570  -0.2474 0.1845  58  HIS A CD2 
442 C CE1 . HIS A 59  ? 1.6885 1.3509 0.9512 0.0529  -0.2905 0.1488  58  HIS A CE1 
443 N NE2 . HIS A 59  ? 1.7244 1.3390 0.9437 0.0609  -0.2866 0.1822  58  HIS A NE2 
444 N N   . ASN A 60  ? 1.4438 1.0775 0.9139 0.0813  -0.2145 0.1837  59  ASN A N   
445 C CA  . ASN A 60  ? 1.5687 1.1517 1.0092 0.1039  -0.2389 0.2145  59  ASN A CA  
446 C C   . ASN A 60  ? 1.4912 1.1025 1.0158 0.1334  -0.2572 0.2089  59  ASN A C   
447 O O   . ASN A 60  ? 1.4939 1.1029 1.0189 0.1628  -0.2962 0.2239  59  ASN A O   
448 C CB  . ASN A 60  ? 1.6481 1.1598 1.0311 0.0879  -0.2090 0.2372  59  ASN A CB  
449 C CG  . ASN A 60  ? 1.7706 1.2532 1.0591 0.0641  -0.1960 0.2492  59  ASN A CG  
450 O OD1 . ASN A 60  ? 1.8781 1.3743 1.1248 0.0679  -0.2207 0.2478  59  ASN A OD1 
451 N ND2 . ASN A 60  ? 1.7756 1.2214 1.0303 0.0372  -0.1562 0.2591  59  ASN A ND2 
452 N N   . TYR A 61  ? 1.3922 1.0348 0.9859 0.1277  -0.2316 0.1874  60  TYR A N   
453 C CA  . TYR A 61  ? 1.4133 1.0679 1.0757 0.1554  -0.2382 0.1835  60  TYR A CA  
454 C C   . TYR A 61  ? 1.2639 1.0006 1.0099 0.1592  -0.2420 0.1564  60  TYR A C   
455 O O   . TYR A 61  ? 1.3056 1.0648 1.1091 0.1848  -0.2498 0.1521  60  TYR A O   
456 C CB  . TYR A 61  ? 1.4373 1.0427 1.0992 0.1468  -0.2049 0.1847  60  TYR A CB  
457 C CG  . TYR A 61  ? 1.5721 1.0917 1.1539 0.1400  -0.2011 0.2139  60  TYR A CG  
458 C CD1 . TYR A 61  ? 1.7332 1.1990 1.2865 0.1712  -0.2288 0.2393  60  TYR A CD1 
459 C CD2 . TYR A 61  ? 1.6314 1.1255 1.1653 0.1027  -0.1700 0.2175  60  TYR A CD2 
460 C CE1 . TYR A 61  ? 1.8919 1.2683 1.3630 0.1625  -0.2253 0.2700  60  TYR A CE1 
461 C CE2 . TYR A 61  ? 1.7365 1.1519 1.1945 0.0904  -0.1628 0.2461  60  TYR A CE2 
462 C CZ  . TYR A 61  ? 1.8852 1.2363 1.3074 0.1188  -0.1907 0.2736  60  TYR A CZ  
463 O OH  . TYR A 61  ? 2.0994 1.3636 1.4389 0.1045  -0.1839 0.3054  60  TYR A OH  
464 N N   . LEU A 62  ? 1.1980 0.9773 0.9523 0.1357  -0.2353 0.1381  61  LEU A N   
465 C CA  . LEU A 62  ? 1.1811 1.0314 1.0138 0.1374  -0.2389 0.1160  61  LEU A CA  
466 C C   . LEU A 62  ? 1.2497 1.1462 1.0955 0.1440  -0.2789 0.1151  61  LEU A C   
467 O O   . LEU A 62  ? 1.3057 1.1846 1.0927 0.1346  -0.2964 0.1216  61  LEU A O   
468 C CB  . LEU A 62  ? 1.1801 1.0453 1.0208 0.1083  -0.2082 0.0961  61  LEU A CB  
469 C CG  . LEU A 62  ? 1.2074 1.0397 1.0439 0.0998  -0.1730 0.0951  61  LEU A CG  
470 C CD1 . LEU A 62  ? 1.1888 1.0409 1.0324 0.0751  -0.1491 0.0773  61  LEU A CD1 
471 C CD2 . LEU A 62  ? 1.2011 1.0393 1.0888 0.1194  -0.1677 0.0919  61  LEU A CD2 
472 N N   . GLN A 63  ? 1.2871 1.2446 1.2095 0.1588  -0.2923 0.1062  62  GLN A N   
473 C CA  . GLN A 63  ? 1.2458 1.2650 1.2020 0.1628  -0.3318 0.1029  62  GLN A CA  
474 C C   . GLN A 63  ? 1.1211 1.2105 1.1599 0.1503  -0.3188 0.0811  62  GLN A C   
475 O O   . GLN A 63  ? 1.1153 1.2038 1.1854 0.1529  -0.2864 0.0741  62  GLN A O   
476 C CB  . GLN A 63  ? 1.3578 1.3864 1.3333 0.2032  -0.3657 0.1214  62  GLN A CB  
477 C CG  . GLN A 63  ? 1.5631 1.5324 1.4512 0.2121  -0.3936 0.1459  62  GLN A CG  
478 C CD  . GLN A 63  ? 1.6262 1.5496 1.5065 0.2526  -0.4005 0.1692  62  GLN A CD  
479 O OE1 . GLN A 63  ? 1.6774 1.5491 1.5471 0.2556  -0.3668 0.1716  62  GLN A OE1 
480 N NE2 . GLN A 63  ? 1.7260 1.6659 1.6106 0.2844  -0.4467 0.1862  62  GLN A NE2 
481 N N   . LYS A 64  ? 1.1307 1.2751 1.1965 0.1331  -0.3434 0.0708  63  LYS A N   
482 C CA  . LYS A 64  ? 1.0499 1.2668 1.1964 0.1170  -0.3347 0.0529  63  LYS A CA  
483 C C   . LYS A 64  ? 0.9695 1.2243 1.1878 0.1482  -0.3200 0.0543  63  LYS A C   
484 O O   . LYS A 64  ? 0.9533 1.2086 1.1810 0.1854  -0.3397 0.0679  63  LYS A O   
485 C CB  . LYS A 64  ? 1.0985 1.3736 1.2691 0.1004  -0.3758 0.0470  63  LYS A CB  
486 C CG  . LYS A 64  ? 1.1054 1.4604 1.3614 0.0785  -0.3695 0.0311  63  LYS A CG  
487 C CD  . LYS A 64  ? 1.1876 1.6251 1.5007 0.0767  -0.4137 0.0296  63  LYS A CD  
488 C CE  . LYS A 64  ? 1.2266 1.7339 1.6097 0.0387  -0.4049 0.0127  63  LYS A CE  
489 N NZ  . LYS A 64  ? 1.3913 1.9268 1.7688 0.0045  -0.4471 0.0042  63  LYS A NZ  
490 N N   . GLY A 65  ? 0.9272 1.2072 1.1887 0.1350  -0.2851 0.0406  64  GLY A N   
491 C CA  . GLY A 65  ? 0.8963 1.2233 1.2296 0.1600  -0.2662 0.0357  64  GLY A CA  
492 C C   . GLY A 65  ? 0.8967 1.1604 1.2008 0.1830  -0.2366 0.0386  64  GLY A C   
493 O O   . GLY A 65  ? 0.8517 1.1440 1.2033 0.1977  -0.2123 0.0293  64  GLY A O   
494 N N   . ARG A 66  ? 0.9323 1.1145 1.1606 0.1847  -0.2382 0.0506  65  ARG A N   
495 C CA  . ARG A 66  ? 0.9550 1.0679 1.1482 0.2004  -0.2137 0.0543  65  ARG A CA  
496 C C   . ARG A 66  ? 0.8353 0.9443 1.0316 0.1759  -0.1748 0.0385  65  ARG A C   
497 O O   . ARG A 66  ? 0.8706 0.9846 1.0506 0.1427  -0.1680 0.0328  65  ARG A O   
498 C CB  . ARG A 66  ? 1.0425 1.0773 1.1537 0.1968  -0.2241 0.0719  65  ARG A CB  
499 C CG  . ARG A 66  ? 1.1536 1.1134 1.2276 0.2112  -0.2057 0.0793  65  ARG A CG  
500 C CD  . ARG A 66  ? 1.2831 1.2357 1.3864 0.2563  -0.2160 0.0850  65  ARG A CD  
501 N NE  . ARG A 66  ? 1.4559 1.3182 1.5098 0.2688  -0.2050 0.0953  65  ARG A NE  
502 C CZ  . ARG A 66  ? 1.5388 1.3287 1.5214 0.2641  -0.2160 0.1175  65  ARG A CZ  
503 N NH1 . ARG A 66  ? 1.6152 1.4138 1.5634 0.2495  -0.2378 0.1305  65  ARG A NH1 
504 N NH2 . ARG A 66  ? 1.5832 1.2893 1.5249 0.2715  -0.2040 0.1262  65  ARG A NH2 
505 N N   . MET A 67  ? 0.8335 0.9308 1.0468 0.1941  -0.1519 0.0311  66  MET A N   
506 C CA  . MET A 67  ? 0.8371 0.9173 1.0401 0.1753  -0.1174 0.0176  66  MET A CA  
507 C C   . MET A 67  ? 0.8379 0.8402 0.9739 0.1631  -0.1111 0.0251  66  MET A C   
508 O O   . MET A 67  ? 0.9850 0.9347 1.0905 0.1812  -0.1207 0.0372  66  MET A O   
509 C CB  . MET A 67  ? 0.9088 1.0008 1.1475 0.2012  -0.0968 0.0046  66  MET A CB  
510 C CG  . MET A 67  ? 1.0004 1.0865 1.2290 0.1799  -0.0641 -0.0108 66  MET A CG  
511 S SD  . MET A 67  ? 1.1669 1.3384 1.4479 0.1593  -0.0485 -0.0222 66  MET A SD  
512 C CE  . MET A 67  ? 1.1573 1.3665 1.4913 0.1991  -0.0293 -0.0372 66  MET A CE  
513 N N   . VAL A 68  ? 0.8105 0.8055 0.9254 0.1331  -0.0947 0.0190  67  VAL A N   
514 C CA  . VAL A 68  ? 0.8640 0.7998 0.9250 0.1180  -0.0872 0.0251  67  VAL A CA  
515 C C   . VAL A 68  ? 0.8292 0.7686 0.8860 0.0942  -0.0647 0.0128  67  VAL A C   
516 O O   . VAL A 68  ? 0.7674 0.7493 0.8500 0.0841  -0.0584 0.0039  67  VAL A O   
517 C CB  . VAL A 68  ? 0.9350 0.8607 0.9626 0.1082  -0.1052 0.0384  67  VAL A CB  
518 C CG1 . VAL A 68  ? 0.8986 0.8528 0.9267 0.0836  -0.1012 0.0310  67  VAL A CG1 
519 C CG2 . VAL A 68  ? 1.0138 0.8787 0.9885 0.1020  -0.1009 0.0506  67  VAL A CG2 
520 N N   . LEU A 69  ? 0.8433 0.7384 0.8675 0.0843  -0.0539 0.0134  68  LEU A N   
521 C CA  . LEU A 69  ? 0.8368 0.7355 0.8529 0.0613  -0.0386 0.0044  68  LEU A CA  
522 C C   . LEU A 69  ? 0.7681 0.6589 0.7579 0.0437  -0.0410 0.0129  68  LEU A C   
523 O O   . LEU A 69  ? 0.8298 0.6872 0.7918 0.0428  -0.0444 0.0243  68  LEU A O   
524 C CB  . LEU A 69  ? 0.8680 0.7312 0.8716 0.0593  -0.0256 -0.0045 68  LEU A CB  
525 C CG  . LEU A 69  ? 0.7957 0.6657 0.7909 0.0361  -0.0146 -0.0141 68  LEU A CG  
526 C CD1 . LEU A 69  ? 0.8037 0.6607 0.7977 0.0391  -0.0034 -0.0304 68  LEU A CD1 
527 C CD2 . LEU A 69  ? 0.8313 0.6791 0.8024 0.0156  -0.0137 -0.0071 68  LEU A CD2 
528 N N   . VAL A 70  ? 0.7312 0.6487 0.7270 0.0307  -0.0367 0.0074  69  VAL A N   
529 C CA  . VAL A 70  ? 0.7864 0.7037 0.7631 0.0172  -0.0342 0.0108  69  VAL A CA  
530 C C   . VAL A 70  ? 0.7537 0.6841 0.7374 0.0051  -0.0239 0.0024  69  VAL A C   
531 O O   . VAL A 70  ? 0.7214 0.6702 0.7211 0.0062  -0.0229 -0.0048 69  VAL A O   
532 C CB  . VAL A 70  ? 0.8507 0.7869 0.8283 0.0191  -0.0443 0.0112  69  VAL A CB  
533 C CG1 . VAL A 70  ? 0.9610 0.8986 0.9210 0.0105  -0.0386 0.0100  69  VAL A CG1 
534 C CG2 . VAL A 70  ? 0.8854 0.8136 0.8540 0.0298  -0.0599 0.0194  69  VAL A CG2 
535 N N   . ASP A 71  ? 0.7234 0.6476 0.6958 -0.0069 -0.0166 0.0041  70  ASP A N   
536 C CA  . ASP A 71  ? 0.7835 0.7326 0.7662 -0.0162 -0.0118 -0.0022 70  ASP A CA  
537 C C   . ASP A 71  ? 0.7729 0.7358 0.7502 -0.0174 -0.0079 0.0011  70  ASP A C   
538 O O   . ASP A 71  ? 0.8299 0.7779 0.7879 -0.0191 -0.0041 0.0083  70  ASP A O   
539 C CB  . ASP A 71  ? 0.8534 0.7973 0.8383 -0.0300 -0.0074 -0.0080 70  ASP A CB  
540 C CG  . ASP A 71  ? 0.8612 0.7975 0.8394 -0.0478 0.0002  -0.0042 70  ASP A CG  
541 O OD1 . ASP A 71  ? 0.9445 0.8748 0.9106 -0.0477 0.0048  0.0052  70  ASP A OD1 
542 O OD2 . ASP A 71  ? 0.9659 0.9035 0.9487 -0.0649 0.0016  -0.0111 70  ASP A OD2 
543 N N   . GLY A 72  ? 0.7423 0.7293 0.7317 -0.0136 -0.0089 -0.0040 71  GLY A N   
544 C CA  . GLY A 72  ? 0.7907 0.7960 0.7804 -0.0102 -0.0022 -0.0051 71  GLY A CA  
545 C C   . GLY A 72  ? 0.7605 0.7864 0.7661 -0.0010 -0.0071 -0.0103 71  GLY A C   
546 O O   . GLY A 72  ? 0.8303 0.8626 0.8461 -0.0047 -0.0136 -0.0113 71  GLY A O   
547 N N   . LYS A 73  ? 0.7463 0.7747 0.7474 0.0123  -0.0053 -0.0134 72  LYS A N   
548 C CA  . LYS A 73  ? 0.7043 0.7454 0.7178 0.0268  -0.0104 -0.0169 72  LYS A CA  
549 C C   . LYS A 73  ? 0.7084 0.7159 0.7015 0.0373  -0.0175 -0.0187 72  LYS A C   
550 O O   . LYS A 73  ? 0.7562 0.7456 0.7291 0.0379  -0.0140 -0.0220 72  LYS A O   
551 C CB  . LYS A 73  ? 0.7505 0.8275 0.7818 0.0340  0.0017  -0.0213 72  LYS A CB  
552 C CG  . LYS A 73  ? 0.7557 0.8646 0.8074 0.0144  0.0089  -0.0191 72  LYS A CG  
553 C CD  . LYS A 73  ? 0.7092 0.8701 0.7918 0.0179  0.0211  -0.0234 72  LYS A CD  
554 C CE  . LYS A 73  ? 0.7393 0.9313 0.8442 -0.0094 0.0257  -0.0211 72  LYS A CE  
555 N NZ  . LYS A 73  ? 0.8068 0.9785 0.8886 -0.0293 0.0429  -0.0159 72  LYS A NZ  
556 N N   . LEU A 74  ? 0.7205 0.7179 0.7147 0.0433  -0.0278 -0.0163 73  LEU A N   
557 C CA  . LEU A 74  ? 0.8124 0.7716 0.7864 0.0513  -0.0348 -0.0175 73  LEU A CA  
558 C C   . LEU A 74  ? 0.8609 0.8137 0.8295 0.0736  -0.0297 -0.0264 73  LEU A C   
559 O O   . LEU A 74  ? 0.8531 0.8351 0.8431 0.0893  -0.0277 -0.0269 73  LEU A O   
560 C CB  . LEU A 74  ? 0.8143 0.7625 0.7869 0.0493  -0.0451 -0.0088 73  LEU A CB  
561 C CG  . LEU A 74  ? 0.9270 0.8280 0.8760 0.0513  -0.0525 -0.0066 73  LEU A CG  
562 C CD1 . LEU A 74  ? 1.1333 1.0158 1.0712 0.0354  -0.0520 -0.0115 73  LEU A CD1 
563 C CD2 . LEU A 74  ? 0.9712 0.8598 0.9118 0.0430  -0.0597 0.0059  73  LEU A CD2 
564 N N   . ARG A 75  ? 0.8395 0.7598 0.7817 0.0755  -0.0279 -0.0351 74  ARG A N   
565 C CA  . ARG A 75  ? 0.9480 0.8497 0.8735 0.0978  -0.0205 -0.0486 74  ARG A CA  
566 C C   . ARG A 75  ? 0.9678 0.8072 0.8617 0.0979  -0.0325 -0.0529 74  ARG A C   
567 O O   . ARG A 75  ? 0.9128 0.7323 0.7936 0.0751  -0.0418 -0.0501 74  ARG A O   
568 C CB  . ARG A 75  ? 1.0201 0.9359 0.9317 0.0946  -0.0057 -0.0570 74  ARG A CB  
569 C CG  . ARG A 75  ? 1.1223 1.0877 1.0600 0.0816  0.0037  -0.0480 74  ARG A CG  
570 C CD  . ARG A 75  ? 1.1164 1.1216 1.0792 0.1002  0.0189  -0.0537 74  ARG A CD  
571 N NE  . ARG A 75  ? 1.0030 1.0640 1.0000 0.0911  0.0304  -0.0484 74  ARG A NE  
572 C CZ  . ARG A 75  ? 0.8729 0.9706 0.9090 0.0939  0.0236  -0.0437 74  ARG A CZ  
573 N NH1 . ARG A 75  ? 0.7853 0.8652 0.8250 0.1017  0.0041  -0.0389 74  ARG A NH1 
574 N NH2 . ARG A 75  ? 0.8635 1.0158 0.9321 0.0849  0.0358  -0.0427 74  ARG A NH2 
575 N N   . ILE A 76  ? 1.0125 0.8223 0.8988 0.1222  -0.0343 -0.0578 75  ILE A N   
576 C CA  . ILE A 76  ? 1.0889 0.8262 0.9393 0.1200  -0.0457 -0.0622 75  ILE A CA  
577 C C   . ILE A 76  ? 1.1254 0.8311 0.9455 0.1396  -0.0363 -0.0846 75  ILE A C   
578 O O   . ILE A 76  ? 1.2289 0.9435 1.0583 0.1727  -0.0263 -0.0921 75  ILE A O   
579 C CB  . ILE A 76  ? 1.1055 0.8136 0.9575 0.1334  -0.0565 -0.0497 75  ILE A CB  
580 C CG1 . ILE A 76  ? 1.0811 0.8180 0.9528 0.1127  -0.0638 -0.0291 75  ILE A CG1 
581 C CG2 . ILE A 76  ? 1.2182 0.8403 1.0275 0.1295  -0.0663 -0.0546 75  ILE A CG2 
582 C CD1 . ILE A 76  ? 1.1923 0.9186 1.0548 0.0758  -0.0676 -0.0246 75  ILE A CD1 
583 N N   . ASN A 77  ? 1.2198 0.8992 1.0074 0.1193  -0.0393 -0.0954 76  ASN A N   
584 C CA  . ASN A 77  ? 1.3786 1.0222 1.1229 0.1308  -0.0313 -0.1199 76  ASN A CA  
585 C C   . ASN A 77  ? 1.4124 0.9689 1.1202 0.1379  -0.0424 -0.1308 76  ASN A C   
586 O O   . ASN A 77  ? 1.3354 0.8545 1.0287 0.1068  -0.0602 -0.1256 76  ASN A O   
587 C CB  . ASN A 77  ? 1.5287 1.1898 1.2570 0.1007  -0.0363 -0.1207 76  ASN A CB  
588 C CG  . ASN A 77  ? 1.7267 1.3573 1.4008 0.1014  -0.0323 -0.1435 76  ASN A CG  
589 O OD1 . ASN A 77  ? 1.8531 1.4173 1.4843 0.1021  -0.0402 -0.1621 76  ASN A OD1 
590 N ND2 . ASN A 77  ? 1.7188 1.3918 1.3879 0.0957  -0.0228 -0.1410 76  ASN A ND2 
591 N N   . LYS A 78  ? 1.3994 0.9256 1.0990 0.1770  -0.0332 -0.1423 77  LYS A N   
592 C CA  . LYS A 78  ? 1.5667 0.9966 1.2278 0.1879  -0.0442 -0.1513 77  LYS A CA  
593 C C   . LYS A 78  ? 1.6498 1.0205 1.2534 0.1969  -0.0372 -0.1845 77  LYS A C   
594 O O   . LYS A 78  ? 1.6984 1.1113 1.2974 0.2087  -0.0185 -0.1995 77  LYS A O   
595 C CB  . LYS A 78  ? 1.6555 1.0779 1.3387 0.2327  -0.0414 -0.1443 77  LYS A CB  
596 C CG  . LYS A 78  ? 1.6487 1.0976 1.3677 0.2225  -0.0551 -0.1125 77  LYS A CG  
597 C CD  . LYS A 78  ? 1.7882 1.2382 1.5294 0.2697  -0.0569 -0.1041 77  LYS A CD  
598 C CE  . LYS A 78  ? 1.9744 1.3232 1.6782 0.2774  -0.0751 -0.0936 77  LYS A CE  
599 N NZ  . LYS A 78  ? 2.0247 1.3999 1.7567 0.2906  -0.0884 -0.0645 77  LYS A NZ  
600 N N   . TRP A 79  ? 1.6136 0.8864 1.1692 0.1865  -0.0518 -0.1957 78  TRP A N   
601 C CA  . TRP A 79  ? 1.7212 0.9174 1.2122 0.1996  -0.0467 -0.2316 78  TRP A CA  
602 C C   . TRP A 79  ? 1.8398 0.9176 1.2882 0.1924  -0.0648 -0.2363 78  TRP A C   
603 O O   . TRP A 79  ? 1.8159 0.8776 1.2791 0.1600  -0.0830 -0.2108 78  TRP A O   
604 C CB  . TRP A 79  ? 1.6813 0.8961 1.1396 0.1659  -0.0491 -0.2474 78  TRP A CB  
605 C CG  . TRP A 79  ? 1.5853 0.8106 1.0506 0.1096  -0.0745 -0.2317 78  TRP A CG  
606 C CD1 . TRP A 79  ? 1.5229 0.8307 1.0413 0.0859  -0.0797 -0.2040 78  TRP A CD1 
607 C CD2 . TRP A 79  ? 1.6656 0.8201 1.0833 0.0700  -0.0977 -0.2465 78  TRP A CD2 
608 N NE1 . TRP A 79  ? 1.5015 0.8008 1.0144 0.0381  -0.1033 -0.1998 78  TRP A NE1 
609 C CE2 . TRP A 79  ? 1.6369 0.8466 1.0911 0.0250  -0.1159 -0.2248 78  TRP A CE2 
610 C CE3 . TRP A 79  ? 1.8257 0.8763 1.1736 0.0677  -0.1052 -0.2780 78  TRP A CE3 
611 C CZ2 . TRP A 79  ? 1.7136 0.8876 1.1447 -0.0235 -0.1420 -0.2322 78  TRP A CZ2 
612 C CZ3 . TRP A 79  ? 1.8912 0.8970 1.2091 0.0158  -0.1327 -0.2860 78  TRP A CZ3 
613 C CH2 . TRP A 79  ? 1.8107 0.8836 1.1741 -0.0300 -0.1511 -0.2624 78  TRP A CH2 
614 N N   . LYS A 80  ? 1.9002 0.8967 1.2962 0.2240  -0.0570 -0.2676 79  LYS A N   
615 C CA  . LYS A 80  ? 2.1167 0.9785 1.4567 0.2210  -0.0721 -0.2794 79  LYS A CA  
616 C C   . LYS A 80  ? 2.1287 0.9321 1.4018 0.1825  -0.0818 -0.3116 79  LYS A C   
617 O O   . LYS A 80  ? 2.1030 0.9430 1.3564 0.1929  -0.0673 -0.3356 79  LYS A O   
618 C CB  . LYS A 80  ? 2.3087 1.1148 1.6328 0.2906  -0.0558 -0.2975 79  LYS A CB  
619 C CG  . LYS A 80  ? 2.3427 1.1648 1.7165 0.3325  -0.0568 -0.2678 79  LYS A CG  
620 C CD  . LYS A 80  ? 2.5092 1.2881 1.8723 0.4085  -0.0401 -0.2906 79  LYS A CD  
621 C CE  . LYS A 80  ? 2.7193 1.3365 2.0159 0.4248  -0.0541 -0.3025 79  LYS A CE  
622 N NZ  . LYS A 80  ? 2.7630 1.3509 2.0840 0.4469  -0.0712 -0.2654 79  LYS A NZ  
623 N N   . THR A 81  ? 2.2005 0.9140 1.4355 0.1376  -0.1059 -0.3126 80  THR A N   
624 C CA  . THR A 81  ? 2.3098 0.9575 1.4759 0.0998  -0.1199 -0.3471 80  THR A CA  
625 C C   . THR A 81  ? 2.3737 0.9103 1.4672 0.1454  -0.1072 -0.3887 80  THR A C   
626 O O   . THR A 81  ? 2.3377 0.8555 1.4450 0.2058  -0.0890 -0.3863 80  THR A O   
627 C CB  . THR A 81  ? 2.3357 0.9400 1.4964 0.0299  -0.1500 -0.3333 80  THR A CB  
628 O OG1 . THR A 81  ? 2.4757 0.9896 1.6293 0.0382  -0.1535 -0.3165 80  THR A OG1 
629 C CG2 . THR A 81  ? 2.2112 0.9382 1.4420 -0.0108 -0.1586 -0.3004 80  THR A CG2 
630 N N   . ASN A 82  ? 2.4761 0.9509 1.4968 0.1202  -0.1164 -0.4270 81  ASN A N   
631 C CA  . ASN A 82  ? 2.6198 0.9647 1.5542 0.1522  -0.1084 -0.4733 81  ASN A CA  
632 C C   . ASN A 82  ? 2.7198 0.9473 1.6446 0.1678  -0.1159 -0.4620 81  ASN A C   
633 O O   . ASN A 82  ? 2.7656 0.9382 1.6761 0.2348  -0.0962 -0.4755 81  ASN A O   
634 C CB  . ASN A 82  ? 2.7376 1.0276 1.5952 0.0988  -0.1301 -0.5089 81  ASN A CB  
635 C CG  . ASN A 82  ? 2.9994 1.1642 1.7584 0.1321  -0.1185 -0.5637 81  ASN A CG  
636 O OD1 . ASN A 82  ? 3.1327 1.3152 1.8838 0.1973  -0.0845 -0.5826 81  ASN A OD1 
637 N ND2 . ASN A 82  ? 3.0622 1.1022 1.7454 0.0873  -0.1450 -0.5918 81  ASN A ND2 
638 N N   . ASP A 83  ? 2.7971 0.9965 1.7360 0.1086  -0.1428 -0.4339 82  ASP A N   
639 C CA  . ASP A 83  ? 2.9295 1.0136 1.8550 0.1090  -0.1535 -0.4141 82  ASP A CA  
640 C C   . ASP A 83  ? 2.8188 0.9592 1.8119 0.1599  -0.1406 -0.3726 82  ASP A C   
641 O O   . ASP A 83  ? 2.8811 0.9252 1.8582 0.1680  -0.1493 -0.3535 82  ASP A O   
642 C CB  . ASP A 83  ? 3.0309 1.0897 1.9564 0.0211  -0.1826 -0.3939 82  ASP A CB  
643 C CG  . ASP A 83  ? 3.2915 1.1856 2.1637 0.0054  -0.1962 -0.3887 82  ASP A CG  
644 O OD1 . ASP A 83  ? 3.5915 1.3685 2.4082 0.0602  -0.1875 -0.4122 82  ASP A OD1 
645 O OD2 . ASP A 83  ? 3.4246 1.3071 2.3105 -0.0612 -0.2140 -0.3610 82  ASP A OD2 
646 N N   . GLY A 84  ? 2.6161 0.9031 1.6805 0.1892  -0.1233 -0.3561 83  GLY A N   
647 C CA  . GLY A 84  ? 2.5216 0.8590 1.6458 0.2399  -0.1138 -0.3215 83  GLY A CA  
648 C C   . GLY A 84  ? 2.4508 0.8657 1.6344 0.1956  -0.1264 -0.2725 83  GLY A C   
649 O O   . GLY A 84  ? 2.3274 0.8152 1.5669 0.2313  -0.1194 -0.2440 83  GLY A O   
650 N N   . GLN A 85  ? 2.4673 0.8779 1.6431 0.1204  -0.1438 -0.2638 84  GLN A N   
651 C CA  . GLN A 85  ? 2.3470 0.8267 1.5751 0.0744  -0.1528 -0.2199 84  GLN A CA  
652 C C   . GLN A 85  ? 2.2625 0.9026 1.5640 0.0884  -0.1396 -0.2066 84  GLN A C   
653 O O   . GLN A 85  ? 2.2066 0.9109 1.5147 0.0836  -0.1336 -0.2284 84  GLN A O   
654 C CB  . GLN A 85  ? 2.3642 0.8240 1.5770 -0.0083 -0.1710 -0.2202 84  GLN A CB  
655 C CG  . GLN A 85  ? 2.5954 0.9023 1.7282 -0.0358 -0.1853 -0.2477 84  GLN A CG  
656 C CD  . GLN A 85  ? 2.6165 0.9173 1.7489 -0.1234 -0.2045 -0.2406 84  GLN A CD  
657 O OE1 . GLN A 85  ? 2.4753 0.8839 1.6696 -0.1595 -0.2052 -0.2126 84  GLN A OE1 
658 N NE2 . GLN A 85  ? 2.7191 0.8954 1.7836 -0.1586 -0.2198 -0.2677 84  GLN A NE2 
659 N N   . PRO A 86  ? 2.2104 0.9164 1.5636 0.1012  -0.1363 -0.1698 85  PRO A N   
660 C CA  . PRO A 86  ? 2.0023 0.8484 1.4206 0.1191  -0.1233 -0.1601 85  PRO A CA  
661 C C   . PRO A 86  ? 1.9052 0.8377 1.3577 0.0618  -0.1279 -0.1497 85  PRO A C   
662 O O   . PRO A 86  ? 1.9068 0.8175 1.3582 0.0129  -0.1396 -0.1319 85  PRO A O   
663 C CB  . PRO A 86  ? 1.9942 0.8564 1.4426 0.1496  -0.1234 -0.1264 85  PRO A CB  
664 C CG  . PRO A 86  ? 2.0987 0.8623 1.5093 0.1109  -0.1391 -0.1048 85  PRO A CG  
665 C CD  . PRO A 86  ? 2.2424 0.8886 1.5883 0.0939  -0.1459 -0.1353 85  PRO A CD  
666 N N   . ARG A 87  ? 1.7223 0.7465 1.2022 0.0684  -0.1183 -0.1618 86  ARG A N   
667 C CA  . ARG A 87  ? 1.7004 0.8141 1.2177 0.0252  -0.1229 -0.1519 86  ARG A CA  
668 C C   . ARG A 87  ? 1.5870 0.8040 1.1534 0.0563  -0.1069 -0.1424 86  ARG A C   
669 O O   . ARG A 87  ? 1.6183 0.8414 1.1837 0.1033  -0.0924 -0.1530 86  ARG A O   
670 C CB  . ARG A 87  ? 1.7534 0.8680 1.2443 -0.0047 -0.1323 -0.1775 86  ARG A CB  
671 C CG  . ARG A 87  ? 1.9773 0.9794 1.4038 -0.0266 -0.1468 -0.2022 86  ARG A CG  
672 C CD  . ARG A 87  ? 2.1142 1.0992 1.5446 -0.0912 -0.1676 -0.1928 86  ARG A CD  
673 N NE  . ARG A 87  ? 2.3381 1.2448 1.7567 -0.0991 -0.1688 -0.1741 86  ARG A NE  
674 C CZ  . ARG A 87  ? 2.3583 1.1383 1.7170 -0.1054 -0.1766 -0.1880 86  ARG A CZ  
675 N NH1 . ARG A 87  ? 2.5260 1.2431 1.8300 -0.1064 -0.1843 -0.2252 86  ARG A NH1 
676 N NH2 . ARG A 87  ? 2.4313 1.1422 1.7788 -0.1121 -0.1773 -0.1643 86  ARG A NH2 
677 N N   . SER A 88  ? 1.4798 0.7757 1.0910 0.0319  -0.1081 -0.1223 87  SER A N   
678 C CA  . SER A 88  ? 1.5602 0.9467 1.2140 0.0567  -0.0938 -0.1143 87  SER A CA  
679 C C   . SER A 88  ? 1.4962 0.9543 1.1834 0.0224  -0.0983 -0.1030 87  SER A C   
680 O O   . SER A 88  ? 1.5265 0.9775 1.2202 -0.0135 -0.1097 -0.0932 87  SER A O   
681 C CB  . SER A 88  ? 1.5451 0.9454 1.2253 0.0864  -0.0878 -0.0950 87  SER A CB  
682 O OG  . SER A 88  ? 1.4107 0.8243 1.1107 0.0585  -0.0952 -0.0697 87  SER A OG  
683 N N   . THR A 89  ? 1.5398 1.0659 1.2498 0.0351  -0.0881 -0.1031 88  THR A N   
684 C CA  . THR A 89  ? 1.4334 1.0231 1.1739 0.0097  -0.0928 -0.0925 88  THR A CA  
685 C C   . THR A 89  ? 1.3310 0.9838 1.1130 0.0254  -0.0799 -0.0762 88  THR A C   
686 O O   . THR A 89  ? 1.2090 0.8716 0.9960 0.0561  -0.0670 -0.0779 88  THR A O   
687 C CB  . THR A 89  ? 1.5868 1.1777 1.2994 0.0001  -0.0998 -0.1095 88  THR A CB  
688 O OG1 . THR A 89  ? 1.5379 1.1949 1.2843 -0.0119 -0.1023 -0.0963 88  THR A OG1 
689 C CG2 . THR A 89  ? 1.6324 1.2063 1.3090 0.0297  -0.0857 -0.1286 88  THR A CG2 
690 N N   . VAL A 90  ? 1.1615 0.8566 0.9745 0.0039  -0.0841 -0.0621 89  VAL A N   
691 C CA  . VAL A 90  ? 1.0933 0.8448 0.9427 0.0110  -0.0746 -0.0482 89  VAL A CA  
692 C C   . VAL A 90  ? 1.0108 0.8052 0.8715 0.0065  -0.0734 -0.0485 89  VAL A C   
693 O O   . VAL A 90  ? 1.0466 0.8483 0.9093 -0.0122 -0.0849 -0.0490 89  VAL A O   
694 C CB  . VAL A 90  ? 1.1077 0.8668 0.9774 -0.0077 -0.0777 -0.0331 89  VAL A CB  
695 C CG1 . VAL A 90  ? 1.0891 0.8907 0.9851 0.0024  -0.0684 -0.0219 89  VAL A CG1 
696 C CG2 . VAL A 90  ? 1.3575 1.0555 1.2012 -0.0090 -0.0826 -0.0322 89  VAL A CG2 
697 N N   . GLU A 91  ? 0.9473 0.7733 0.8215 0.0218  -0.0610 -0.0448 90  GLU A N   
698 C CA  . GLU A 91  ? 0.9425 0.7986 0.8191 0.0205  -0.0572 -0.0430 90  GLU A CA  
699 C C   . GLU A 91  ? 0.8730 0.7653 0.7786 0.0257  -0.0459 -0.0331 90  GLU A C   
700 O O   . GLU A 91  ? 0.8262 0.7242 0.7409 0.0381  -0.0382 -0.0335 90  GLU A O   
701 C CB  . GLU A 91  ? 0.9906 0.8343 0.8348 0.0331  -0.0486 -0.0546 90  GLU A CB  
702 C CG  . GLU A 91  ? 1.1123 0.9137 0.9168 0.0294  -0.0591 -0.0692 90  GLU A CG  
703 C CD  . GLU A 91  ? 1.1333 0.9242 0.8989 0.0430  -0.0462 -0.0824 90  GLU A CD  
704 O OE1 . GLU A 91  ? 1.0893 0.9047 0.8659 0.0590  -0.0255 -0.0816 90  GLU A OE1 
705 O OE2 . GLU A 91  ? 1.3153 1.0768 1.0394 0.0361  -0.0563 -0.0943 90  GLU A OE2 
706 N N   . ILE A 92  ? 0.7989 0.7125 0.7162 0.0179  -0.0464 -0.0258 91  ILE A N   
707 C CA  . ILE A 92  ? 0.7862 0.7248 0.7204 0.0195  -0.0354 -0.0195 91  ILE A CA  
708 C C   . ILE A 92  ? 0.8301 0.7693 0.7435 0.0215  -0.0265 -0.0199 91  ILE A C   
709 O O   . ILE A 92  ? 0.8912 0.8183 0.7843 0.0177  -0.0341 -0.0176 91  ILE A O   
710 C CB  . ILE A 92  ? 0.8235 0.7740 0.7778 0.0111  -0.0395 -0.0121 91  ILE A CB  
711 C CG1 . ILE A 92  ? 0.8073 0.7581 0.7760 0.0057  -0.0450 -0.0113 91  ILE A CG1 
712 C CG2 . ILE A 92  ? 0.8247 0.7907 0.7909 0.0100  -0.0291 -0.0087 91  ILE A CG2 
713 C CD1 . ILE A 92  ? 0.8187 0.7631 0.7858 0.0104  -0.0427 -0.0121 91  ILE A CD1 
714 N N   . TRP A 93  ? 0.7574 0.7136 0.6763 0.0268  -0.0112 -0.0219 92  TRP A N   
715 C CA  . TRP A 93  ? 0.8439 0.8071 0.7461 0.0229  0.0033  -0.0190 92  TRP A CA  
716 C C   . TRP A 93  ? 0.8647 0.8375 0.7834 0.0099  0.0052  -0.0081 92  TRP A C   
717 O O   . TRP A 93  ? 0.8705 0.8668 0.8184 0.0064  0.0100  -0.0084 92  TRP A O   
718 C CB  . TRP A 93  ? 0.8803 0.8664 0.7876 0.0330  0.0223  -0.0274 92  TRP A CB  
719 C CG  . TRP A 93  ? 0.9371 0.9020 0.8204 0.0493  0.0218  -0.0411 92  TRP A CG  
720 C CD1 . TRP A 93  ? 0.9469 0.8749 0.8075 0.0504  0.0044  -0.0463 92  TRP A CD1 
721 C CD2 . TRP A 93  ? 0.9061 0.8844 0.7866 0.0664  0.0401  -0.0535 92  TRP A CD2 
722 N NE1 . TRP A 93  ? 0.9472 0.8545 0.7841 0.0656  0.0096  -0.0618 92  TRP A NE1 
723 C CE2 . TRP A 93  ? 1.0140 0.9512 0.8615 0.0788  0.0326  -0.0670 92  TRP A CE2 
724 C CE3 . TRP A 93  ? 0.9865 1.0105 0.8913 0.0720  0.0631  -0.0558 92  TRP A CE3 
725 C CZ2 . TRP A 93  ? 0.9869 0.9204 0.8211 0.1015  0.0484  -0.0841 92  TRP A CZ2 
726 C CZ3 . TRP A 93  ? 1.0041 1.0364 0.9032 0.0950  0.0801  -0.0716 92  TRP A CZ3 
727 C CH2 . TRP A 93  ? 1.0317 1.0155 0.8929 0.1116  0.0733  -0.0863 92  TRP A CH2 
728 N N   . ALA A 94  ? 0.8590 0.8100 0.7568 0.0042  -0.0014 0.0007  93  ALA A N   
729 C CA  . ALA A 94  ? 0.8593 0.8024 0.7652 -0.0050 -0.0025 0.0105  93  ALA A CA  
730 C C   . ALA A 94  ? 0.8602 0.8137 0.7668 -0.0188 0.0164  0.0147  93  ALA A C   
731 O O   . ALA A 94  ? 0.8508 0.8060 0.7344 -0.0218 0.0293  0.0166  93  ALA A O   
732 C CB  . ALA A 94  ? 0.8958 0.8109 0.7760 -0.0018 -0.0156 0.0198  93  ALA A CB  
733 N N   . ASP A 95  ? 0.8392 0.7999 0.7698 -0.0295 0.0184  0.0149  94  ASP A N   
734 C CA  . ASP A 95  ? 0.8704 0.8338 0.8017 -0.0511 0.0332  0.0204  94  ASP A CA  
735 C C   . ASP A 95  ? 0.8479 0.7612 0.7524 -0.0590 0.0292  0.0327  94  ASP A C   
736 O O   . ASP A 95  ? 0.8745 0.7708 0.7579 -0.0770 0.0419  0.0432  94  ASP A O   
737 C CB  . ASP A 95  ? 0.8798 0.8769 0.8495 -0.0608 0.0338  0.0115  94  ASP A CB  
738 C CG  . ASP A 95  ? 0.8786 0.9234 0.8741 -0.0488 0.0366  0.0023  94  ASP A CG  
739 O OD1 . ASP A 95  ? 0.8759 0.9411 0.8689 -0.0488 0.0522  0.0027  94  ASP A OD1 
740 O OD2 . ASP A 95  ? 0.8026 0.8606 0.8172 -0.0378 0.0241  -0.0045 94  ASP A OD2 
741 N N   . ASN A 96  ? 0.8193 0.7103 0.7254 -0.0450 0.0133  0.0316  95  ASN A N   
742 C CA  . ASN A 96  ? 0.8549 0.6963 0.7400 -0.0430 0.0066  0.0416  95  ASN A CA  
743 C C   . ASN A 96  ? 0.8443 0.6788 0.7329 -0.0181 -0.0114 0.0411  95  ASN A C   
744 O O   . ASN A 96  ? 0.8301 0.6947 0.7461 -0.0087 -0.0171 0.0298  95  ASN A O   
745 C CB  . ASN A 96  ? 0.9466 0.7721 0.8448 -0.0552 0.0094  0.0349  95  ASN A CB  
746 C CG  . ASN A 96  ? 0.9655 0.8073 0.8704 -0.0847 0.0240  0.0333  95  ASN A CG  
747 O OD1 . ASN A 96  ? 1.0632 0.8757 0.9443 -0.1041 0.0338  0.0451  95  ASN A OD1 
748 N ND2 . ASN A 96  ? 0.9849 0.8745 0.9224 -0.0892 0.0247  0.0200  95  ASN A ND2 
749 N N   . ILE A 97  ? 0.9593 0.7535 0.8223 -0.0087 -0.0204 0.0544  96  ILE A N   
750 C CA  . ILE A 97  ? 0.9850 0.7766 0.8581 0.0167  -0.0395 0.0556  96  ILE A CA  
751 C C   . ILE A 97  ? 0.9268 0.6714 0.7939 0.0269  -0.0423 0.0609  96  ILE A C   
752 O O   . ILE A 97  ? 0.9965 0.6919 0.8273 0.0183  -0.0389 0.0753  96  ILE A O   
753 C CB  . ILE A 97  ? 1.0649 0.8557 0.9100 0.0245  -0.0534 0.0669  96  ILE A CB  
754 C CG1 . ILE A 97  ? 1.0093 0.8372 0.8559 0.0156  -0.0485 0.0571  96  ILE A CG1 
755 C CG2 . ILE A 97  ? 1.1059 0.9004 0.9661 0.0499  -0.0770 0.0699  96  ILE A CG2 
756 C CD1 . ILE A 97  ? 1.1267 0.9464 0.9331 0.0191  -0.0607 0.0652  96  ILE A CD1 
757 N N   . VAL A 98  ? 0.9255 0.6800 0.8242 0.0432  -0.0454 0.0490  97  VAL A N   
758 C CA  . VAL A 98  ? 0.9782 0.6811 0.8698 0.0564  -0.0451 0.0494  97  VAL A CA  
759 C C   . VAL A 98  ? 0.9923 0.7072 0.9085 0.0923  -0.0610 0.0499  97  VAL A C   
760 O O   . VAL A 98  ? 1.0152 0.7855 0.9695 0.0994  -0.0623 0.0384  97  VAL A O   
761 C CB  . VAL A 98  ? 0.9729 0.6767 0.8779 0.0421  -0.0293 0.0299  97  VAL A CB  
762 C CG1 . VAL A 98  ? 1.0470 0.6957 0.9436 0.0570  -0.0271 0.0231  97  VAL A CG1 
763 C CG2 . VAL A 98  ? 0.9319 0.6341 0.8206 0.0069  -0.0177 0.0307  97  VAL A CG2 
764 N N   . PHE A 99  ? 1.1817 0.8477 1.0781 0.1143  -0.0732 0.0640  98  PHE A N   
765 C CA  . PHE A 99  ? 1.3009 0.9853 1.2299 0.1544  -0.0901 0.0640  98  PHE A CA  
766 C C   . PHE A 99  ? 1.3248 1.0105 1.2841 0.1682  -0.0743 0.0417  98  PHE A C   
767 O O   . PHE A 99  ? 1.2971 0.9336 1.2314 0.1529  -0.0585 0.0338  98  PHE A O   
768 C CB  . PHE A 99  ? 1.3793 1.0053 1.2715 0.1762  -0.1108 0.0886  98  PHE A CB  
769 C CG  . PHE A 99  ? 1.4642 1.0918 1.3170 0.1555  -0.1209 0.1072  98  PHE A CG  
770 C CD1 . PHE A 99  ? 1.4519 1.1380 1.3230 0.1630  -0.1412 0.1094  98  PHE A CD1 
771 C CD2 . PHE A 99  ? 1.5423 1.1225 1.3432 0.1230  -0.1061 0.1176  98  PHE A CD2 
772 C CE1 . PHE A 99  ? 1.5258 1.2126 1.3549 0.1419  -0.1469 0.1208  98  PHE A CE1 
773 C CE2 . PHE A 99  ? 1.5934 1.1822 1.3576 0.1034  -0.1090 0.1306  98  PHE A CE2 
774 C CZ  . PHE A 99  ? 1.5361 1.1750 1.3111 0.1143  -0.1293 0.1311  98  PHE A CZ  
775 N N   . VAL A 100 ? 1.3681 1.1105 1.3788 0.1935  -0.0767 0.0304  99  VAL A N   
776 C CA  . VAL A 100 ? 1.3529 1.0937 1.3866 0.2106  -0.0577 0.0076  99  VAL A CA  
777 C C   . VAL A 100 ? 1.4685 1.2120 1.5350 0.2611  -0.0678 0.0073  99  VAL A C   
778 O O   . VAL A 100 ? 1.5820 1.3096 1.6596 0.2821  -0.0509 -0.0119 99  VAL A O   
779 C CB  . VAL A 100 ? 1.2227 1.0316 1.2865 0.1896  -0.0406 -0.0103 99  VAL A CB  
780 C CG1 . VAL A 100 ? 1.1125 0.9175 1.1462 0.1477  -0.0360 -0.0069 99  VAL A CG1 
781 C CG2 . VAL A 100 ? 1.2348 1.1265 1.3519 0.2005  -0.0494 -0.0094 99  VAL A CG2 
782 N N   . ASP A 101 ? 1.6433 1.4042 1.7220 0.2822  -0.0953 0.0269  100 ASP A N   
783 C CA  . ASP A 101 ? 1.6776 1.4502 1.7938 0.3354  -0.1123 0.0306  100 ASP A CA  
784 C C   . ASP A 101 ? 1.7564 1.4474 1.8192 0.3500  -0.1382 0.0589  100 ASP A C   
785 O O   . ASP A 101 ? 1.7199 1.3547 1.7226 0.3143  -0.1353 0.0711  100 ASP A O   
786 C CB  . ASP A 101 ? 1.6334 1.5169 1.8189 0.3439  -0.1259 0.0288  100 ASP A CB  
787 C CG  . ASP A 101 ? 1.5584 1.4724 1.7278 0.3074  -0.1438 0.0430  100 ASP A CG  
788 O OD1 . ASP A 101 ? 1.6869 1.5364 1.7919 0.2847  -0.1478 0.0574  100 ASP A OD1 
789 O OD2 . ASP A 101 ? 1.3862 1.3869 1.6059 0.2994  -0.1516 0.0380  100 ASP A OD2 
790 N N   . SER A 102 ? 1.8454 1.5351 1.9301 0.3999  -0.1631 0.0705  101 SER A N   
791 C CA  . SER A 102 ? 1.9521 1.5509 1.9817 0.4242  -0.1897 0.0999  101 SER A CA  
792 C C   . SER A 102 ? 1.9572 1.5915 1.9800 0.4270  -0.2290 0.1269  101 SER A C   
793 O O   . SER A 102 ? 1.8966 1.4625 1.8451 0.4055  -0.2398 0.1517  101 SER A O   
794 C CB  . SER A 102 ? 2.0655 1.6247 2.1167 0.4855  -0.1937 0.0953  101 SER A CB  
795 O OG  . SER A 102 ? 2.0051 1.5770 2.0894 0.4910  -0.1585 0.0611  101 SER A OG  
796 N N   . LYS A 103 ? 1.9760 1.7121 2.0714 0.4519  -0.2497 0.1221  102 LYS A N   
797 C CA  . LYS A 103 ? 1.9681 1.7473 2.0704 0.4683  -0.2960 0.1447  102 LYS A CA  
798 C C   . LYS A 103 ? 1.9496 1.6239 1.9753 0.4925  -0.3241 0.1790  102 LYS A C   
799 O O   . LYS A 103 ? 1.8230 1.4406 1.8505 0.5378  -0.3257 0.1828  102 LYS A O   
800 C CB  . LYS A 103 ? 1.9854 1.8173 2.0741 0.4173  -0.3018 0.1450  102 LYS A CB  
801 C CG  . LYS A 103 ? 1.9767 1.8947 2.1250 0.3857  -0.2738 0.1155  102 LYS A CG  
802 C CD  . LYS A 103 ? 1.9769 2.0086 2.2250 0.4094  -0.2838 0.1007  102 LYS A CD  
803 C CE  . LYS A 103 ? 1.9123 2.0206 2.1970 0.3640  -0.2642 0.0804  102 LYS A CE  
804 N NZ  . LYS A 103 ? 1.8940 2.1192 2.2699 0.3730  -0.2793 0.0705  102 LYS A NZ  
# 
loop_
_pdbx_poly_seq_scheme.asym_id 
_pdbx_poly_seq_scheme.entity_id 
_pdbx_poly_seq_scheme.seq_id 
_pdbx_poly_seq_scheme.mon_id 
_pdbx_poly_seq_scheme.ndb_seq_num 
_pdbx_poly_seq_scheme.pdb_seq_num 
_pdbx_poly_seq_scheme.auth_seq_num 
_pdbx_poly_seq_scheme.pdb_mon_id 
_pdbx_poly_seq_scheme.auth_mon_id 
_pdbx_poly_seq_scheme.pdb_strand_id 
_pdbx_poly_seq_scheme.pdb_ins_code 
_pdbx_poly_seq_scheme.hetero 
A 1 1   MET 1   0   ?   ?   ?   A . n 
A 1 2   SER 2   1   1   SER SER A . n 
A 1 3   TYR 3   2   2   TYR TYR A . n 
A 1 4   ASN 4   3   3   ASN ASN A . n 
A 1 5   LYS 5   4   4   LYS LYS A . n 
A 1 6   VAL 6   5   5   VAL VAL A . n 
A 1 7   VAL 7   6   6   VAL VAL A . n 
A 1 8   LEU 8   7   7   LEU LEU A . n 
A 1 9   VAL 9   8   8   VAL VAL A . n 
A 1 10  GLY 10  9   9   GLY GLY A . n 
A 1 11  ARG 11  10  10  ARG ARG A . n 
A 1 12  LEU 12  11  11  LEU LEU A . n 
A 1 13  THR 13  12  12  THR THR A . n 
A 1 14  ARG 14  13  13  ARG ARG A . n 
A 1 15  ASP 15  14  14  ASP ASP A . n 
A 1 16  PRO 16  15  15  PRO PRO A . n 
A 1 17  GLU 17  16  16  GLU GLU A . n 
A 1 18  THR 18  17  17  THR THR A . n 
A 1 19  ARG 19  18  18  ARG ARG A . n 
A 1 20  GLN 20  19  19  GLN GLN A . n 
A 1 21  THR 21  20  20  THR THR A . n 
A 1 22  LEU 22  21  21  LEU LEU A . n 
A 1 23  ASP 23  22  22  ASP ASP A . n 
A 1 24  GLY 24  23  23  GLY GLY A . n 
A 1 25  ASN 25  24  24  ASN ASN A . n 
A 1 26  LEU 26  25  25  LEU LEU A . n 
A 1 27  ILE 27  26  26  ILE ILE A . n 
A 1 28  THR 28  27  27  THR THR A . n 
A 1 29  THR 29  28  28  THR THR A . n 
A 1 30  PHE 30  29  29  PHE PHE A . n 
A 1 31  THR 31  30  30  THR THR A . n 
A 1 32  LEU 32  31  31  LEU LEU A . n 
A 1 33  ALA 33  32  32  ALA ALA A . n 
A 1 34  VAL 34  33  33  VAL VAL A . n 
A 1 35  ASN 35  34  34  ASN ASN A . n 
A 1 36  ARG 36  35  35  ARG ARG A . n 
A 1 37  GLY 37  36  36  GLY GLY A . n 
A 1 38  ASN 38  37  ?   ?   ?   A . n 
A 1 39  ASN 39  38  ?   ?   ?   A . n 
A 1 40  GLY 40  39  39  GLY GLY A . n 
A 1 41  ASP 41  40  40  ASP ASP A . n 
A 1 42  ASP 42  41  41  ASP ASP A . n 
A 1 43  VAL 43  42  42  VAL VAL A . n 
A 1 44  ASP 44  43  43  ASP ASP A . n 
A 1 45  PHE 45  44  44  PHE PHE A . n 
A 1 46  ILE 46  45  45  ILE ILE A . n 
A 1 47  ARG 47  46  46  ARG ARG A . n 
A 1 48  ILE 48  47  47  ILE ILE A . n 
A 1 49  VAL 49  48  48  VAL VAL A . n 
A 1 50  ALA 50  49  49  ALA ALA A . n 
A 1 51  PHE 51  50  50  PHE PHE A . n 
A 1 52  ARG 52  51  51  ARG ARG A . n 
A 1 53  LYS 53  52  52  LYS LYS A . n 
A 1 54  LEU 54  53  53  LEU LEU A . n 
A 1 55  ALA 55  54  54  ALA ALA A . n 
A 1 56  GLU 56  55  55  GLU GLU A . n 
A 1 57  LEU 57  56  56  LEU LEU A . n 
A 1 58  ALA 58  57  57  ALA ALA A . n 
A 1 59  HIS 59  58  58  HIS HIS A . n 
A 1 60  ASN 60  59  59  ASN ASN A . n 
A 1 61  TYR 61  60  60  TYR TYR A . n 
A 1 62  LEU 62  61  61  LEU LEU A . n 
A 1 63  GLN 63  62  62  GLN GLN A . n 
A 1 64  LYS 64  63  63  LYS LYS A . n 
A 1 65  GLY 65  64  64  GLY GLY A . n 
A 1 66  ARG 66  65  65  ARG ARG A . n 
A 1 67  MET 67  66  66  MET MET A . n 
A 1 68  VAL 68  67  67  VAL VAL A . n 
A 1 69  LEU 69  68  68  LEU LEU A . n 
A 1 70  VAL 70  69  69  VAL VAL A . n 
A 1 71  ASP 71  70  70  ASP ASP A . n 
A 1 72  GLY 72  71  71  GLY GLY A . n 
A 1 73  LYS 73  72  72  LYS LYS A . n 
A 1 74  LEU 74  73  73  LEU LEU A . n 
A 1 75  ARG 75  74  74  ARG ARG A . n 
A 1 76  ILE 76  75  75  ILE ILE A . n 
A 1 77  ASN 77  76  76  ASN ASN A . n 
A 1 78  LYS 78  77  77  LYS LYS A . n 
A 1 79  TRP 79  78  78  TRP TRP A . n 
A 1 80  LYS 80  79  79  LYS LYS A . n 
A 1 81  THR 81  80  80  THR THR A . n 
A 1 82  ASN 82  81  81  ASN ASN A . n 
A 1 83  ASP 83  82  82  ASP ASP A . n 
A 1 84  GLY 84  83  83  GLY GLY A . n 
A 1 85  GLN 85  84  84  GLN GLN A . n 
A 1 86  PRO 86  85  85  PRO PRO A . n 
A 1 87  ARG 87  86  86  ARG ARG A . n 
A 1 88  SER 88  87  87  SER SER A . n 
A 1 89  THR 89  88  88  THR THR A . n 
A 1 90  VAL 90  89  89  VAL VAL A . n 
A 1 91  GLU 91  90  90  GLU GLU A . n 
A 1 92  ILE 92  91  91  ILE ILE A . n 
A 1 93  TRP 93  92  92  TRP TRP A . n 
A 1 94  ALA 94  93  93  ALA ALA A . n 
A 1 95  ASP 95  94  94  ASP ASP A . n 
A 1 96  ASN 96  95  95  ASN ASN A . n 
A 1 97  ILE 97  96  96  ILE ILE A . n 
A 1 98  VAL 98  97  97  VAL VAL A . n 
A 1 99  PHE 99  98  98  PHE PHE A . n 
A 1 100 VAL 100 99  99  VAL VAL A . n 
A 1 101 ASP 101 100 100 ASP ASP A . n 
A 1 102 SER 102 101 101 SER SER A . n 
A 1 103 LYS 103 102 102 LYS LYS A . n 
A 1 104 LYS 104 103 ?   ?   ?   A . n 
A 1 105 GLY 105 104 ?   ?   ?   A . n 
A 1 106 ASP 106 105 ?   ?   ?   A . n 
A 1 107 ARG 107 106 ?   ?   ?   A . n 
A 1 108 GLU 108 107 ?   ?   ?   A . n 
A 1 109 ILE 109 108 ?   ?   ?   A . n 
A 1 110 PRO 110 109 ?   ?   ?   A . n 
A 1 111 ASP 111 110 ?   ?   ?   A . n 
A 1 112 GLU 112 111 ?   ?   ?   A . n 
A 1 113 ILE 113 112 ?   ?   ?   A . n 
A 1 114 PRO 114 113 ?   ?   ?   A . n 
A 1 115 TYR 115 114 ?   ?   ?   A . n 
A 1 116 GLU 116 115 ?   ?   ?   A . n 
A 1 117 GLU 117 116 ?   ?   ?   A . n 
A 1 118 VAL 118 117 ?   ?   ?   A . n 
A 1 119 PHE 119 118 ?   ?   ?   A . n 
A 1 120 GLY 120 119 ?   ?   ?   A . n 
A 1 121 GLN 121 120 ?   ?   ?   A . n 
A 1 122 ASP 122 121 ?   ?   ?   A . n 
A 1 123 VAL 123 122 ?   ?   ?   A . n 
A 1 124 GLU 124 123 ?   ?   ?   A . n 
A 1 125 THR 125 124 ?   ?   ?   A . n 
A 1 126 ASP 126 125 ?   ?   ?   A . n 
A 1 127 GLU 127 126 ?   ?   ?   A . n 
A 1 128 ASP 128 127 ?   ?   ?   A . n 
A 1 129 ILE 129 128 ?   ?   ?   A . n 
A 1 130 PRO 130 129 ?   ?   ?   A . n 
A 1 131 ASN 131 130 ?   ?   ?   A . n 
A 1 132 ASP 132 131 ?   ?   ?   A . n 
A 1 133 ASP 133 132 ?   ?   ?   A . n 
A 1 134 GLU 134 133 ?   ?   ?   A . n 
A 1 135 PRO 135 134 ?   ?   ?   A . n 
A 1 136 PRO 136 135 ?   ?   ?   A . n 
A 1 137 PHE 137 136 ?   ?   ?   A . n 
A 1 138 ARG 138 137 ?   ?   ?   A . n 
A 1 139 SER 139 138 ?   ?   ?   A . n 
A 1 140 HIS 140 139 ?   ?   ?   A . n 
A 1 141 HIS 141 140 ?   ?   ?   A . n 
A 1 142 HIS 142 141 ?   ?   ?   A . n 
A 1 143 HIS 143 142 ?   ?   ?   A . n 
A 1 144 HIS 144 143 ?   ?   ?   A . n 
A 1 145 HIS 145 144 ?   ?   ?   A . n 
# 
_pdbx_contact_author.id                 2 
_pdbx_contact_author.email              maria.hakansson@saromics.com 
_pdbx_contact_author.name_first         Maria 
_pdbx_contact_author.name_last          Hakansson 
_pdbx_contact_author.name_mi            ? 
_pdbx_contact_author.role               'principal investigator/group leader' 
_pdbx_contact_author.identifier_ORCID   0000-0002-7264-6316 
# 
loop_
_pdbx_nonpoly_scheme.asym_id 
_pdbx_nonpoly_scheme.entity_id 
_pdbx_nonpoly_scheme.mon_id 
_pdbx_nonpoly_scheme.ndb_seq_num 
_pdbx_nonpoly_scheme.pdb_seq_num 
_pdbx_nonpoly_scheme.auth_seq_num 
_pdbx_nonpoly_scheme.pdb_mon_id 
_pdbx_nonpoly_scheme.auth_mon_id 
_pdbx_nonpoly_scheme.pdb_strand_id 
_pdbx_nonpoly_scheme.pdb_ins_code 
B 2 ACY 1 201 203 ACY ACY A . 
C 2 ACY 1 202 204 ACY ACY A . 
D 3 PO4 1 203 4   PO4 PO4 A . 
E 4 HOH 1 301 1   HOH HOH A . 
E 4 HOH 2 302 2   HOH HOH A . 
E 4 HOH 3 303 12  HOH HOH A . 
E 4 HOH 4 304 7   HOH HOH A . 
E 4 HOH 5 305 11  HOH HOH A . 
E 4 HOH 6 306 23  HOH HOH A . 
E 4 HOH 7 307 17  HOH HOH A . 
E 4 HOH 8 308 18  HOH HOH A . 
E 4 HOH 9 309 19  HOH HOH A . 
# 
_pdbx_struct_assembly.id                   1 
_pdbx_struct_assembly.details              author_and_software_defined_assembly 
_pdbx_struct_assembly.method_details       PISA 
_pdbx_struct_assembly.oligomeric_details   tetrameric 
_pdbx_struct_assembly.oligomeric_count     4 
# 
_pdbx_struct_assembly_gen.assembly_id       1 
_pdbx_struct_assembly_gen.oper_expression   1,2,3,4 
_pdbx_struct_assembly_gen.asym_id_list      A,B,C,D,E 
# 
loop_
_pdbx_struct_assembly_prop.biol_id 
_pdbx_struct_assembly_prop.type 
_pdbx_struct_assembly_prop.value 
_pdbx_struct_assembly_prop.details 
1 'ABSA (A^2)' 7260  ? 
1 MORE         -65   ? 
1 'SSA (A^2)'  21690 ? 
# 
loop_
_pdbx_struct_oper_list.id 
_pdbx_struct_oper_list.type 
_pdbx_struct_oper_list.name 
_pdbx_struct_oper_list.symmetry_operation 
_pdbx_struct_oper_list.matrix[1][1] 
_pdbx_struct_oper_list.matrix[1][2] 
_pdbx_struct_oper_list.matrix[1][3] 
_pdbx_struct_oper_list.vector[1] 
_pdbx_struct_oper_list.matrix[2][1] 
_pdbx_struct_oper_list.matrix[2][2] 
_pdbx_struct_oper_list.matrix[2][3] 
_pdbx_struct_oper_list.vector[2] 
_pdbx_struct_oper_list.matrix[3][1] 
_pdbx_struct_oper_list.matrix[3][2] 
_pdbx_struct_oper_list.matrix[3][3] 
_pdbx_struct_oper_list.vector[3] 
1 'identity operation'         1_555  x,y,z    1.0000000000  0.0000000000  0.0000000000  0.0000000000   0.0000000000  1.0000000000  0.0000000000  0.0000000000   0.0000000000  0.0000000000  1.0000000000  0.0000000000   
2 'crystal symmetry operation' 8_555  -y,-x,-z 0.3261043508  -0.7309735913 0.5994443770  -0.3021230689  -0.7309735913 -0.5970736459 -0.3304249841 -19.2466418115 0.5994443770  -0.3304249841 -0.7290307049 -22.8013485388 
3 'crystal symmetry operation' 10_555 -x,-y,z  -0.8481357607 0.4723071729  0.2399826364  -6.1795476984  0.4723071729  0.4689045075  0.7463608358  10.7353479564  0.2399826364  0.7463608358  -0.6207687468 -17.2176187219 
4 'crystal symmetry operation' 15_555 y,x,-z   -0.4779685901 0.2586664184  -0.8394270134 -20.4855610379 0.2586664184  -0.8718308616 -0.4159358517 -15.4502175891 -0.8394270134 -0.4159358517 0.3497994517  -17.5006981230 
# 
_pdbx_audit_revision_history.ordinal             1 
_pdbx_audit_revision_history.data_content_type   'Structure model' 
_pdbx_audit_revision_history.major_revision      1 
_pdbx_audit_revision_history.minor_revision      0 
_pdbx_audit_revision_history.revision_date       2023-08-23 
# 
_pdbx_audit_revision_details.ordinal             1 
_pdbx_audit_revision_details.revision_ordinal    1 
_pdbx_audit_revision_details.data_content_type   'Structure model' 
_pdbx_audit_revision_details.provider            repository 
_pdbx_audit_revision_details.type                'Initial release' 
_pdbx_audit_revision_details.description         ? 
_pdbx_audit_revision_details.details             ? 
# 
_pdbx_refine_tls.id               1 
_pdbx_refine_tls.pdbx_refine_id   'X-RAY DIFFRACTION' 
_pdbx_refine_tls.details          ? 
_pdbx_refine_tls.method           refined 
_pdbx_refine_tls.origin_x         -0.4164 
_pdbx_refine_tls.origin_y         -0.0616 
_pdbx_refine_tls.origin_z         0.1937 
_pdbx_refine_tls.T[1][1]          0.1673 
_pdbx_refine_tls.T[1][1]_esd      ? 
_pdbx_refine_tls.T[1][2]          0.0077 
_pdbx_refine_tls.T[1][2]_esd      ? 
_pdbx_refine_tls.T[1][3]          -0.0824 
_pdbx_refine_tls.T[1][3]_esd      ? 
_pdbx_refine_tls.T[2][2]          0.0868 
_pdbx_refine_tls.T[2][2]_esd      ? 
_pdbx_refine_tls.T[2][3]          -0.0083 
_pdbx_refine_tls.T[2][3]_esd      ? 
_pdbx_refine_tls.T[3][3]          0.0524 
_pdbx_refine_tls.T[3][3]_esd      ? 
_pdbx_refine_tls.L[1][1]          3.8865 
_pdbx_refine_tls.L[1][1]_esd      ? 
_pdbx_refine_tls.L[1][2]          0.4683 
_pdbx_refine_tls.L[1][2]_esd      ? 
_pdbx_refine_tls.L[1][3]          0.2634 
_pdbx_refine_tls.L[1][3]_esd      ? 
_pdbx_refine_tls.L[2][2]          5.3233 
_pdbx_refine_tls.L[2][2]_esd      ? 
_pdbx_refine_tls.L[2][3]          0.3199 
_pdbx_refine_tls.L[2][3]_esd      ? 
_pdbx_refine_tls.L[3][3]          6.7898 
_pdbx_refine_tls.L[3][3]_esd      ? 
_pdbx_refine_tls.S[1][1]          -0.0561 
_pdbx_refine_tls.S[1][1]_esd      ? 
_pdbx_refine_tls.S[1][2]          -0.4899 
_pdbx_refine_tls.S[1][2]_esd      ? 
_pdbx_refine_tls.S[1][3]          0.0205 
_pdbx_refine_tls.S[1][3]_esd      ? 
_pdbx_refine_tls.S[2][1]          0.8337 
_pdbx_refine_tls.S[2][1]_esd      ? 
_pdbx_refine_tls.S[2][2]          -0.0091 
_pdbx_refine_tls.S[2][2]_esd      ? 
_pdbx_refine_tls.S[2][3]          -0.3236 
_pdbx_refine_tls.S[2][3]_esd      ? 
_pdbx_refine_tls.S[3][1]          -0.1436 
_pdbx_refine_tls.S[3][1]_esd      ? 
_pdbx_refine_tls.S[3][2]          0.2067 
_pdbx_refine_tls.S[3][2]_esd      ? 
_pdbx_refine_tls.S[3][3]          0.0652 
_pdbx_refine_tls.S[3][3]_esd      ? 
# 
_pdbx_refine_tls_group.id                  1 
_pdbx_refine_tls_group.pdbx_refine_id      'X-RAY DIFFRACTION' 
_pdbx_refine_tls_group.refine_tls_id       1 
_pdbx_refine_tls_group.beg_label_asym_id   ? 
_pdbx_refine_tls_group.beg_label_seq_id    ? 
_pdbx_refine_tls_group.beg_auth_asym_id    A 
_pdbx_refine_tls_group.beg_auth_seq_id     1 
_pdbx_refine_tls_group.beg_PDB_ins_code    ? 
_pdbx_refine_tls_group.end_label_asym_id   ? 
_pdbx_refine_tls_group.end_label_seq_id    ? 
_pdbx_refine_tls_group.end_auth_asym_id    A 
_pdbx_refine_tls_group.end_auth_seq_id     108 
_pdbx_refine_tls_group.end_PDB_ins_code    ? 
_pdbx_refine_tls_group.selection           ? 
_pdbx_refine_tls_group.selection_details   ? 
# 
loop_
_software.citation_id 
_software.classification 
_software.compiler_name 
_software.compiler_version 
_software.contact_author 
_software.contact_author_email 
_software.date 
_software.description 
_software.dependencies 
_software.hardware 
_software.language 
_software.location 
_software.mods 
_software.name 
_software.os 
_software.os_version 
_software.type 
_software.version 
_software.pdbx_ordinal 
? 'data reduction'  ? ? ? ? ? ? ? ? ? ? ? XDS         ? ? ? .        1 
? 'data scaling'    ? ? ? ? ? ? ? ? ? ? ? Aimless     ? ? ? 0.7.4    2 
? refinement        ? ? ? ? ? ? ? ? ? ? ? REFMAC      ? ? ? 5.8.0258 3 
? 'data extraction' ? ? ? ? ? ? ? ? ? ? ? PDB_EXTRACT ? ? ? 3.27     4 
? phasing           ? ? ? ? ? ? ? ? ? ? ? MrBUMP      ? ? ? .        5 
# 
_pdbx_entry_details.entry_id                 7R4W 
_pdbx_entry_details.has_ligand_of_interest   Y 
_pdbx_entry_details.compound_details         ? 
_pdbx_entry_details.source_details           ? 
_pdbx_entry_details.nonpolymer_details       ? 
_pdbx_entry_details.sequence_details         ? 
# 
_pdbx_validate_rmsd_angle.id                         1 
_pdbx_validate_rmsd_angle.PDB_model_num              1 
_pdbx_validate_rmsd_angle.auth_atom_id_1             CG 
_pdbx_validate_rmsd_angle.auth_asym_id_1             A 
_pdbx_validate_rmsd_angle.auth_comp_id_1             ARG 
_pdbx_validate_rmsd_angle.auth_seq_id_1              74 
_pdbx_validate_rmsd_angle.PDB_ins_code_1             ? 
_pdbx_validate_rmsd_angle.label_alt_id_1             ? 
_pdbx_validate_rmsd_angle.auth_atom_id_2             CD 
_pdbx_validate_rmsd_angle.auth_asym_id_2             A 
_pdbx_validate_rmsd_angle.auth_comp_id_2             ARG 
_pdbx_validate_rmsd_angle.auth_seq_id_2              74 
_pdbx_validate_rmsd_angle.PDB_ins_code_2             ? 
_pdbx_validate_rmsd_angle.label_alt_id_2             ? 
_pdbx_validate_rmsd_angle.auth_atom_id_3             NE 
_pdbx_validate_rmsd_angle.auth_asym_id_3             A 
_pdbx_validate_rmsd_angle.auth_comp_id_3             ARG 
_pdbx_validate_rmsd_angle.auth_seq_id_3              74 
_pdbx_validate_rmsd_angle.PDB_ins_code_3             ? 
_pdbx_validate_rmsd_angle.label_alt_id_3             ? 
_pdbx_validate_rmsd_angle.angle_value                124.75 
_pdbx_validate_rmsd_angle.angle_target_value         111.80 
_pdbx_validate_rmsd_angle.angle_deviation            12.95 
_pdbx_validate_rmsd_angle.angle_standard_deviation   2.10 
_pdbx_validate_rmsd_angle.linker_flag                N 
# 
_pdbx_validate_torsion.id              1 
_pdbx_validate_torsion.PDB_model_num   1 
_pdbx_validate_torsion.auth_comp_id    ARG 
_pdbx_validate_torsion.auth_asym_id    A 
_pdbx_validate_torsion.auth_seq_id     51 
_pdbx_validate_torsion.PDB_ins_code    ? 
_pdbx_validate_torsion.label_alt_id    ? 
_pdbx_validate_torsion.phi             44.74 
_pdbx_validate_torsion.psi             -132.10 
# 
loop_
_pdbx_unobs_or_zero_occ_residues.id 
_pdbx_unobs_or_zero_occ_residues.PDB_model_num 
_pdbx_unobs_or_zero_occ_residues.polymer_flag 
_pdbx_unobs_or_zero_occ_residues.occupancy_flag 
_pdbx_unobs_or_zero_occ_residues.auth_asym_id 
_pdbx_unobs_or_zero_occ_residues.auth_comp_id 
_pdbx_unobs_or_zero_occ_residues.auth_seq_id 
_pdbx_unobs_or_zero_occ_residues.PDB_ins_code 
_pdbx_unobs_or_zero_occ_residues.label_asym_id 
_pdbx_unobs_or_zero_occ_residues.label_comp_id 
_pdbx_unobs_or_zero_occ_residues.label_seq_id 
1  1 Y 1 A MET 0   ? A MET 1   
2  1 Y 1 A ASN 37  ? A ASN 38  
3  1 Y 1 A ASN 38  ? A ASN 39  
4  1 Y 1 A LYS 103 ? A LYS 104 
5  1 Y 1 A GLY 104 ? A GLY 105 
6  1 Y 1 A ASP 105 ? A ASP 106 
7  1 Y 1 A ARG 106 ? A ARG 107 
8  1 Y 1 A GLU 107 ? A GLU 108 
9  1 Y 1 A ILE 108 ? A ILE 109 
10 1 Y 1 A PRO 109 ? A PRO 110 
11 1 Y 1 A ASP 110 ? A ASP 111 
12 1 Y 1 A GLU 111 ? A GLU 112 
13 1 Y 1 A ILE 112 ? A ILE 113 
14 1 Y 1 A PRO 113 ? A PRO 114 
15 1 Y 1 A TYR 114 ? A TYR 115 
16 1 Y 1 A GLU 115 ? A GLU 116 
17 1 Y 1 A GLU 116 ? A GLU 117 
18 1 Y 1 A VAL 117 ? A VAL 118 
19 1 Y 1 A PHE 118 ? A PHE 119 
20 1 Y 1 A GLY 119 ? A GLY 120 
21 1 Y 1 A GLN 120 ? A GLN 121 
22 1 Y 1 A ASP 121 ? A ASP 122 
23 1 Y 1 A VAL 122 ? A VAL 123 
24 1 Y 1 A GLU 123 ? A GLU 124 
25 1 Y 1 A THR 124 ? A THR 125 
26 1 Y 1 A ASP 125 ? A ASP 126 
27 1 Y 1 A GLU 126 ? A GLU 127 
28 1 Y 1 A ASP 127 ? A ASP 128 
29 1 Y 1 A ILE 128 ? A ILE 129 
30 1 Y 1 A PRO 129 ? A PRO 130 
31 1 Y 1 A ASN 130 ? A ASN 131 
32 1 Y 1 A ASP 131 ? A ASP 132 
33 1 Y 1 A ASP 132 ? A ASP 133 
34 1 Y 1 A GLU 133 ? A GLU 134 
35 1 Y 1 A PRO 134 ? A PRO 135 
36 1 Y 1 A PRO 135 ? A PRO 136 
37 1 Y 1 A PHE 136 ? A PHE 137 
38 1 Y 1 A ARG 137 ? A ARG 138 
39 1 Y 1 A SER 138 ? A SER 139 
40 1 Y 1 A HIS 139 ? A HIS 140 
41 1 Y 1 A HIS 140 ? A HIS 141 
42 1 Y 1 A HIS 141 ? A HIS 142 
43 1 Y 1 A HIS 142 ? A HIS 143 
44 1 Y 1 A HIS 143 ? A HIS 144 
45 1 Y 1 A HIS 144 ? A HIS 145 
# 
loop_
_chem_comp_atom.comp_id 
_chem_comp_atom.atom_id 
_chem_comp_atom.type_symbol 
_chem_comp_atom.pdbx_aromatic_flag 
_chem_comp_atom.pdbx_stereo_config 
_chem_comp_atom.pdbx_ordinal 
ACY C    C N N 1   
ACY O    O N N 2   
ACY OXT  O N N 3   
ACY CH3  C N N 4   
ACY HXT  H N N 5   
ACY H1   H N N 6   
ACY H2   H N N 7   
ACY H3   H N N 8   
ALA N    N N N 9   
ALA CA   C N S 10  
ALA C    C N N 11  
ALA O    O N N 12  
ALA CB   C N N 13  
ALA OXT  O N N 14  
ALA H    H N N 15  
ALA H2   H N N 16  
ALA HA   H N N 17  
ALA HB1  H N N 18  
ALA HB2  H N N 19  
ALA HB3  H N N 20  
ALA HXT  H N N 21  
ARG N    N N N 22  
ARG CA   C N S 23  
ARG C    C N N 24  
ARG O    O N N 25  
ARG CB   C N N 26  
ARG CG   C N N 27  
ARG CD   C N N 28  
ARG NE   N N N 29  
ARG CZ   C N N 30  
ARG NH1  N N N 31  
ARG NH2  N N N 32  
ARG OXT  O N N 33  
ARG H    H N N 34  
ARG H2   H N N 35  
ARG HA   H N N 36  
ARG HB2  H N N 37  
ARG HB3  H N N 38  
ARG HG2  H N N 39  
ARG HG3  H N N 40  
ARG HD2  H N N 41  
ARG HD3  H N N 42  
ARG HE   H N N 43  
ARG HH11 H N N 44  
ARG HH12 H N N 45  
ARG HH21 H N N 46  
ARG HH22 H N N 47  
ARG HXT  H N N 48  
ASN N    N N N 49  
ASN CA   C N S 50  
ASN C    C N N 51  
ASN O    O N N 52  
ASN CB   C N N 53  
ASN CG   C N N 54  
ASN OD1  O N N 55  
ASN ND2  N N N 56  
ASN OXT  O N N 57  
ASN H    H N N 58  
ASN H2   H N N 59  
ASN HA   H N N 60  
ASN HB2  H N N 61  
ASN HB3  H N N 62  
ASN HD21 H N N 63  
ASN HD22 H N N 64  
ASN HXT  H N N 65  
ASP N    N N N 66  
ASP CA   C N S 67  
ASP C    C N N 68  
ASP O    O N N 69  
ASP CB   C N N 70  
ASP CG   C N N 71  
ASP OD1  O N N 72  
ASP OD2  O N N 73  
ASP OXT  O N N 74  
ASP H    H N N 75  
ASP H2   H N N 76  
ASP HA   H N N 77  
ASP HB2  H N N 78  
ASP HB3  H N N 79  
ASP HD2  H N N 80  
ASP HXT  H N N 81  
GLN N    N N N 82  
GLN CA   C N S 83  
GLN C    C N N 84  
GLN O    O N N 85  
GLN CB   C N N 86  
GLN CG   C N N 87  
GLN CD   C N N 88  
GLN OE1  O N N 89  
GLN NE2  N N N 90  
GLN OXT  O N N 91  
GLN H    H N N 92  
GLN H2   H N N 93  
GLN HA   H N N 94  
GLN HB2  H N N 95  
GLN HB3  H N N 96  
GLN HG2  H N N 97  
GLN HG3  H N N 98  
GLN HE21 H N N 99  
GLN HE22 H N N 100 
GLN HXT  H N N 101 
GLU N    N N N 102 
GLU CA   C N S 103 
GLU C    C N N 104 
GLU O    O N N 105 
GLU CB   C N N 106 
GLU CG   C N N 107 
GLU CD   C N N 108 
GLU OE1  O N N 109 
GLU OE2  O N N 110 
GLU OXT  O N N 111 
GLU H    H N N 112 
GLU H2   H N N 113 
GLU HA   H N N 114 
GLU HB2  H N N 115 
GLU HB3  H N N 116 
GLU HG2  H N N 117 
GLU HG3  H N N 118 
GLU HE2  H N N 119 
GLU HXT  H N N 120 
GLY N    N N N 121 
GLY CA   C N N 122 
GLY C    C N N 123 
GLY O    O N N 124 
GLY OXT  O N N 125 
GLY H    H N N 126 
GLY H2   H N N 127 
GLY HA2  H N N 128 
GLY HA3  H N N 129 
GLY HXT  H N N 130 
HIS N    N N N 131 
HIS CA   C N S 132 
HIS C    C N N 133 
HIS O    O N N 134 
HIS CB   C N N 135 
HIS CG   C Y N 136 
HIS ND1  N Y N 137 
HIS CD2  C Y N 138 
HIS CE1  C Y N 139 
HIS NE2  N Y N 140 
HIS OXT  O N N 141 
HIS H    H N N 142 
HIS H2   H N N 143 
HIS HA   H N N 144 
HIS HB2  H N N 145 
HIS HB3  H N N 146 
HIS HD1  H N N 147 
HIS HD2  H N N 148 
HIS HE1  H N N 149 
HIS HE2  H N N 150 
HIS HXT  H N N 151 
HOH O    O N N 152 
HOH H1   H N N 153 
HOH H2   H N N 154 
ILE N    N N N 155 
ILE CA   C N S 156 
ILE C    C N N 157 
ILE O    O N N 158 
ILE CB   C N S 159 
ILE CG1  C N N 160 
ILE CG2  C N N 161 
ILE CD1  C N N 162 
ILE OXT  O N N 163 
ILE H    H N N 164 
ILE H2   H N N 165 
ILE HA   H N N 166 
ILE HB   H N N 167 
ILE HG12 H N N 168 
ILE HG13 H N N 169 
ILE HG21 H N N 170 
ILE HG22 H N N 171 
ILE HG23 H N N 172 
ILE HD11 H N N 173 
ILE HD12 H N N 174 
ILE HD13 H N N 175 
ILE HXT  H N N 176 
LEU N    N N N 177 
LEU CA   C N S 178 
LEU C    C N N 179 
LEU O    O N N 180 
LEU CB   C N N 181 
LEU CG   C N N 182 
LEU CD1  C N N 183 
LEU CD2  C N N 184 
LEU OXT  O N N 185 
LEU H    H N N 186 
LEU H2   H N N 187 
LEU HA   H N N 188 
LEU HB2  H N N 189 
LEU HB3  H N N 190 
LEU HG   H N N 191 
LEU HD11 H N N 192 
LEU HD12 H N N 193 
LEU HD13 H N N 194 
LEU HD21 H N N 195 
LEU HD22 H N N 196 
LEU HD23 H N N 197 
LEU HXT  H N N 198 
LYS N    N N N 199 
LYS CA   C N S 200 
LYS C    C N N 201 
LYS O    O N N 202 
LYS CB   C N N 203 
LYS CG   C N N 204 
LYS CD   C N N 205 
LYS CE   C N N 206 
LYS NZ   N N N 207 
LYS OXT  O N N 208 
LYS H    H N N 209 
LYS H2   H N N 210 
LYS HA   H N N 211 
LYS HB2  H N N 212 
LYS HB3  H N N 213 
LYS HG2  H N N 214 
LYS HG3  H N N 215 
LYS HD2  H N N 216 
LYS HD3  H N N 217 
LYS HE2  H N N 218 
LYS HE3  H N N 219 
LYS HZ1  H N N 220 
LYS HZ2  H N N 221 
LYS HZ3  H N N 222 
LYS HXT  H N N 223 
MET N    N N N 224 
MET CA   C N S 225 
MET C    C N N 226 
MET O    O N N 227 
MET CB   C N N 228 
MET CG   C N N 229 
MET SD   S N N 230 
MET CE   C N N 231 
MET OXT  O N N 232 
MET H    H N N 233 
MET H2   H N N 234 
MET HA   H N N 235 
MET HB2  H N N 236 
MET HB3  H N N 237 
MET HG2  H N N 238 
MET HG3  H N N 239 
MET HE1  H N N 240 
MET HE2  H N N 241 
MET HE3  H N N 242 
MET HXT  H N N 243 
PHE N    N N N 244 
PHE CA   C N S 245 
PHE C    C N N 246 
PHE O    O N N 247 
PHE CB   C N N 248 
PHE CG   C Y N 249 
PHE CD1  C Y N 250 
PHE CD2  C Y N 251 
PHE CE1  C Y N 252 
PHE CE2  C Y N 253 
PHE CZ   C Y N 254 
PHE OXT  O N N 255 
PHE H    H N N 256 
PHE H2   H N N 257 
PHE HA   H N N 258 
PHE HB2  H N N 259 
PHE HB3  H N N 260 
PHE HD1  H N N 261 
PHE HD2  H N N 262 
PHE HE1  H N N 263 
PHE HE2  H N N 264 
PHE HZ   H N N 265 
PHE HXT  H N N 266 
PO4 P    P N N 267 
PO4 O1   O N N 268 
PO4 O2   O N N 269 
PO4 O3   O N N 270 
PO4 O4   O N N 271 
PRO N    N N N 272 
PRO CA   C N S 273 
PRO C    C N N 274 
PRO O    O N N 275 
PRO CB   C N N 276 
PRO CG   C N N 277 
PRO CD   C N N 278 
PRO OXT  O N N 279 
PRO H    H N N 280 
PRO HA   H N N 281 
PRO HB2  H N N 282 
PRO HB3  H N N 283 
PRO HG2  H N N 284 
PRO HG3  H N N 285 
PRO HD2  H N N 286 
PRO HD3  H N N 287 
PRO HXT  H N N 288 
SER N    N N N 289 
SER CA   C N S 290 
SER C    C N N 291 
SER O    O N N 292 
SER CB   C N N 293 
SER OG   O N N 294 
SER OXT  O N N 295 
SER H    H N N 296 
SER H2   H N N 297 
SER HA   H N N 298 
SER HB2  H N N 299 
SER HB3  H N N 300 
SER HG   H N N 301 
SER HXT  H N N 302 
THR N    N N N 303 
THR CA   C N S 304 
THR C    C N N 305 
THR O    O N N 306 
THR CB   C N R 307 
THR OG1  O N N 308 
THR CG2  C N N 309 
THR OXT  O N N 310 
THR H    H N N 311 
THR H2   H N N 312 
THR HA   H N N 313 
THR HB   H N N 314 
THR HG1  H N N 315 
THR HG21 H N N 316 
THR HG22 H N N 317 
THR HG23 H N N 318 
THR HXT  H N N 319 
TRP N    N N N 320 
TRP CA   C N S 321 
TRP C    C N N 322 
TRP O    O N N 323 
TRP CB   C N N 324 
TRP CG   C Y N 325 
TRP CD1  C Y N 326 
TRP CD2  C Y N 327 
TRP NE1  N Y N 328 
TRP CE2  C Y N 329 
TRP CE3  C Y N 330 
TRP CZ2  C Y N 331 
TRP CZ3  C Y N 332 
TRP CH2  C Y N 333 
TRP OXT  O N N 334 
TRP H    H N N 335 
TRP H2   H N N 336 
TRP HA   H N N 337 
TRP HB2  H N N 338 
TRP HB3  H N N 339 
TRP HD1  H N N 340 
TRP HE1  H N N 341 
TRP HE3  H N N 342 
TRP HZ2  H N N 343 
TRP HZ3  H N N 344 
TRP HH2  H N N 345 
TRP HXT  H N N 346 
TYR N    N N N 347 
TYR CA   C N S 348 
TYR C    C N N 349 
TYR O    O N N 350 
TYR CB   C N N 351 
TYR CG   C Y N 352 
TYR CD1  C Y N 353 
TYR CD2  C Y N 354 
TYR CE1  C Y N 355 
TYR CE2  C Y N 356 
TYR CZ   C Y N 357 
TYR OH   O N N 358 
TYR OXT  O N N 359 
TYR H    H N N 360 
TYR H2   H N N 361 
TYR HA   H N N 362 
TYR HB2  H N N 363 
TYR HB3  H N N 364 
TYR HD1  H N N 365 
TYR HD2  H N N 366 
TYR HE1  H N N 367 
TYR HE2  H N N 368 
TYR HH   H N N 369 
TYR HXT  H N N 370 
VAL N    N N N 371 
VAL CA   C N S 372 
VAL C    C N N 373 
VAL O    O N N 374 
VAL CB   C N N 375 
VAL CG1  C N N 376 
VAL CG2  C N N 377 
VAL OXT  O N N 378 
VAL H    H N N 379 
VAL H2   H N N 380 
VAL HA   H N N 381 
VAL HB   H N N 382 
VAL HG11 H N N 383 
VAL HG12 H N N 384 
VAL HG13 H N N 385 
VAL HG21 H N N 386 
VAL HG22 H N N 387 
VAL HG23 H N N 388 
VAL HXT  H N N 389 
# 
loop_
_chem_comp_bond.comp_id 
_chem_comp_bond.atom_id_1 
_chem_comp_bond.atom_id_2 
_chem_comp_bond.value_order 
_chem_comp_bond.pdbx_aromatic_flag 
_chem_comp_bond.pdbx_stereo_config 
_chem_comp_bond.pdbx_ordinal 
ACY C   O    doub N N 1   
ACY C   OXT  sing N N 2   
ACY C   CH3  sing N N 3   
ACY OXT HXT  sing N N 4   
ACY CH3 H1   sing N N 5   
ACY CH3 H2   sing N N 6   
ACY CH3 H3   sing N N 7   
ALA N   CA   sing N N 8   
ALA N   H    sing N N 9   
ALA N   H2   sing N N 10  
ALA CA  C    sing N N 11  
ALA CA  CB   sing N N 12  
ALA CA  HA   sing N N 13  
ALA C   O    doub N N 14  
ALA C   OXT  sing N N 15  
ALA CB  HB1  sing N N 16  
ALA CB  HB2  sing N N 17  
ALA CB  HB3  sing N N 18  
ALA OXT HXT  sing N N 19  
ARG N   CA   sing N N 20  
ARG N   H    sing N N 21  
ARG N   H2   sing N N 22  
ARG CA  C    sing N N 23  
ARG CA  CB   sing N N 24  
ARG CA  HA   sing N N 25  
ARG C   O    doub N N 26  
ARG C   OXT  sing N N 27  
ARG CB  CG   sing N N 28  
ARG CB  HB2  sing N N 29  
ARG CB  HB3  sing N N 30  
ARG CG  CD   sing N N 31  
ARG CG  HG2  sing N N 32  
ARG CG  HG3  sing N N 33  
ARG CD  NE   sing N N 34  
ARG CD  HD2  sing N N 35  
ARG CD  HD3  sing N N 36  
ARG NE  CZ   sing N N 37  
ARG NE  HE   sing N N 38  
ARG CZ  NH1  sing N N 39  
ARG CZ  NH2  doub N N 40  
ARG NH1 HH11 sing N N 41  
ARG NH1 HH12 sing N N 42  
ARG NH2 HH21 sing N N 43  
ARG NH2 HH22 sing N N 44  
ARG OXT HXT  sing N N 45  
ASN N   CA   sing N N 46  
ASN N   H    sing N N 47  
ASN N   H2   sing N N 48  
ASN CA  C    sing N N 49  
ASN CA  CB   sing N N 50  
ASN CA  HA   sing N N 51  
ASN C   O    doub N N 52  
ASN C   OXT  sing N N 53  
ASN CB  CG   sing N N 54  
ASN CB  HB2  sing N N 55  
ASN CB  HB3  sing N N 56  
ASN CG  OD1  doub N N 57  
ASN CG  ND2  sing N N 58  
ASN ND2 HD21 sing N N 59  
ASN ND2 HD22 sing N N 60  
ASN OXT HXT  sing N N 61  
ASP N   CA   sing N N 62  
ASP N   H    sing N N 63  
ASP N   H2   sing N N 64  
ASP CA  C    sing N N 65  
ASP CA  CB   sing N N 66  
ASP CA  HA   sing N N 67  
ASP C   O    doub N N 68  
ASP C   OXT  sing N N 69  
ASP CB  CG   sing N N 70  
ASP CB  HB2  sing N N 71  
ASP CB  HB3  sing N N 72  
ASP CG  OD1  doub N N 73  
ASP CG  OD2  sing N N 74  
ASP OD2 HD2  sing N N 75  
ASP OXT HXT  sing N N 76  
GLN N   CA   sing N N 77  
GLN N   H    sing N N 78  
GLN N   H2   sing N N 79  
GLN CA  C    sing N N 80  
GLN CA  CB   sing N N 81  
GLN CA  HA   sing N N 82  
GLN C   O    doub N N 83  
GLN C   OXT  sing N N 84  
GLN CB  CG   sing N N 85  
GLN CB  HB2  sing N N 86  
GLN CB  HB3  sing N N 87  
GLN CG  CD   sing N N 88  
GLN CG  HG2  sing N N 89  
GLN CG  HG3  sing N N 90  
GLN CD  OE1  doub N N 91  
GLN CD  NE2  sing N N 92  
GLN NE2 HE21 sing N N 93  
GLN NE2 HE22 sing N N 94  
GLN OXT HXT  sing N N 95  
GLU N   CA   sing N N 96  
GLU N   H    sing N N 97  
GLU N   H2   sing N N 98  
GLU CA  C    sing N N 99  
GLU CA  CB   sing N N 100 
GLU CA  HA   sing N N 101 
GLU C   O    doub N N 102 
GLU C   OXT  sing N N 103 
GLU CB  CG   sing N N 104 
GLU CB  HB2  sing N N 105 
GLU CB  HB3  sing N N 106 
GLU CG  CD   sing N N 107 
GLU CG  HG2  sing N N 108 
GLU CG  HG3  sing N N 109 
GLU CD  OE1  doub N N 110 
GLU CD  OE2  sing N N 111 
GLU OE2 HE2  sing N N 112 
GLU OXT HXT  sing N N 113 
GLY N   CA   sing N N 114 
GLY N   H    sing N N 115 
GLY N   H2   sing N N 116 
GLY CA  C    sing N N 117 
GLY CA  HA2  sing N N 118 
GLY CA  HA3  sing N N 119 
GLY C   O    doub N N 120 
GLY C   OXT  sing N N 121 
GLY OXT HXT  sing N N 122 
HIS N   CA   sing N N 123 
HIS N   H    sing N N 124 
HIS N   H2   sing N N 125 
HIS CA  C    sing N N 126 
HIS CA  CB   sing N N 127 
HIS CA  HA   sing N N 128 
HIS C   O    doub N N 129 
HIS C   OXT  sing N N 130 
HIS CB  CG   sing N N 131 
HIS CB  HB2  sing N N 132 
HIS CB  HB3  sing N N 133 
HIS CG  ND1  sing Y N 134 
HIS CG  CD2  doub Y N 135 
HIS ND1 CE1  doub Y N 136 
HIS ND1 HD1  sing N N 137 
HIS CD2 NE2  sing Y N 138 
HIS CD2 HD2  sing N N 139 
HIS CE1 NE2  sing Y N 140 
HIS CE1 HE1  sing N N 141 
HIS NE2 HE2  sing N N 142 
HIS OXT HXT  sing N N 143 
HOH O   H1   sing N N 144 
HOH O   H2   sing N N 145 
ILE N   CA   sing N N 146 
ILE N   H    sing N N 147 
ILE N   H2   sing N N 148 
ILE CA  C    sing N N 149 
ILE CA  CB   sing N N 150 
ILE CA  HA   sing N N 151 
ILE C   O    doub N N 152 
ILE C   OXT  sing N N 153 
ILE CB  CG1  sing N N 154 
ILE CB  CG2  sing N N 155 
ILE CB  HB   sing N N 156 
ILE CG1 CD1  sing N N 157 
ILE CG1 HG12 sing N N 158 
ILE CG1 HG13 sing N N 159 
ILE CG2 HG21 sing N N 160 
ILE CG2 HG22 sing N N 161 
ILE CG2 HG23 sing N N 162 
ILE CD1 HD11 sing N N 163 
ILE CD1 HD12 sing N N 164 
ILE CD1 HD13 sing N N 165 
ILE OXT HXT  sing N N 166 
LEU N   CA   sing N N 167 
LEU N   H    sing N N 168 
LEU N   H2   sing N N 169 
LEU CA  C    sing N N 170 
LEU CA  CB   sing N N 171 
LEU CA  HA   sing N N 172 
LEU C   O    doub N N 173 
LEU C   OXT  sing N N 174 
LEU CB  CG   sing N N 175 
LEU CB  HB2  sing N N 176 
LEU CB  HB3  sing N N 177 
LEU CG  CD1  sing N N 178 
LEU CG  CD2  sing N N 179 
LEU CG  HG   sing N N 180 
LEU CD1 HD11 sing N N 181 
LEU CD1 HD12 sing N N 182 
LEU CD1 HD13 sing N N 183 
LEU CD2 HD21 sing N N 184 
LEU CD2 HD22 sing N N 185 
LEU CD2 HD23 sing N N 186 
LEU OXT HXT  sing N N 187 
LYS N   CA   sing N N 188 
LYS N   H    sing N N 189 
LYS N   H2   sing N N 190 
LYS CA  C    sing N N 191 
LYS CA  CB   sing N N 192 
LYS CA  HA   sing N N 193 
LYS C   O    doub N N 194 
LYS C   OXT  sing N N 195 
LYS CB  CG   sing N N 196 
LYS CB  HB2  sing N N 197 
LYS CB  HB3  sing N N 198 
LYS CG  CD   sing N N 199 
LYS CG  HG2  sing N N 200 
LYS CG  HG3  sing N N 201 
LYS CD  CE   sing N N 202 
LYS CD  HD2  sing N N 203 
LYS CD  HD3  sing N N 204 
LYS CE  NZ   sing N N 205 
LYS CE  HE2  sing N N 206 
LYS CE  HE3  sing N N 207 
LYS NZ  HZ1  sing N N 208 
LYS NZ  HZ2  sing N N 209 
LYS NZ  HZ3  sing N N 210 
LYS OXT HXT  sing N N 211 
MET N   CA   sing N N 212 
MET N   H    sing N N 213 
MET N   H2   sing N N 214 
MET CA  C    sing N N 215 
MET CA  CB   sing N N 216 
MET CA  HA   sing N N 217 
MET C   O    doub N N 218 
MET C   OXT  sing N N 219 
MET CB  CG   sing N N 220 
MET CB  HB2  sing N N 221 
MET CB  HB3  sing N N 222 
MET CG  SD   sing N N 223 
MET CG  HG2  sing N N 224 
MET CG  HG3  sing N N 225 
MET SD  CE   sing N N 226 
MET CE  HE1  sing N N 227 
MET CE  HE2  sing N N 228 
MET CE  HE3  sing N N 229 
MET OXT HXT  sing N N 230 
PHE N   CA   sing N N 231 
PHE N   H    sing N N 232 
PHE N   H2   sing N N 233 
PHE CA  C    sing N N 234 
PHE CA  CB   sing N N 235 
PHE CA  HA   sing N N 236 
PHE C   O    doub N N 237 
PHE C   OXT  sing N N 238 
PHE CB  CG   sing N N 239 
PHE CB  HB2  sing N N 240 
PHE CB  HB3  sing N N 241 
PHE CG  CD1  doub Y N 242 
PHE CG  CD2  sing Y N 243 
PHE CD1 CE1  sing Y N 244 
PHE CD1 HD1  sing N N 245 
PHE CD2 CE2  doub Y N 246 
PHE CD2 HD2  sing N N 247 
PHE CE1 CZ   doub Y N 248 
PHE CE1 HE1  sing N N 249 
PHE CE2 CZ   sing Y N 250 
PHE CE2 HE2  sing N N 251 
PHE CZ  HZ   sing N N 252 
PHE OXT HXT  sing N N 253 
PO4 P   O1   doub N N 254 
PO4 P   O2   sing N N 255 
PO4 P   O3   sing N N 256 
PO4 P   O4   sing N N 257 
PRO N   CA   sing N N 258 
PRO N   CD   sing N N 259 
PRO N   H    sing N N 260 
PRO CA  C    sing N N 261 
PRO CA  CB   sing N N 262 
PRO CA  HA   sing N N 263 
PRO C   O    doub N N 264 
PRO C   OXT  sing N N 265 
PRO CB  CG   sing N N 266 
PRO CB  HB2  sing N N 267 
PRO CB  HB3  sing N N 268 
PRO CG  CD   sing N N 269 
PRO CG  HG2  sing N N 270 
PRO CG  HG3  sing N N 271 
PRO CD  HD2  sing N N 272 
PRO CD  HD3  sing N N 273 
PRO OXT HXT  sing N N 274 
SER N   CA   sing N N 275 
SER N   H    sing N N 276 
SER N   H2   sing N N 277 
SER CA  C    sing N N 278 
SER CA  CB   sing N N 279 
SER CA  HA   sing N N 280 
SER C   O    doub N N 281 
SER C   OXT  sing N N 282 
SER CB  OG   sing N N 283 
SER CB  HB2  sing N N 284 
SER CB  HB3  sing N N 285 
SER OG  HG   sing N N 286 
SER OXT HXT  sing N N 287 
THR N   CA   sing N N 288 
THR N   H    sing N N 289 
THR N   H2   sing N N 290 
THR CA  C    sing N N 291 
THR CA  CB   sing N N 292 
THR CA  HA   sing N N 293 
THR C   O    doub N N 294 
THR C   OXT  sing N N 295 
THR CB  OG1  sing N N 296 
THR CB  CG2  sing N N 297 
THR CB  HB   sing N N 298 
THR OG1 HG1  sing N N 299 
THR CG2 HG21 sing N N 300 
THR CG2 HG22 sing N N 301 
THR CG2 HG23 sing N N 302 
THR OXT HXT  sing N N 303 
TRP N   CA   sing N N 304 
TRP N   H    sing N N 305 
TRP N   H2   sing N N 306 
TRP CA  C    sing N N 307 
TRP CA  CB   sing N N 308 
TRP CA  HA   sing N N 309 
TRP C   O    doub N N 310 
TRP C   OXT  sing N N 311 
TRP CB  CG   sing N N 312 
TRP CB  HB2  sing N N 313 
TRP CB  HB3  sing N N 314 
TRP CG  CD1  doub Y N 315 
TRP CG  CD2  sing Y N 316 
TRP CD1 NE1  sing Y N 317 
TRP CD1 HD1  sing N N 318 
TRP CD2 CE2  doub Y N 319 
TRP CD2 CE3  sing Y N 320 
TRP NE1 CE2  sing Y N 321 
TRP NE1 HE1  sing N N 322 
TRP CE2 CZ2  sing Y N 323 
TRP CE3 CZ3  doub Y N 324 
TRP CE3 HE3  sing N N 325 
TRP CZ2 CH2  doub Y N 326 
TRP CZ2 HZ2  sing N N 327 
TRP CZ3 CH2  sing Y N 328 
TRP CZ3 HZ3  sing N N 329 
TRP CH2 HH2  sing N N 330 
TRP OXT HXT  sing N N 331 
TYR N   CA   sing N N 332 
TYR N   H    sing N N 333 
TYR N   H2   sing N N 334 
TYR CA  C    sing N N 335 
TYR CA  CB   sing N N 336 
TYR CA  HA   sing N N 337 
TYR C   O    doub N N 338 
TYR C   OXT  sing N N 339 
TYR CB  CG   sing N N 340 
TYR CB  HB2  sing N N 341 
TYR CB  HB3  sing N N 342 
TYR CG  CD1  doub Y N 343 
TYR CG  CD2  sing Y N 344 
TYR CD1 CE1  sing Y N 345 
TYR CD1 HD1  sing N N 346 
TYR CD2 CE2  doub Y N 347 
TYR CD2 HD2  sing N N 348 
TYR CE1 CZ   doub Y N 349 
TYR CE1 HE1  sing N N 350 
TYR CE2 CZ   sing Y N 351 
TYR CE2 HE2  sing N N 352 
TYR CZ  OH   sing N N 353 
TYR OH  HH   sing N N 354 
TYR OXT HXT  sing N N 355 
VAL N   CA   sing N N 356 
VAL N   H    sing N N 357 
VAL N   H2   sing N N 358 
VAL CA  C    sing N N 359 
VAL CA  CB   sing N N 360 
VAL CA  HA   sing N N 361 
VAL C   O    doub N N 362 
VAL C   OXT  sing N N 363 
VAL CB  CG1  sing N N 364 
VAL CB  CG2  sing N N 365 
VAL CB  HB   sing N N 366 
VAL CG1 HG11 sing N N 367 
VAL CG1 HG12 sing N N 368 
VAL CG1 HG13 sing N N 369 
VAL CG2 HG21 sing N N 370 
VAL CG2 HG22 sing N N 371 
VAL CG2 HG23 sing N N 372 
VAL OXT HXT  sing N N 373 
# 
_pdbx_audit_support.funding_organization   'European Research Council (ERC)' 
_pdbx_audit_support.country                'European Union' 
_pdbx_audit_support.grant_number           685778 
_pdbx_audit_support.ordinal                1 
# 
_pdbx_entity_instance_feature.ordinal        1 
_pdbx_entity_instance_feature.comp_id        PO4 
_pdbx_entity_instance_feature.asym_id        ? 
_pdbx_entity_instance_feature.seq_num        ? 
_pdbx_entity_instance_feature.auth_comp_id   PO4 
_pdbx_entity_instance_feature.auth_asym_id   ? 
_pdbx_entity_instance_feature.auth_seq_num   ? 
_pdbx_entity_instance_feature.feature_type   'SUBJECT OF INVESTIGATION' 
_pdbx_entity_instance_feature.details        ? 
# 
loop_
_pdbx_entity_nonpoly.entity_id 
_pdbx_entity_nonpoly.name 
_pdbx_entity_nonpoly.comp_id 
2 'ACETIC ACID'   ACY 
3 'PHOSPHATE ION' PO4 
4 water           HOH 
# 
_pdbx_struct_assembly_auth_evidence.id                     1 
_pdbx_struct_assembly_auth_evidence.assembly_id            1 
_pdbx_struct_assembly_auth_evidence.experimental_support   'gel filtration' 
_pdbx_struct_assembly_auth_evidence.details                ? 
# 
